data_5UZC
#
_entry.id   5UZC
#
_cell.length_a   128.017
_cell.length_b   119.305
_cell.length_c   97.199
_cell.angle_alpha   90.00
_cell.angle_beta   102.83
_cell.angle_gamma   90.00
#
_symmetry.space_group_name_H-M   'C 1 2 1'
#
loop_
_entity.id
_entity.type
_entity.pdbx_description
1 polymer "Inosine-5'-monophosphate dehydrogenase"
2 non-polymer 'INOSINIC ACID'
3 non-polymer N-{2-chloro-5-[({2-[3-(prop-1-en-2-yl)phenyl]propan-2-yl}carbamoyl)amino]phenyl}-beta-D-xylofuranosylamine
4 non-polymer (4S)-2-METHYL-2,4-PENTANEDIOL
5 non-polymer 'ACETIC ACID'
6 non-polymer 'FORMIC ACID'
7 non-polymer (4R)-2-METHYLPENTANE-2,4-DIOL
8 water water
#
_entity_poly.entity_id   1
_entity_poly.type   'polypeptide(L)'
_entity_poly.pdbx_seq_one_letter_code
;SNAMARILKTAYTFDDVLLVPNKSEVLPNEVSLKTQLTKKIQLNIPLMSASMDTVTESKMAIAMAREGGIGIIHKNMTIE
DQAREVDRVKRSGGLLCGASIGVTNDMMERVDAVVKAKVDVIVLDTAHGHSKGVIEGVKRIKAKYPELQVIAGNIATPEA
VRDLAEAGADCVKVGIGPGSICTTRIVAGVGVPQLTAVMDCAEEGKKLGIPVIADGGLKYSGDIVKALAAGACAAMMGSI
FAGCEEAPGAIEIYQGRSYKVYRGMGSLGAMAKGSSDRYFQNGTKKFVPEGVEGRIAYKGHLADTIYQLIGGIKSGMGYL
GAPTLENLYENANFVVQTSAGFRESHPHDINITKEAPNYSVNQ
;
_entity_poly.pdbx_strand_id   A,B,C,D
#
loop_
_chem_comp.id
_chem_comp.type
_chem_comp.name
_chem_comp.formula
8N1 non-polymer N-{2-chloro-5-[({2-[3-(prop-1-en-2-yl)phenyl]propan-2-yl}carbamoyl)amino]phenyl}-beta-D-xylofuranosylamine 'C24 H30 Cl N3 O5'
ACY non-polymer 'ACETIC ACID' 'C2 H4 O2'
FMT non-polymer 'FORMIC ACID' 'C H2 O2'
IMP non-polymer 'INOSINIC ACID' 'C10 H13 N4 O8 P'
MPD non-polymer (4S)-2-METHYL-2,4-PENTANEDIOL 'C6 H14 O2'
MRD non-polymer (4R)-2-METHYLPENTANE-2,4-DIOL 'C6 H14 O2'
#
# COMPACT_ATOMS: atom_id res chain seq x y z
N ALA A 5 -11.40 -17.91 -16.80
CA ALA A 5 -10.75 -16.70 -16.31
C ALA A 5 -10.11 -16.92 -14.94
N ARG A 6 -8.79 -16.74 -14.85
CA ARG A 6 -8.08 -16.94 -13.59
C ARG A 6 -6.90 -15.99 -13.34
N ILE A 7 -6.58 -15.81 -12.06
CA ILE A 7 -5.49 -14.97 -11.60
C ILE A 7 -4.25 -15.84 -11.63
N LEU A 8 -3.20 -15.41 -12.34
CA LEU A 8 -2.03 -16.27 -12.49
C LEU A 8 -1.10 -16.14 -11.30
N LYS A 9 -0.78 -14.91 -10.92
CA LYS A 9 0.24 -14.64 -9.93
C LYS A 9 0.22 -13.15 -9.67
N THR A 10 1.01 -12.73 -8.71
CA THR A 10 1.36 -11.33 -8.54
C THR A 10 2.50 -10.99 -9.48
N ALA A 11 2.39 -9.87 -10.17
CA ALA A 11 3.44 -9.38 -11.06
C ALA A 11 3.97 -8.06 -10.52
N TYR A 12 5.27 -7.83 -10.71
CA TYR A 12 6.02 -6.76 -10.04
C TYR A 12 6.56 -5.75 -11.03
N THR A 13 6.62 -4.49 -10.58
CA THR A 13 7.34 -3.47 -11.33
C THR A 13 8.66 -3.18 -10.59
N PHE A 14 9.46 -2.29 -11.17
CA PHE A 14 10.81 -2.00 -10.63
C PHE A 14 10.76 -1.62 -9.18
N ASP A 15 9.82 -0.73 -8.82
CA ASP A 15 9.76 -0.28 -7.42
C ASP A 15 9.38 -1.41 -6.46
N ASP A 16 8.85 -2.55 -6.96
CA ASP A 16 8.53 -3.63 -6.05
C ASP A 16 9.73 -4.45 -5.57
N VAL A 17 10.92 -4.33 -6.19
CA VAL A 17 12.00 -5.28 -5.92
C VAL A 17 13.32 -4.53 -5.71
N LEU A 18 14.28 -5.23 -5.13
CA LEU A 18 15.63 -4.74 -4.90
C LEU A 18 16.57 -5.88 -5.23
N LEU A 19 17.79 -5.56 -5.67
CA LEU A 19 18.80 -6.59 -5.90
C LEU A 19 19.64 -6.80 -4.64
N VAL A 20 19.90 -8.06 -4.32
CA VAL A 20 20.69 -8.39 -3.12
C VAL A 20 22.17 -8.22 -3.47
N PRO A 21 22.97 -7.52 -2.66
CA PRO A 21 24.43 -7.46 -2.92
C PRO A 21 25.08 -8.84 -2.98
N ASN A 22 26.07 -8.98 -3.86
CA ASN A 22 26.88 -10.18 -3.98
C ASN A 22 28.29 -9.94 -3.49
N LYS A 23 29.03 -11.03 -3.27
CA LYS A 23 30.45 -10.87 -3.09
C LYS A 23 31.04 -10.24 -4.37
N SER A 24 31.91 -9.24 -4.19
CA SER A 24 32.40 -8.52 -5.36
C SER A 24 33.91 -8.41 -5.33
N GLU A 25 34.53 -8.76 -6.45
CA GLU A 25 35.94 -8.55 -6.71
C GLU A 25 36.16 -7.56 -7.86
N VAL A 26 35.12 -6.81 -8.24
CA VAL A 26 35.22 -5.84 -9.33
C VAL A 26 34.75 -4.49 -8.82
N LEU A 27 35.52 -3.48 -9.10
CA LEU A 27 35.14 -2.11 -8.78
C LEU A 27 34.21 -1.57 -9.86
N PRO A 28 33.37 -0.59 -9.52
CA PRO A 28 32.49 -0.01 -10.54
C PRO A 28 33.24 0.47 -11.78
N ASN A 29 34.45 1.00 -11.63
CA ASN A 29 35.19 1.46 -12.81
C ASN A 29 35.76 0.32 -13.67
N GLU A 30 35.72 -0.93 -13.22
CA GLU A 30 36.29 -2.06 -13.95
C GLU A 30 35.26 -2.86 -14.75
N VAL A 31 34.02 -2.45 -14.78
CA VAL A 31 32.97 -3.27 -15.38
C VAL A 31 32.75 -2.86 -16.82
N SER A 32 32.17 -3.78 -17.60
CA SER A 32 31.95 -3.54 -19.02
C SER A 32 30.46 -3.49 -19.27
N LEU A 33 29.99 -2.43 -19.93
CA LEU A 33 28.59 -2.25 -20.25
C LEU A 33 28.22 -2.70 -21.67
N LYS A 34 29.12 -3.40 -22.36
CA LYS A 34 28.84 -3.79 -23.74
C LYS A 34 27.69 -4.79 -23.78
N THR A 35 26.90 -4.74 -24.85
CA THR A 35 25.73 -5.63 -24.94
C THR A 35 25.40 -5.92 -26.41
N GLN A 36 24.73 -7.05 -26.64
CA GLN A 36 24.29 -7.41 -27.98
C GLN A 36 22.82 -7.04 -28.09
N LEU A 37 22.52 -6.01 -28.89
CA LEU A 37 21.16 -5.56 -29.22
C LEU A 37 20.54 -6.68 -30.06
N THR A 38 21.28 -7.12 -31.07
CA THR A 38 21.03 -8.36 -31.79
C THR A 38 22.35 -9.11 -31.89
N LYS A 39 22.28 -10.31 -32.50
CA LYS A 39 23.51 -11.05 -32.73
C LYS A 39 24.50 -10.22 -33.56
N LYS A 40 23.99 -9.35 -34.44
CA LYS A 40 24.85 -8.58 -35.34
C LYS A 40 25.19 -7.18 -34.83
N ILE A 41 24.52 -6.67 -33.82
CA ILE A 41 24.67 -5.27 -33.41
C ILE A 41 25.10 -5.23 -31.95
N GLN A 42 26.29 -4.71 -31.71
CA GLN A 42 26.78 -4.49 -30.35
C GLN A 42 26.60 -3.02 -29.96
N LEU A 43 26.14 -2.76 -28.73
CA LEU A 43 26.17 -1.42 -28.16
C LEU A 43 27.26 -1.34 -27.09
N ASN A 44 27.94 -0.19 -27.03
CA ASN A 44 28.89 0.03 -25.94
C ASN A 44 28.20 0.30 -24.60
N ILE A 45 26.99 0.84 -24.61
CA ILE A 45 26.20 1.00 -23.36
C ILE A 45 24.77 0.55 -23.65
N PRO A 46 24.10 -0.04 -22.68
CA PRO A 46 22.83 -0.73 -22.94
C PRO A 46 21.60 0.18 -22.91
N LEU A 47 21.68 1.33 -23.58
CA LEU A 47 20.66 2.37 -23.49
C LEU A 47 20.17 2.76 -24.88
N MET A 48 18.85 2.93 -25.01
CA MET A 48 18.22 3.35 -26.26
C MET A 48 17.23 4.49 -25.98
N SER A 49 17.10 5.41 -26.94
CA SER A 49 16.08 6.46 -26.82
C SER A 49 14.83 6.07 -27.61
N ALA A 50 13.67 6.41 -27.06
CA ALA A 50 12.40 5.95 -27.57
C ALA A 50 12.10 6.53 -28.96
N SER A 51 11.36 5.77 -29.76
N SER A 51 11.33 5.77 -29.72
CA SER A 51 10.98 6.24 -31.09
CA SER A 51 10.89 6.16 -31.06
C SER A 51 9.69 7.05 -31.00
C SER A 51 9.64 7.03 -30.94
N MET A 52 9.85 8.25 -30.46
CA MET A 52 8.73 9.15 -30.19
C MET A 52 9.04 10.51 -30.77
N ASP A 53 7.99 11.20 -31.23
CA ASP A 53 8.21 12.48 -31.87
C ASP A 53 8.54 13.59 -30.88
N THR A 54 8.55 13.30 -29.57
CA THR A 54 9.13 14.24 -28.61
C THR A 54 10.40 13.70 -27.98
N VAL A 55 10.99 12.62 -28.52
CA VAL A 55 12.23 12.06 -27.98
C VAL A 55 13.35 11.93 -29.02
N THR A 56 13.12 11.23 -30.15
CA THR A 56 14.23 10.87 -31.04
C THR A 56 14.05 11.31 -32.48
N GLU A 57 14.83 12.31 -32.90
CA GLU A 57 15.08 12.54 -34.32
C GLU A 57 16.60 12.44 -34.53
N SER A 58 17.14 12.93 -35.66
CA SER A 58 18.58 12.67 -35.88
C SER A 58 19.47 13.29 -34.79
N LYS A 59 19.09 14.43 -34.24
CA LYS A 59 19.96 15.09 -33.27
C LYS A 59 20.17 14.20 -32.04
N MET A 60 19.08 13.63 -31.52
CA MET A 60 19.15 12.71 -30.39
C MET A 60 19.83 11.41 -30.78
N ALA A 61 19.49 10.85 -31.96
CA ALA A 61 20.13 9.59 -32.37
C ALA A 61 21.65 9.74 -32.53
N ILE A 62 22.11 10.84 -33.11
CA ILE A 62 23.56 11.05 -33.21
C ILE A 62 24.17 11.11 -31.81
N ALA A 63 23.57 11.88 -30.90
CA ALA A 63 24.13 12.00 -29.56
C ALA A 63 24.11 10.66 -28.81
N MET A 64 23.00 9.92 -28.93
CA MET A 64 22.90 8.61 -28.30
C MET A 64 23.99 7.67 -28.81
N ALA A 65 24.20 7.65 -30.13
CA ALA A 65 25.21 6.76 -30.70
C ALA A 65 26.61 7.16 -30.25
N ARG A 66 26.86 8.45 -30.15
CA ARG A 66 28.20 8.87 -29.75
C ARG A 66 28.47 8.53 -28.30
N GLU A 67 27.41 8.36 -27.50
CA GLU A 67 27.58 7.94 -26.12
C GLU A 67 27.71 6.44 -25.99
N GLY A 68 27.53 5.71 -27.09
CA GLY A 68 27.63 4.27 -27.06
C GLY A 68 26.31 3.53 -27.11
N GLY A 69 25.18 4.23 -27.20
CA GLY A 69 23.89 3.57 -27.25
C GLY A 69 23.29 3.70 -28.64
N ILE A 70 21.99 3.91 -28.74
CA ILE A 70 21.34 4.00 -30.05
C ILE A 70 20.02 4.74 -29.90
N GLY A 71 19.65 5.50 -30.93
CA GLY A 71 18.33 6.10 -31.02
C GLY A 71 17.53 5.44 -32.14
N ILE A 72 16.22 5.38 -31.94
CA ILE A 72 15.25 4.89 -32.93
C ILE A 72 14.47 6.09 -33.46
N ILE A 73 14.69 6.44 -34.73
CA ILE A 73 13.98 7.55 -35.36
C ILE A 73 12.50 7.23 -35.50
N HIS A 74 11.65 8.14 -35.01
CA HIS A 74 10.22 7.89 -34.99
C HIS A 74 9.65 8.01 -36.42
N LYS A 75 8.46 7.45 -36.59
CA LYS A 75 7.80 7.40 -37.89
C LYS A 75 6.67 8.41 -38.11
N ASN A 76 6.54 9.38 -37.21
CA ASN A 76 5.52 10.39 -37.36
C ASN A 76 6.02 11.48 -38.30
N MET A 77 6.39 11.06 -39.50
CA MET A 77 6.89 11.94 -40.53
C MET A 77 6.84 11.21 -41.86
N THR A 78 6.96 11.92 -42.96
CA THR A 78 6.92 11.25 -44.25
C THR A 78 8.03 10.19 -44.34
N ILE A 79 7.82 9.24 -45.25
CA ILE A 79 8.86 8.24 -45.53
C ILE A 79 10.16 8.95 -45.95
N GLU A 80 10.05 9.96 -46.79
N GLU A 80 10.04 9.96 -46.81
CA GLU A 80 11.24 10.68 -47.26
CA GLU A 80 11.20 10.72 -47.27
C GLU A 80 11.95 11.39 -46.10
C GLU A 80 11.93 11.38 -46.10
N ASP A 81 11.18 12.00 -45.19
CA ASP A 81 11.81 12.67 -44.03
C ASP A 81 12.50 11.69 -43.11
N GLN A 82 11.90 10.52 -42.88
CA GLN A 82 12.53 9.55 -41.97
C GLN A 82 13.82 9.02 -42.57
N ALA A 83 13.82 8.77 -43.87
CA ALA A 83 15.04 8.37 -44.56
C ALA A 83 16.14 9.42 -44.44
N ARG A 84 15.80 10.70 -44.69
CA ARG A 84 16.80 11.76 -44.53
C ARG A 84 17.36 11.79 -43.11
N GLU A 85 16.49 11.56 -42.11
CA GLU A 85 16.94 11.58 -40.71
C GLU A 85 17.95 10.47 -40.44
N VAL A 86 17.59 9.24 -40.78
CA VAL A 86 18.50 8.09 -40.70
C VAL A 86 19.80 8.41 -41.42
N ASP A 87 19.67 8.98 -42.61
CA ASP A 87 20.84 9.26 -43.42
C ASP A 87 21.78 10.24 -42.72
N ARG A 88 21.23 11.28 -42.09
CA ARG A 88 22.06 12.19 -41.31
C ARG A 88 22.87 11.45 -40.25
N VAL A 89 22.26 10.49 -39.56
CA VAL A 89 22.98 9.78 -38.50
C VAL A 89 24.10 8.92 -39.09
N LYS A 90 23.80 8.15 -40.13
CA LYS A 90 24.80 7.29 -40.75
C LYS A 90 25.96 8.07 -41.34
N ARG A 91 25.71 9.27 -41.91
CA ARG A 91 26.81 10.04 -42.49
C ARG A 91 27.65 10.74 -41.44
N SER A 92 27.20 10.80 -40.21
CA SER A 92 27.93 11.45 -39.13
C SER A 92 28.97 10.53 -38.49
N GLY A 93 29.44 9.51 -39.22
CA GLY A 93 30.54 8.69 -38.75
C GLY A 93 30.22 7.22 -38.64
N GLY A 94 29.30 6.73 -39.47
CA GLY A 94 28.87 5.34 -39.36
C GLY A 94 28.24 4.98 -38.03
N LEU A 95 27.70 5.98 -37.33
CA LEU A 95 26.98 5.76 -36.08
C LEU A 95 25.82 4.79 -36.30
N LEU A 96 25.50 3.98 -35.28
CA LEU A 96 24.34 3.12 -35.36
C LEU A 96 23.07 3.96 -35.37
N CYS A 97 22.06 3.49 -36.11
CA CYS A 97 20.78 4.19 -36.15
C CYS A 97 19.68 3.17 -36.33
N GLY A 98 18.55 3.41 -35.65
CA GLY A 98 17.34 2.62 -35.85
C GLY A 98 16.21 3.49 -36.41
N ALA A 99 15.15 2.83 -36.90
CA ALA A 99 13.99 3.50 -37.48
C ALA A 99 12.72 2.69 -37.17
N SER A 100 11.65 3.35 -36.73
CA SER A 100 10.39 2.65 -36.53
C SER A 100 9.59 2.48 -37.81
N ILE A 101 8.82 1.38 -37.83
CA ILE A 101 7.98 1.00 -38.95
C ILE A 101 6.63 0.56 -38.36
N GLY A 102 5.53 0.92 -38.99
CA GLY A 102 4.24 0.46 -38.55
C GLY A 102 3.66 -0.64 -39.43
N VAL A 103 2.53 -1.19 -38.97
CA VAL A 103 1.73 -2.14 -39.74
C VAL A 103 0.80 -1.28 -40.57
N THR A 104 1.28 -0.90 -41.76
CA THR A 104 0.59 0.06 -42.61
C THR A 104 0.59 -0.46 -44.03
N ASN A 105 -0.24 0.17 -44.87
CA ASN A 105 -0.22 -0.15 -46.29
C ASN A 105 1.13 0.19 -46.93
N ASP A 106 1.78 1.26 -46.50
CA ASP A 106 3.05 1.62 -47.12
C ASP A 106 4.24 1.04 -46.37
N MET A 107 4.02 0.02 -45.52
CA MET A 107 5.07 -0.48 -44.64
C MET A 107 6.35 -0.79 -45.42
N MET A 108 6.25 -1.56 -46.51
CA MET A 108 7.46 -1.98 -47.20
C MET A 108 8.17 -0.82 -47.87
N GLU A 109 7.43 0.16 -48.36
CA GLU A 109 8.08 1.29 -49.00
C GLU A 109 8.80 2.13 -47.97
N ARG A 110 8.25 2.23 -46.75
CA ARG A 110 8.99 2.89 -45.69
C ARG A 110 10.26 2.11 -45.33
N VAL A 111 10.17 0.78 -45.25
CA VAL A 111 11.36 -0.05 -45.00
C VAL A 111 12.39 0.13 -46.12
N ASP A 112 11.94 0.09 -47.37
CA ASP A 112 12.84 0.31 -48.51
C ASP A 112 13.63 1.61 -48.35
N ALA A 113 12.96 2.68 -47.93
CA ALA A 113 13.63 3.96 -47.92
C ALA A 113 14.67 4.05 -46.80
N VAL A 114 14.36 3.50 -45.62
CA VAL A 114 15.34 3.58 -44.54
C VAL A 114 16.47 2.57 -44.75
N VAL A 115 16.20 1.47 -45.47
CA VAL A 115 17.26 0.53 -45.85
C VAL A 115 18.25 1.21 -46.79
N LYS A 116 17.74 2.00 -47.74
CA LYS A 116 18.62 2.73 -48.65
C LYS A 116 19.40 3.81 -47.92
N ALA A 117 18.87 4.35 -46.84
CA ALA A 117 19.62 5.27 -45.99
C ALA A 117 20.61 4.55 -45.08
N LYS A 118 20.64 3.21 -45.15
CA LYS A 118 21.56 2.34 -44.42
C LYS A 118 21.26 2.31 -42.92
N VAL A 119 19.96 2.25 -42.59
CA VAL A 119 19.57 2.02 -41.21
C VAL A 119 20.18 0.70 -40.73
N ASP A 120 20.55 0.66 -39.46
CA ASP A 120 21.10 -0.59 -38.93
C ASP A 120 20.03 -1.54 -38.45
N VAL A 121 18.91 -1.01 -37.97
CA VAL A 121 17.87 -1.83 -37.36
C VAL A 121 16.54 -1.12 -37.54
N ILE A 122 15.50 -1.88 -37.85
CA ILE A 122 14.15 -1.33 -37.87
C ILE A 122 13.41 -1.91 -36.68
N VAL A 123 12.45 -1.14 -36.20
CA VAL A 123 11.64 -1.60 -35.11
C VAL A 123 10.21 -1.66 -35.65
N LEU A 124 9.62 -2.84 -35.67
CA LEU A 124 8.25 -2.94 -36.13
C LEU A 124 7.57 -2.61 -34.84
N ASP A 125 7.17 -1.36 -34.74
CA ASP A 125 6.62 -0.72 -33.57
C ASP A 125 5.11 -0.64 -33.54
N THR A 126 4.50 -1.31 -32.57
CA THR A 126 3.06 -1.31 -32.43
C THR A 126 2.62 -1.45 -30.99
N ALA A 127 1.37 -1.09 -30.75
CA ALA A 127 0.78 -1.19 -29.44
C ALA A 127 0.70 -2.63 -28.98
N HIS A 128 0.48 -3.54 -29.92
CA HIS A 128 0.30 -4.95 -29.59
C HIS A 128 1.12 -5.78 -30.55
N GLY A 129 2.35 -6.08 -30.16
CA GLY A 129 3.25 -6.81 -31.03
C GLY A 129 2.86 -8.26 -31.21
N HIS A 130 2.14 -8.84 -30.25
CA HIS A 130 1.73 -10.25 -30.36
C HIS A 130 0.47 -10.35 -31.22
N SER A 131 0.61 -10.00 -32.49
CA SER A 131 -0.55 -9.93 -33.37
C SER A 131 -0.19 -10.47 -34.75
N LYS A 132 -1.24 -10.85 -35.50
CA LYS A 132 -1.02 -11.39 -36.83
C LYS A 132 -0.37 -10.37 -37.75
N GLY A 133 -0.74 -9.10 -37.60
CA GLY A 133 -0.14 -8.07 -38.46
C GLY A 133 1.36 -7.93 -38.25
N VAL A 134 1.80 -7.94 -36.99
CA VAL A 134 3.23 -7.84 -36.71
C VAL A 134 3.96 -9.12 -37.14
N ILE A 135 3.39 -10.29 -36.81
CA ILE A 135 4.01 -11.55 -37.22
C ILE A 135 4.18 -11.62 -38.75
N GLU A 136 3.15 -11.24 -39.49
CA GLU A 136 3.23 -11.28 -40.95
C GLU A 136 4.12 -10.15 -41.47
N GLY A 137 4.11 -9.00 -40.80
CA GLY A 137 5.01 -7.92 -41.17
C GLY A 137 6.47 -8.34 -41.06
N VAL A 138 6.83 -8.99 -39.95
CA VAL A 138 8.21 -9.44 -39.78
C VAL A 138 8.57 -10.47 -40.85
N LYS A 139 7.66 -11.42 -41.10
CA LYS A 139 7.95 -12.44 -42.10
C LYS A 139 8.18 -11.82 -43.47
N ARG A 140 7.42 -10.77 -43.79
CA ARG A 140 7.54 -10.14 -45.10
C ARG A 140 8.84 -9.35 -45.21
N ILE A 141 9.20 -8.62 -44.15
CA ILE A 141 10.45 -7.84 -44.15
C ILE A 141 11.67 -8.76 -44.26
N LYS A 142 11.69 -9.83 -43.46
CA LYS A 142 12.80 -10.78 -43.53
C LYS A 142 12.83 -11.55 -44.85
N ALA A 143 11.69 -11.72 -45.50
CA ALA A 143 11.70 -12.35 -46.82
C ALA A 143 12.39 -11.47 -47.86
N LYS A 144 12.08 -10.17 -47.86
CA LYS A 144 12.73 -9.29 -48.81
C LYS A 144 14.16 -8.95 -48.39
N TYR A 145 14.40 -8.75 -47.09
CA TYR A 145 15.70 -8.30 -46.56
C TYR A 145 16.17 -9.28 -45.49
N PRO A 146 16.72 -10.43 -45.87
CA PRO A 146 16.99 -11.47 -44.86
C PRO A 146 17.99 -11.05 -43.78
N GLU A 147 18.93 -10.16 -44.11
CA GLU A 147 19.96 -9.72 -43.18
C GLU A 147 19.61 -8.44 -42.45
N LEU A 148 18.51 -7.79 -42.80
CA LEU A 148 18.12 -6.58 -42.09
C LEU A 148 17.75 -6.94 -40.65
N GLN A 149 18.33 -6.24 -39.68
CA GLN A 149 18.02 -6.55 -38.28
C GLN A 149 16.67 -5.96 -37.92
N VAL A 150 15.83 -6.77 -37.26
CA VAL A 150 14.45 -6.41 -36.99
C VAL A 150 14.16 -6.63 -35.51
N ILE A 151 13.78 -5.55 -34.83
CA ILE A 151 13.18 -5.59 -33.50
C ILE A 151 11.66 -5.53 -33.68
N ALA A 152 10.93 -6.34 -32.95
CA ALA A 152 9.46 -6.29 -33.04
C ALA A 152 8.89 -6.10 -31.66
N GLY A 153 7.78 -5.36 -31.57
CA GLY A 153 7.21 -5.07 -30.26
C GLY A 153 5.91 -4.30 -30.42
N ASN A 154 5.29 -3.94 -29.29
CA ASN A 154 5.68 -4.36 -27.93
C ASN A 154 4.91 -5.55 -27.40
N ILE A 155 5.53 -6.29 -26.46
CA ILE A 155 4.97 -7.54 -25.96
C ILE A 155 5.14 -7.63 -24.45
N ALA A 156 4.48 -8.61 -23.87
CA ALA A 156 4.65 -8.78 -22.43
C ALA A 156 4.65 -10.23 -21.99
N THR A 157 4.73 -11.22 -22.91
CA THR A 157 4.59 -12.61 -22.49
C THR A 157 5.64 -13.46 -23.16
N PRO A 158 6.01 -14.59 -22.53
CA PRO A 158 6.87 -15.58 -23.21
C PRO A 158 6.31 -16.10 -24.52
N GLU A 159 4.99 -16.34 -24.61
CA GLU A 159 4.43 -16.78 -25.88
C GLU A 159 4.70 -15.77 -26.99
N ALA A 160 4.57 -14.47 -26.68
CA ALA A 160 4.88 -13.46 -27.70
C ALA A 160 6.33 -13.54 -28.14
N VAL A 161 7.25 -13.80 -27.21
CA VAL A 161 8.65 -13.96 -27.60
C VAL A 161 8.79 -15.11 -28.59
N ARG A 162 8.18 -16.26 -28.27
CA ARG A 162 8.28 -17.43 -29.14
C ARG A 162 7.72 -17.12 -30.52
N ASP A 163 6.52 -16.54 -30.58
CA ASP A 163 5.87 -16.34 -31.88
C ASP A 163 6.64 -15.34 -32.74
N LEU A 164 7.15 -14.29 -32.11
CA LEU A 164 7.94 -13.28 -32.80
C LEU A 164 9.29 -13.84 -33.28
N ALA A 165 9.95 -14.63 -32.43
CA ALA A 165 11.19 -15.26 -32.87
C ALA A 165 10.95 -16.20 -34.04
N GLU A 166 9.85 -16.96 -33.98
CA GLU A 166 9.53 -17.82 -35.11
C GLU A 166 9.27 -17.02 -36.39
N ALA A 167 8.67 -15.82 -36.26
CA ALA A 167 8.46 -14.96 -37.42
C ALA A 167 9.77 -14.47 -38.03
N GLY A 168 10.85 -14.46 -37.24
CA GLY A 168 12.14 -14.02 -37.74
C GLY A 168 12.70 -12.77 -37.07
N ALA A 169 12.06 -12.31 -36.00
CA ALA A 169 12.56 -11.15 -35.28
C ALA A 169 13.97 -11.43 -34.75
N ASP A 170 14.83 -10.41 -34.76
CA ASP A 170 16.18 -10.57 -34.21
C ASP A 170 16.25 -10.11 -32.77
N CYS A 171 15.20 -9.45 -32.29
CA CYS A 171 15.12 -8.90 -30.94
C CYS A 171 13.66 -8.52 -30.70
N VAL A 172 13.21 -8.58 -29.46
CA VAL A 172 11.82 -8.24 -29.18
C VAL A 172 11.79 -7.22 -28.06
N LYS A 173 10.77 -6.38 -28.08
CA LYS A 173 10.72 -5.24 -27.19
C LYS A 173 9.54 -5.42 -26.23
N VAL A 174 9.83 -5.37 -24.93
CA VAL A 174 8.89 -5.69 -23.87
C VAL A 174 8.39 -4.39 -23.24
N GLY A 175 7.06 -4.23 -23.16
CA GLY A 175 6.45 -3.16 -22.39
C GLY A 175 5.03 -2.92 -22.85
N ILE A 176 4.03 -3.39 -22.09
CA ILE A 176 2.61 -3.08 -22.37
C ILE A 176 2.12 -2.29 -21.17
N GLY A 177 1.98 -0.97 -21.32
CA GLY A 177 1.47 -0.11 -20.27
C GLY A 177 2.39 0.52 -19.22
N PRO A 178 3.71 0.31 -19.22
CA PRO A 178 4.54 0.95 -18.17
C PRO A 178 4.90 2.41 -18.44
N GLY A 179 4.69 2.89 -19.64
CA GLY A 179 5.10 4.22 -20.00
C GLY A 179 4.55 5.33 -19.14
N SER A 180 5.39 6.31 -18.88
CA SER A 180 5.01 7.44 -18.05
C SER A 180 3.83 8.16 -18.65
N ILE A 181 3.80 8.23 -19.97
CA ILE A 181 2.72 8.91 -20.68
C ILE A 181 1.62 7.99 -21.18
N CYS A 182 1.70 6.72 -20.82
CA CYS A 182 0.77 5.71 -21.27
C CYS A 182 -0.50 5.46 -20.43
N THR A 183 -1.63 5.32 -21.11
CA THR A 183 -2.88 4.99 -20.41
C THR A 183 -3.46 3.65 -20.81
N THR A 184 -2.71 2.85 -21.57
CA THR A 184 -3.20 1.55 -22.04
C THR A 184 -3.84 0.71 -20.94
N ARG A 185 -3.14 0.55 -19.79
CA ARG A 185 -3.71 -0.31 -18.77
C ARG A 185 -4.99 0.25 -18.18
N ILE A 186 -5.19 1.57 -18.24
CA ILE A 186 -6.35 2.18 -17.63
C ILE A 186 -7.54 2.14 -18.55
N VAL A 187 -7.30 2.40 -19.85
CA VAL A 187 -8.41 2.49 -20.80
C VAL A 187 -8.79 1.14 -21.39
N ALA A 188 -7.83 0.22 -21.49
CA ALA A 188 -8.06 -1.10 -22.06
C ALA A 188 -8.01 -2.20 -21.01
N GLY A 189 -7.45 -1.92 -19.82
CA GLY A 189 -7.38 -2.89 -18.71
C GLY A 189 -6.28 -3.91 -18.82
N VAL A 190 -5.35 -3.72 -19.76
CA VAL A 190 -4.41 -4.75 -20.19
C VAL A 190 -2.98 -4.29 -19.89
N GLY A 191 -2.14 -5.21 -19.43
CA GLY A 191 -0.71 -4.95 -19.33
C GLY A 191 -0.11 -5.92 -18.33
N VAL A 192 1.21 -5.86 -18.21
CA VAL A 192 1.92 -6.67 -17.22
C VAL A 192 2.94 -5.76 -16.54
N PRO A 193 2.92 -5.65 -15.22
CA PRO A 193 3.96 -4.86 -14.52
C PRO A 193 5.34 -5.21 -15.03
N GLN A 194 6.16 -4.18 -15.26
CA GLN A 194 7.27 -4.28 -16.20
C GLN A 194 8.40 -5.17 -15.69
N LEU A 195 8.68 -5.21 -14.39
CA LEU A 195 9.81 -6.04 -13.99
C LEU A 195 9.51 -7.51 -14.27
N THR A 196 8.32 -7.98 -13.88
CA THR A 196 7.92 -9.36 -14.19
C THR A 196 7.86 -9.58 -15.70
N ALA A 197 7.34 -8.60 -16.45
CA ALA A 197 7.29 -8.79 -17.90
C ALA A 197 8.68 -9.02 -18.47
N VAL A 198 9.64 -8.15 -18.09
CA VAL A 198 11.00 -8.31 -18.60
C VAL A 198 11.60 -9.63 -18.13
N MET A 199 11.42 -9.98 -16.85
CA MET A 199 12.03 -11.22 -16.37
C MET A 199 11.45 -12.43 -17.10
N ASP A 200 10.14 -12.48 -17.28
CA ASP A 200 9.54 -13.63 -17.95
C ASP A 200 9.96 -13.70 -19.41
N CYS A 201 9.88 -12.57 -20.11
CA CYS A 201 10.20 -12.55 -21.54
C CYS A 201 11.70 -12.78 -21.78
N ALA A 202 12.56 -12.17 -20.95
CA ALA A 202 13.99 -12.32 -21.18
C ALA A 202 14.42 -13.77 -20.92
N GLU A 203 13.83 -14.42 -19.92
CA GLU A 203 14.14 -15.83 -19.70
C GLU A 203 13.74 -16.65 -20.93
N GLU A 204 12.58 -16.34 -21.52
CA GLU A 204 12.17 -17.05 -22.73
C GLU A 204 13.11 -16.73 -23.89
N GLY A 205 13.46 -15.46 -24.05
CA GLY A 205 14.43 -15.10 -25.08
C GLY A 205 15.78 -15.78 -24.93
N LYS A 206 16.27 -15.94 -23.68
CA LYS A 206 17.57 -16.60 -23.52
C LYS A 206 17.53 -18.03 -24.02
N LYS A 207 16.42 -18.74 -23.80
CA LYS A 207 16.33 -20.12 -24.28
C LYS A 207 16.39 -20.19 -25.80
N LEU A 208 15.83 -19.20 -26.47
CA LEU A 208 15.77 -19.18 -27.92
C LEU A 208 16.90 -18.42 -28.58
N GLY A 209 17.77 -17.76 -27.80
CA GLY A 209 18.81 -16.94 -28.37
C GLY A 209 18.33 -15.62 -28.96
N ILE A 210 17.22 -15.08 -28.49
N ILE A 210 17.24 -15.08 -28.46
CA ILE A 210 16.75 -13.80 -28.98
CA ILE A 210 16.68 -13.81 -28.94
C ILE A 210 16.79 -12.81 -27.82
C ILE A 210 16.79 -12.81 -27.80
N PRO A 211 17.50 -11.69 -27.96
CA PRO A 211 17.55 -10.68 -26.88
C PRO A 211 16.21 -9.99 -26.75
N VAL A 212 16.01 -9.32 -25.59
CA VAL A 212 14.77 -8.56 -25.34
C VAL A 212 15.11 -7.18 -24.77
N ILE A 213 14.33 -6.18 -25.19
CA ILE A 213 14.54 -4.81 -24.71
C ILE A 213 13.52 -4.49 -23.61
N ALA A 214 13.98 -3.85 -22.54
CA ALA A 214 13.09 -3.38 -21.47
C ALA A 214 12.66 -1.95 -21.78
N ASP A 215 11.42 -1.77 -22.26
CA ASP A 215 10.98 -0.50 -22.84
C ASP A 215 9.89 0.12 -21.98
N GLY A 216 10.22 1.18 -21.25
CA GLY A 216 9.18 1.95 -20.60
C GLY A 216 9.18 1.80 -19.08
N GLY A 217 8.72 2.84 -18.39
CA GLY A 217 8.54 2.76 -16.94
C GLY A 217 9.81 2.99 -16.13
N LEU A 218 10.91 3.36 -16.77
CA LEU A 218 12.17 3.62 -16.07
C LEU A 218 12.26 5.07 -15.62
N LYS A 219 12.60 5.28 -14.35
CA LYS A 219 12.64 6.61 -13.77
C LYS A 219 14.02 6.98 -13.24
N TYR A 220 14.73 6.02 -12.62
CA TYR A 220 16.01 6.24 -11.98
C TYR A 220 17.00 5.24 -12.55
N SER A 221 18.30 5.55 -12.38
CA SER A 221 19.32 4.64 -12.89
C SER A 221 19.20 3.25 -12.27
N GLY A 222 18.81 3.16 -10.99
CA GLY A 222 18.65 1.83 -10.40
C GLY A 222 17.55 1.02 -11.05
N ASP A 223 16.57 1.68 -11.66
CA ASP A 223 15.55 0.90 -12.40
C ASP A 223 16.19 0.19 -13.58
N ILE A 224 17.17 0.84 -14.23
CA ILE A 224 17.82 0.19 -15.36
C ILE A 224 18.62 -1.02 -14.87
N VAL A 225 19.33 -0.89 -13.74
CA VAL A 225 20.09 -2.03 -13.23
C VAL A 225 19.15 -3.24 -13.06
N LYS A 226 17.97 -2.99 -12.51
CA LYS A 226 17.01 -4.07 -12.28
C LYS A 226 16.56 -4.67 -13.62
N ALA A 227 16.31 -3.82 -14.62
CA ALA A 227 15.91 -4.32 -15.94
C ALA A 227 16.99 -5.22 -16.54
N LEU A 228 18.25 -4.78 -16.45
CA LEU A 228 19.36 -5.55 -17.00
C LEU A 228 19.61 -6.82 -16.19
N ALA A 229 19.48 -6.75 -14.86
CA ALA A 229 19.68 -7.95 -14.05
C ALA A 229 18.58 -8.97 -14.31
N ALA A 230 17.42 -8.49 -14.70
CA ALA A 230 16.31 -9.38 -15.06
C ALA A 230 16.51 -10.05 -16.42
N GLY A 231 17.51 -9.63 -17.19
CA GLY A 231 17.90 -10.31 -18.42
C GLY A 231 17.76 -9.49 -19.68
N ALA A 232 17.26 -8.26 -19.60
CA ALA A 232 17.12 -7.42 -20.79
C ALA A 232 18.48 -7.08 -21.35
N CYS A 233 18.61 -7.11 -22.68
CA CYS A 233 19.88 -6.73 -23.32
C CYS A 233 20.07 -5.23 -23.35
N ALA A 234 18.98 -4.47 -23.26
CA ALA A 234 19.06 -3.01 -23.32
C ALA A 234 17.81 -2.42 -22.70
N ALA A 235 17.91 -1.14 -22.33
CA ALA A 235 16.78 -0.41 -21.76
C ALA A 235 16.42 0.74 -22.68
N MET A 236 15.12 0.97 -22.88
CA MET A 236 14.67 2.07 -23.71
C MET A 236 13.87 3.05 -22.87
N MET A 237 14.12 4.34 -23.10
CA MET A 237 13.52 5.39 -22.28
C MET A 237 12.96 6.49 -23.16
N GLY A 238 11.80 7.01 -22.79
CA GLY A 238 11.32 8.26 -23.34
C GLY A 238 11.50 9.38 -22.32
N SER A 239 10.79 9.28 -21.20
CA SER A 239 10.78 10.33 -20.18
C SER A 239 12.19 10.79 -19.78
N ILE A 240 13.10 9.84 -19.53
CA ILE A 240 14.43 10.22 -19.03
C ILE A 240 15.20 11.07 -20.06
N PHE A 241 14.86 10.97 -21.36
CA PHE A 241 15.60 11.70 -22.40
C PHE A 241 14.85 12.87 -23.01
N ALA A 242 13.52 12.92 -22.82
CA ALA A 242 12.67 13.90 -23.49
C ALA A 242 12.97 15.33 -23.07
N GLY A 243 13.54 15.51 -21.87
CA GLY A 243 13.92 16.83 -21.40
C GLY A 243 15.31 17.25 -21.82
N CYS A 244 16.02 16.41 -22.57
CA CYS A 244 17.38 16.76 -22.94
C CYS A 244 17.38 17.72 -24.13
N GLU A 245 18.47 18.47 -24.25
CA GLU A 245 18.42 19.52 -25.25
C GLU A 245 18.43 18.93 -26.66
N GLU A 246 18.89 17.68 -26.82
CA GLU A 246 18.91 17.00 -28.12
C GLU A 246 17.54 16.45 -28.51
N ALA A 247 16.61 16.36 -27.56
CA ALA A 247 15.27 15.91 -27.91
C ALA A 247 14.56 16.98 -28.74
N PRO A 248 13.59 16.57 -29.58
CA PRO A 248 12.80 17.56 -30.34
C PRO A 248 12.02 18.50 -29.43
N GLY A 249 11.69 19.67 -29.96
CA GLY A 249 10.86 20.57 -29.20
C GLY A 249 11.67 21.68 -28.55
N ALA A 250 11.05 22.86 -28.45
CA ALA A 250 11.71 24.01 -27.87
C ALA A 250 11.72 23.91 -26.35
N ILE A 251 12.57 24.72 -25.72
CA ILE A 251 12.58 24.87 -24.27
C ILE A 251 11.61 25.99 -23.92
N GLU A 252 10.59 25.68 -23.11
CA GLU A 252 9.61 26.70 -22.72
C GLU A 252 9.75 27.03 -21.24
N ILE A 253 9.58 28.31 -20.91
CA ILE A 253 9.66 28.79 -19.53
C ILE A 253 8.27 29.08 -18.99
N TYR A 254 7.98 28.56 -17.80
CA TYR A 254 6.75 28.84 -17.09
C TYR A 254 7.07 29.02 -15.62
N GLN A 255 6.86 30.24 -15.09
CA GLN A 255 7.10 30.54 -13.68
C GLN A 255 8.49 30.10 -13.22
N GLY A 256 9.51 30.55 -13.94
CA GLY A 256 10.89 30.37 -13.53
C GLY A 256 11.45 28.98 -13.70
N ARG A 257 10.70 28.06 -14.31
CA ARG A 257 11.15 26.71 -14.56
C ARG A 257 11.14 26.42 -16.07
N SER A 258 12.10 25.60 -16.49
CA SER A 258 12.29 25.24 -17.90
C SER A 258 11.73 23.87 -18.18
N TYR A 259 11.02 23.74 -19.31
CA TYR A 259 10.25 22.54 -19.65
C TYR A 259 10.43 22.18 -21.12
N LYS A 260 10.27 20.89 -21.43
CA LYS A 260 10.04 20.44 -22.79
C LYS A 260 8.74 19.65 -22.85
N VAL A 261 8.14 19.59 -24.06
CA VAL A 261 6.91 18.83 -24.26
C VAL A 261 7.23 17.34 -24.35
N TYR A 262 6.34 16.52 -23.79
CA TYR A 262 6.51 15.08 -23.87
C TYR A 262 5.12 14.48 -23.97
N ARG A 263 4.90 13.57 -24.90
CA ARG A 263 3.55 13.02 -25.06
C ARG A 263 3.62 11.61 -25.62
N GLY A 264 2.61 10.81 -25.26
CA GLY A 264 2.51 9.49 -25.84
C GLY A 264 2.26 9.56 -27.33
N MET A 265 2.72 8.55 -28.03
CA MET A 265 2.51 8.44 -29.45
C MET A 265 1.04 8.12 -29.70
N GLY A 266 0.36 7.57 -28.68
CA GLY A 266 -1.06 7.27 -28.82
C GLY A 266 -1.93 8.30 -28.13
N SER A 267 -1.38 9.49 -27.86
CA SER A 267 -2.22 10.61 -27.41
C SER A 267 -2.88 11.27 -28.62
N LEU A 268 -3.94 12.04 -28.34
CA LEU A 268 -4.63 12.78 -29.42
C LEU A 268 -3.66 13.65 -30.21
N GLY A 269 -2.83 14.41 -29.50
CA GLY A 269 -1.95 15.34 -30.19
C GLY A 269 -1.02 14.65 -31.16
N ALA A 270 -0.40 13.56 -30.71
CA ALA A 270 0.49 12.82 -31.60
C ALA A 270 -0.26 12.14 -32.75
N MET A 271 -1.48 11.65 -32.50
N MET A 271 -1.47 11.65 -32.49
CA MET A 271 -2.21 11.00 -33.57
CA MET A 271 -2.22 11.00 -33.57
C MET A 271 -2.79 11.99 -34.58
C MET A 271 -2.71 12.01 -34.59
N ALA A 272 -3.02 13.24 -34.17
CA ALA A 272 -3.59 14.20 -35.09
C ALA A 272 -2.61 14.65 -36.16
N LYS A 273 -1.30 14.48 -35.93
CA LYS A 273 -0.26 15.01 -36.81
C LYS A 273 -0.29 14.47 -38.25
N PHE A 287 -11.71 8.60 -32.20
CA PHE A 287 -10.36 8.60 -31.63
C PHE A 287 -10.36 8.25 -30.16
N VAL A 288 -9.89 7.06 -29.80
CA VAL A 288 -9.80 6.69 -28.39
C VAL A 288 -8.32 6.57 -28.11
N PRO A 289 -7.73 7.54 -27.43
CA PRO A 289 -6.28 7.45 -27.23
C PRO A 289 -5.80 6.55 -26.10
N GLU A 290 -4.52 6.22 -26.13
CA GLU A 290 -3.92 5.38 -25.09
C GLU A 290 -2.68 6.05 -24.50
N GLY A 291 -2.65 7.39 -24.56
CA GLY A 291 -1.57 8.17 -24.01
C GLY A 291 -2.03 9.57 -23.66
N VAL A 292 -1.14 10.31 -23.00
CA VAL A 292 -1.43 11.66 -22.59
C VAL A 292 -0.29 12.58 -23.07
N GLU A 293 -0.55 13.88 -22.96
CA GLU A 293 0.37 14.92 -23.40
C GLU A 293 0.67 15.86 -22.25
N GLY A 294 1.93 16.26 -22.11
CA GLY A 294 2.29 17.12 -21.00
C GLY A 294 3.69 17.68 -21.13
N ARG A 295 4.27 18.04 -19.99
CA ARG A 295 5.58 18.68 -19.94
C ARG A 295 6.42 18.02 -18.85
N ILE A 296 7.73 17.95 -19.10
CA ILE A 296 8.68 17.46 -18.12
C ILE A 296 9.79 18.52 -18.04
N ALA A 297 10.58 18.44 -16.96
CA ALA A 297 11.61 19.44 -16.74
C ALA A 297 12.70 19.36 -17.80
N TYR A 298 13.21 20.52 -18.21
CA TYR A 298 14.41 20.58 -19.05
C TYR A 298 15.63 20.10 -18.27
N LYS A 299 16.45 19.24 -18.88
CA LYS A 299 17.57 18.60 -18.21
C LYS A 299 18.93 18.96 -18.78
N GLY A 300 19.01 19.87 -19.76
CA GLY A 300 20.29 20.18 -20.37
C GLY A 300 20.72 19.11 -21.37
N HIS A 301 22.02 18.94 -21.48
CA HIS A 301 22.55 18.08 -22.53
C HIS A 301 22.47 16.60 -22.15
N LEU A 302 22.25 15.77 -23.16
CA LEU A 302 22.13 14.32 -22.99
C LEU A 302 23.34 13.73 -22.27
N ALA A 303 24.54 14.26 -22.57
CA ALA A 303 25.75 13.70 -21.99
C ALA A 303 25.68 13.65 -20.47
N ASP A 304 25.15 14.71 -19.83
CA ASP A 304 25.10 14.75 -18.37
C ASP A 304 24.12 13.72 -17.82
N THR A 305 23.02 13.47 -18.52
CA THR A 305 22.09 12.44 -18.09
C THR A 305 22.71 11.05 -18.24
N ILE A 306 23.30 10.77 -19.40
CA ILE A 306 23.92 9.47 -19.62
C ILE A 306 25.01 9.22 -18.59
N TYR A 307 25.81 10.25 -18.27
CA TYR A 307 26.86 10.11 -17.28
C TYR A 307 26.29 9.57 -15.96
N GLN A 308 25.17 10.16 -15.48
CA GLN A 308 24.59 9.68 -14.23
C GLN A 308 23.99 8.29 -14.36
N LEU A 309 23.37 7.98 -15.51
CA LEU A 309 22.73 6.67 -15.66
C LEU A 309 23.78 5.57 -15.62
N ILE A 310 24.85 5.77 -16.40
CA ILE A 310 25.96 4.83 -16.50
C ILE A 310 26.68 4.67 -15.16
N GLY A 311 26.89 5.77 -14.45
CA GLY A 311 27.52 5.67 -13.13
C GLY A 311 26.69 4.83 -12.17
N GLY A 312 25.38 5.00 -12.22
CA GLY A 312 24.52 4.22 -11.33
C GLY A 312 24.51 2.74 -11.71
N ILE A 313 24.51 2.45 -13.01
CA ILE A 313 24.60 1.07 -13.49
C ILE A 313 25.92 0.44 -13.07
N LYS A 314 27.03 1.16 -13.25
CA LYS A 314 28.32 0.63 -12.85
C LYS A 314 28.37 0.39 -11.34
N SER A 315 27.76 1.26 -10.56
CA SER A 315 27.74 1.04 -9.11
C SER A 315 26.97 -0.25 -8.78
N GLY A 316 25.77 -0.40 -9.33
CA GLY A 316 24.99 -1.63 -9.16
C GLY A 316 25.77 -2.87 -9.56
N MET A 317 26.49 -2.81 -10.68
CA MET A 317 27.27 -3.97 -11.08
C MET A 317 28.41 -4.27 -10.11
N GLY A 318 29.05 -3.22 -9.54
CA GLY A 318 30.04 -3.45 -8.49
C GLY A 318 29.43 -4.10 -7.25
N TYR A 319 28.25 -3.65 -6.84
CA TYR A 319 27.56 -4.24 -5.70
C TYR A 319 27.25 -5.72 -5.95
N LEU A 320 26.99 -6.08 -7.20
CA LEU A 320 26.65 -7.46 -7.53
C LEU A 320 27.85 -8.26 -8.00
N GLY A 321 29.07 -7.67 -7.96
CA GLY A 321 30.26 -8.40 -8.34
C GLY A 321 30.30 -8.80 -9.80
N ALA A 322 29.60 -8.04 -10.66
CA ALA A 322 29.44 -8.40 -12.07
C ALA A 322 30.39 -7.60 -12.96
N PRO A 323 31.35 -8.23 -13.62
CA PRO A 323 32.19 -7.49 -14.58
C PRO A 323 31.52 -7.27 -15.93
N THR A 324 30.44 -7.99 -16.21
CA THR A 324 29.74 -7.94 -17.49
C THR A 324 28.24 -7.99 -17.23
N LEU A 325 27.47 -7.53 -18.22
CA LEU A 325 26.02 -7.63 -18.14
C LEU A 325 25.56 -9.08 -18.06
N GLU A 326 26.22 -10.00 -18.78
CA GLU A 326 25.77 -11.39 -18.67
C GLU A 326 26.00 -11.93 -17.26
N ASN A 327 27.15 -11.61 -16.64
CA ASN A 327 27.37 -12.10 -15.29
C ASN A 327 26.39 -11.47 -14.31
N LEU A 328 25.96 -10.25 -14.60
CA LEU A 328 25.00 -9.57 -13.76
C LEU A 328 23.69 -10.36 -13.72
N TYR A 329 23.19 -10.72 -14.90
CA TYR A 329 21.98 -11.54 -15.00
C TYR A 329 22.15 -12.88 -14.32
N GLU A 330 23.31 -13.53 -14.51
CA GLU A 330 23.47 -14.90 -14.01
C GLU A 330 23.51 -14.98 -12.49
N ASN A 331 23.90 -13.90 -11.82
CA ASN A 331 24.09 -13.95 -10.37
C ASN A 331 23.15 -13.02 -9.63
N ALA A 332 22.13 -12.49 -10.31
CA ALA A 332 21.25 -11.51 -9.70
C ALA A 332 20.20 -12.22 -8.85
N ASN A 333 19.98 -11.74 -7.64
CA ASN A 333 18.87 -12.26 -6.84
C ASN A 333 18.00 -11.07 -6.44
N PHE A 334 16.70 -11.15 -6.69
CA PHE A 334 15.81 -10.10 -6.23
C PHE A 334 15.12 -10.51 -4.93
N VAL A 335 14.78 -9.51 -4.12
CA VAL A 335 13.81 -9.65 -3.04
C VAL A 335 12.68 -8.67 -3.32
N VAL A 336 11.48 -8.98 -2.86
CA VAL A 336 10.37 -8.03 -2.95
C VAL A 336 10.34 -7.14 -1.70
N GLN A 337 10.01 -5.86 -1.90
CA GLN A 337 9.82 -4.93 -0.79
C GLN A 337 8.37 -4.44 -0.75
N THR A 338 7.87 -4.17 0.47
CA THR A 338 6.52 -3.63 0.63
C THR A 338 6.54 -2.12 0.36
N SER A 339 5.38 -1.47 0.48
CA SER A 339 5.42 -0.01 0.39
C SER A 339 6.16 0.60 1.57
N ALA A 340 6.19 -0.07 2.72
CA ALA A 340 7.06 0.41 3.79
C ALA A 340 8.52 0.24 3.43
N GLY A 341 8.86 -0.87 2.78
CA GLY A 341 10.22 -1.00 2.28
C GLY A 341 10.58 0.10 1.30
N PHE A 342 9.65 0.45 0.42
CA PHE A 342 9.89 1.50 -0.57
C PHE A 342 10.17 2.84 0.12
N ARG A 343 9.43 3.15 1.18
N ARG A 343 9.43 3.13 1.19
CA ARG A 343 9.65 4.40 1.91
CA ARG A 343 9.63 4.38 1.93
C ARG A 343 11.03 4.43 2.56
C ARG A 343 11.02 4.42 2.56
N GLU A 344 11.51 3.27 3.03
CA GLU A 344 12.88 3.20 3.56
C GLU A 344 13.91 3.34 2.44
N SER A 345 13.63 2.79 1.27
CA SER A 345 14.62 2.78 0.18
C SER A 345 14.86 4.18 -0.33
N HIS A 346 13.80 4.98 -0.47
CA HIS A 346 13.98 6.39 -0.77
C HIS A 346 14.50 7.15 0.45
N PRO A 347 15.16 8.29 0.23
CA PRO A 347 15.45 9.20 1.36
C PRO A 347 14.16 9.52 2.10
N HIS A 348 14.27 9.65 3.43
CA HIS A 348 13.09 9.80 4.26
C HIS A 348 13.49 10.63 5.47
N ASP A 349 12.51 11.39 6.01
CA ASP A 349 12.68 12.15 7.26
C ASP A 349 13.85 13.12 7.14
N ILE A 350 13.98 13.71 5.96
CA ILE A 350 15.00 14.73 5.69
C ILE A 350 14.37 15.80 4.80
N ASN A 351 14.56 17.08 5.13
CA ASN A 351 14.23 18.12 4.17
C ASN A 351 15.43 18.31 3.26
N ILE A 352 15.34 17.80 2.04
CA ILE A 352 16.44 17.94 1.09
C ILE A 352 16.51 19.38 0.63
N THR A 353 17.70 19.98 0.74
CA THR A 353 17.87 21.36 0.38
C THR A 353 18.89 21.56 -0.73
N LYS A 354 19.58 20.51 -1.17
CA LYS A 354 20.55 20.63 -2.25
C LYS A 354 20.12 19.71 -3.38
N GLU A 355 20.26 20.20 -4.61
CA GLU A 355 20.06 19.36 -5.79
C GLU A 355 21.02 18.18 -5.77
N ALA A 356 20.53 17.02 -6.13
CA ALA A 356 21.40 15.91 -6.44
C ALA A 356 21.22 15.55 -7.91
N PRO A 357 22.30 15.20 -8.61
CA PRO A 357 22.21 15.05 -10.08
C PRO A 357 21.51 13.77 -10.53
N ASN A 358 21.40 12.78 -9.65
CA ASN A 358 20.79 11.51 -10.01
C ASN A 358 19.56 11.20 -9.13
N TYR A 359 19.00 12.20 -8.45
CA TYR A 359 17.84 11.93 -7.60
C TYR A 359 16.96 13.16 -7.52
N SER A 360 15.67 12.97 -7.77
CA SER A 360 14.68 14.02 -7.64
C SER A 360 13.39 13.38 -7.17
N VAL A 361 12.40 14.20 -6.86
CA VAL A 361 11.14 13.67 -6.32
C VAL A 361 9.93 14.60 -6.47
N SER B 1 -1.39 -29.23 -14.77
CA SER B 1 -1.03 -29.87 -13.50
C SER B 1 -0.41 -28.85 -12.58
N ASN B 2 0.54 -29.29 -11.75
CA ASN B 2 1.21 -28.36 -10.86
C ASN B 2 1.99 -27.41 -11.76
N ALA B 3 1.93 -26.12 -11.47
CA ALA B 3 2.61 -25.15 -12.30
C ALA B 3 3.91 -24.58 -11.75
N MET B 4 4.69 -23.98 -12.63
CA MET B 4 5.95 -23.33 -12.25
C MET B 4 5.67 -21.94 -11.66
N ALA B 5 6.45 -21.57 -10.65
CA ALA B 5 6.27 -20.30 -9.98
C ALA B 5 7.62 -19.62 -9.81
N ARG B 6 7.62 -18.29 -9.87
CA ARG B 6 8.83 -17.52 -9.63
C ARG B 6 9.05 -17.38 -8.13
N ILE B 7 10.23 -17.77 -7.65
CA ILE B 7 10.53 -17.73 -6.22
C ILE B 7 11.15 -16.37 -5.92
N LEU B 8 10.29 -15.45 -5.50
CA LEU B 8 10.71 -14.12 -5.05
C LEU B 8 10.33 -14.01 -3.59
N LYS B 9 11.33 -13.83 -2.71
CA LYS B 9 11.12 -13.69 -1.28
C LYS B 9 10.86 -12.23 -0.92
N THR B 10 9.89 -12.00 -0.02
CA THR B 10 9.62 -10.68 0.49
C THR B 10 10.55 -10.39 1.66
N ALA B 11 11.19 -9.22 1.66
CA ALA B 11 12.00 -8.79 2.78
C ALA B 11 11.35 -7.57 3.43
N TYR B 12 11.51 -7.43 4.75
CA TYR B 12 10.79 -6.48 5.60
C TYR B 12 11.72 -5.42 6.16
N THR B 13 11.17 -4.22 6.33
CA THR B 13 11.78 -3.18 7.12
C THR B 13 11.06 -3.11 8.48
N PHE B 14 11.55 -2.22 9.34
CA PHE B 14 11.00 -2.13 10.70
C PHE B 14 9.50 -1.83 10.67
N ASP B 15 9.08 -0.91 9.80
CA ASP B 15 7.68 -0.56 9.74
C ASP B 15 6.78 -1.71 9.27
N ASP B 16 7.33 -2.80 8.73
CA ASP B 16 6.53 -3.94 8.30
C ASP B 16 6.12 -4.87 9.43
N VAL B 17 6.77 -4.78 10.61
CA VAL B 17 6.60 -5.81 11.64
C VAL B 17 6.30 -5.17 12.99
N LEU B 18 5.70 -5.99 13.86
CA LEU B 18 5.50 -5.65 15.27
C LEU B 18 5.91 -6.81 16.14
N LEU B 19 6.35 -6.51 17.35
CA LEU B 19 6.70 -7.53 18.34
C LEU B 19 5.47 -7.95 19.14
N VAL B 20 5.31 -9.25 19.33
CA VAL B 20 4.18 -9.76 20.08
C VAL B 20 4.53 -9.72 21.56
N PRO B 21 3.67 -9.17 22.43
CA PRO B 21 3.94 -9.24 23.88
C PRO B 21 4.11 -10.67 24.38
N ASN B 22 5.05 -10.85 25.31
CA ASN B 22 5.23 -12.10 26.03
C ASN B 22 4.76 -11.94 27.47
N LYS B 23 4.60 -13.06 28.14
CA LYS B 23 4.45 -13.05 29.59
C LYS B 23 5.64 -12.33 30.20
N SER B 24 5.39 -11.48 31.18
CA SER B 24 6.46 -10.67 31.74
C SER B 24 6.44 -10.73 33.25
N GLU B 25 7.59 -11.04 33.83
CA GLU B 25 7.86 -10.88 35.25
C GLU B 25 8.90 -9.78 35.52
N VAL B 26 9.12 -8.88 34.57
CA VAL B 26 10.08 -7.79 34.73
C VAL B 26 9.39 -6.47 34.42
N LEU B 27 9.68 -5.49 35.20
CA LEU B 27 9.28 -4.13 34.92
C LEU B 27 10.35 -3.44 34.07
N PRO B 28 9.96 -2.47 33.25
CA PRO B 28 10.97 -1.76 32.45
C PRO B 28 12.12 -1.21 33.30
N ASN B 29 11.88 -0.78 34.55
CA ASN B 29 13.00 -0.24 35.33
C ASN B 29 13.96 -1.32 35.84
N GLU B 30 13.68 -2.60 35.59
CA GLU B 30 14.50 -3.71 36.06
C GLU B 30 15.35 -4.35 34.96
N VAL B 31 15.19 -3.95 33.71
CA VAL B 31 15.92 -4.58 32.64
C VAL B 31 17.33 -3.99 32.54
N SER B 32 18.25 -4.78 31.99
CA SER B 32 19.62 -4.35 31.75
C SER B 32 19.85 -4.20 30.25
N LEU B 33 20.47 -3.09 29.86
CA LEU B 33 20.74 -2.79 28.45
C LEU B 33 22.21 -3.05 28.05
N LYS B 34 23.01 -3.70 28.90
CA LYS B 34 24.39 -4.00 28.52
C LYS B 34 24.44 -4.89 27.27
N THR B 35 25.45 -4.69 26.44
CA THR B 35 25.64 -5.51 25.26
C THR B 35 27.11 -5.60 24.92
N GLN B 36 27.48 -6.65 24.21
CA GLN B 36 28.86 -6.80 23.80
C GLN B 36 28.99 -6.38 22.35
N LEU B 37 29.66 -5.26 22.12
CA LEU B 37 29.91 -4.76 20.79
C LEU B 37 30.83 -5.74 20.09
N THR B 38 31.79 -6.25 20.86
CA THR B 38 32.74 -7.25 20.43
C THR B 38 33.02 -8.06 21.66
N LYS B 39 33.63 -9.22 21.51
CA LYS B 39 33.93 -10.00 22.70
C LYS B 39 34.72 -9.20 23.73
N LYS B 40 35.43 -8.16 23.31
CA LYS B 40 36.23 -7.37 24.22
C LYS B 40 35.56 -6.08 24.68
N ILE B 41 34.60 -5.56 23.93
CA ILE B 41 34.05 -4.24 24.20
C ILE B 41 32.61 -4.39 24.64
N GLN B 42 32.34 -4.02 25.89
CA GLN B 42 30.98 -3.97 26.41
C GLN B 42 30.47 -2.53 26.39
N LEU B 43 29.22 -2.34 25.96
CA LEU B 43 28.55 -1.04 26.07
C LEU B 43 27.49 -1.13 27.16
N ASN B 44 27.29 -0.02 27.90
CA ASN B 44 26.21 0.03 28.88
C ASN B 44 24.84 0.21 28.24
N ILE B 45 24.79 0.84 27.08
CA ILE B 45 23.56 0.91 26.29
C ILE B 45 23.90 0.57 24.84
N PRO B 46 23.00 -0.03 24.08
CA PRO B 46 23.34 -0.58 22.77
C PRO B 46 23.20 0.40 21.61
N LEU B 47 23.75 1.61 21.77
CA LEU B 47 23.51 2.71 20.83
C LEU B 47 24.84 3.28 20.35
N MET B 48 24.93 3.53 19.05
CA MET B 48 26.13 4.05 18.43
C MET B 48 25.75 5.24 17.56
N SER B 49 26.59 6.27 17.54
CA SER B 49 26.37 7.38 16.62
C SER B 49 27.18 7.18 15.34
N ALA B 50 26.57 7.54 14.20
CA ALA B 50 27.10 7.23 12.89
C ALA B 50 28.40 7.98 12.59
N SER B 51 29.28 7.35 11.80
N SER B 51 29.24 7.36 11.77
CA SER B 51 30.56 7.94 11.42
CA SER B 51 30.55 7.93 11.41
C SER B 51 30.35 8.87 10.23
C SER B 51 30.37 8.88 10.22
N MET B 52 29.80 10.05 10.52
CA MET B 52 29.40 10.97 9.46
C MET B 52 29.81 12.38 9.83
N ASP B 53 30.13 13.17 8.80
CA ASP B 53 30.70 14.46 9.15
C ASP B 53 29.62 15.43 9.61
N THR B 54 28.36 15.00 9.64
CA THR B 54 27.30 15.79 10.23
C THR B 54 26.73 15.13 11.47
N VAL B 55 27.39 14.08 12.00
CA VAL B 55 26.92 13.41 13.22
C VAL B 55 27.98 13.31 14.33
N THR B 56 29.17 12.74 14.04
CA THR B 56 30.10 12.40 15.12
C THR B 56 31.52 12.95 14.91
N GLU B 57 31.88 13.99 15.67
CA GLU B 57 33.29 14.25 15.98
C GLU B 57 33.49 14.04 17.49
N SER B 58 34.58 14.57 18.05
CA SER B 58 34.88 14.26 19.46
C SER B 58 33.75 14.70 20.39
N LYS B 59 33.14 15.87 20.14
CA LYS B 59 32.06 16.34 21.02
C LYS B 59 30.94 15.30 21.17
N MET B 60 30.52 14.70 20.05
CA MET B 60 29.45 13.70 20.09
C MET B 60 29.95 12.39 20.68
N ALA B 61 31.15 11.96 20.27
CA ALA B 61 31.73 10.72 20.81
C ALA B 61 31.90 10.78 22.32
N ILE B 62 32.29 11.94 22.86
CA ILE B 62 32.41 12.07 24.30
C ILE B 62 31.03 11.92 24.96
N ALA B 63 30.04 12.63 24.44
CA ALA B 63 28.70 12.56 25.02
C ALA B 63 28.11 11.15 24.87
N MET B 64 28.25 10.52 23.71
CA MET B 64 27.75 9.16 23.54
C MET B 64 28.40 8.23 24.55
N ALA B 65 29.71 8.39 24.78
CA ALA B 65 30.39 7.48 25.69
C ALA B 65 29.96 7.72 27.13
N ARG B 66 29.73 8.97 27.49
CA ARG B 66 29.29 9.27 28.85
C ARG B 66 27.87 8.76 29.11
N GLU B 67 27.03 8.73 28.08
CA GLU B 67 25.69 8.16 28.16
C GLU B 67 25.68 6.63 28.20
N GLY B 68 26.81 5.98 27.93
CA GLY B 68 26.90 4.53 27.97
C GLY B 68 27.02 3.88 26.59
N GLY B 69 27.01 4.65 25.51
CA GLY B 69 27.17 4.07 24.17
C GLY B 69 28.53 4.43 23.61
N ILE B 70 28.63 4.64 22.30
CA ILE B 70 29.91 4.92 21.67
C ILE B 70 29.65 5.73 20.41
N GLY B 71 30.59 6.61 20.07
CA GLY B 71 30.57 7.29 18.79
C GLY B 71 31.74 6.83 17.92
N ILE B 72 31.54 6.83 16.60
CA ILE B 72 32.59 6.49 15.64
C ILE B 72 33.02 7.79 14.94
N ILE B 73 34.25 8.24 15.17
CA ILE B 73 34.71 9.47 14.53
C ILE B 73 34.83 9.25 13.02
N HIS B 74 34.27 10.17 12.24
CA HIS B 74 34.28 9.99 10.79
C HIS B 74 35.67 10.26 10.23
N LYS B 75 35.91 9.83 8.99
CA LYS B 75 37.24 9.95 8.38
C LYS B 75 37.32 10.99 7.29
N ASN B 76 36.32 11.86 7.19
CA ASN B 76 36.35 12.97 6.24
C ASN B 76 37.19 14.13 6.80
N MET B 77 38.44 13.82 7.13
CA MET B 77 39.39 14.78 7.69
C MET B 77 40.77 14.16 7.54
N THR B 78 41.81 14.96 7.80
CA THR B 78 43.16 14.42 7.69
C THR B 78 43.33 13.31 8.73
N ILE B 79 44.29 12.43 8.44
CA ILE B 79 44.70 11.42 9.40
C ILE B 79 45.07 12.07 10.73
N GLU B 80 45.83 13.17 10.68
N GLU B 80 45.87 13.16 10.66
CA GLU B 80 46.25 13.82 11.91
CA GLU B 80 46.26 13.88 11.87
C GLU B 80 45.06 14.38 12.68
C GLU B 80 45.03 14.33 12.65
N ASP B 81 44.07 14.95 11.96
CA ASP B 81 42.91 15.48 12.65
C ASP B 81 42.10 14.36 13.27
N GLN B 82 41.96 13.23 12.56
CA GLN B 82 41.18 12.14 13.13
C GLN B 82 41.86 11.54 14.37
N ALA B 83 43.18 11.43 14.35
CA ALA B 83 43.90 11.00 15.55
C ALA B 83 43.71 11.99 16.69
N ARG B 84 43.78 13.29 16.39
CA ARG B 84 43.52 14.30 17.42
C ARG B 84 42.12 14.18 18.03
N GLU B 85 41.13 13.88 17.19
CA GLU B 85 39.76 13.71 17.67
C GLU B 85 39.62 12.51 18.60
N VAL B 86 40.12 11.35 18.16
CA VAL B 86 40.11 10.17 19.02
C VAL B 86 40.82 10.46 20.32
N ASP B 87 42.02 11.03 20.22
CA ASP B 87 42.80 11.34 21.41
C ASP B 87 42.01 12.22 22.37
N ARG B 88 41.23 13.16 21.85
CA ARG B 88 40.49 14.06 22.72
C ARG B 88 39.40 13.31 23.48
N VAL B 89 38.79 12.31 22.84
CA VAL B 89 37.83 11.44 23.52
C VAL B 89 38.54 10.61 24.57
N LYS B 90 39.68 10.01 24.20
CA LYS B 90 40.37 9.13 25.13
C LYS B 90 40.90 9.89 26.34
N ARG B 91 41.23 11.17 26.19
CA ARG B 91 41.73 11.94 27.33
C ARG B 91 40.62 12.45 28.24
N SER B 92 39.37 12.34 27.82
CA SER B 92 38.25 12.90 28.55
C SER B 92 37.70 11.93 29.60
N GLY B 93 38.50 10.96 30.04
CA GLY B 93 38.16 10.10 31.15
C GLY B 93 38.10 8.62 30.79
N GLY B 94 38.97 8.19 29.88
CA GLY B 94 39.03 6.80 29.49
C GLY B 94 37.80 6.30 28.75
N LEU B 95 37.06 7.21 28.13
CA LEU B 95 35.84 6.87 27.41
C LEU B 95 36.15 6.00 26.19
N LEU B 96 35.21 5.10 25.86
CA LEU B 96 35.33 4.33 24.62
C LEU B 96 35.27 5.26 23.42
N CYS B 97 36.01 4.89 22.37
CA CYS B 97 35.98 5.68 21.15
C CYS B 97 36.19 4.72 19.98
N GLY B 98 35.51 5.00 18.86
CA GLY B 98 35.76 4.30 17.61
C GLY B 98 36.15 5.28 16.50
N ALA B 99 36.73 4.74 15.44
CA ALA B 99 37.17 5.54 14.31
C ALA B 99 36.92 4.80 13.00
N SER B 100 36.52 5.53 11.99
CA SER B 100 36.22 4.98 10.69
C SER B 100 37.45 4.94 9.78
N ILE B 101 37.63 3.82 9.09
CA ILE B 101 38.73 3.61 8.18
C ILE B 101 38.18 3.21 6.83
N GLY B 102 38.81 3.66 5.75
CA GLY B 102 38.35 3.35 4.41
C GLY B 102 39.31 2.52 3.59
N VAL B 103 38.80 1.89 2.53
CA VAL B 103 39.66 1.09 1.66
C VAL B 103 40.45 2.03 0.73
N THR B 104 41.60 2.50 1.22
CA THR B 104 42.39 3.53 0.55
C THR B 104 43.86 3.14 0.54
N ASN B 105 44.61 3.80 -0.35
CA ASN B 105 46.06 3.63 -0.39
C ASN B 105 46.71 3.93 0.94
N ASP B 106 46.17 4.85 1.73
CA ASP B 106 46.80 5.20 3.00
C ASP B 106 46.11 4.55 4.19
N MET B 107 45.41 3.43 3.95
CA MET B 107 44.57 2.83 4.97
C MET B 107 45.36 2.54 6.25
N MET B 108 46.52 1.89 6.11
CA MET B 108 47.25 1.49 7.31
C MET B 108 47.89 2.68 8.03
N GLU B 109 48.26 3.75 7.31
CA GLU B 109 48.75 4.96 7.97
C GLU B 109 47.68 5.56 8.88
N ARG B 110 46.44 5.59 8.39
CA ARG B 110 45.34 6.07 9.20
C ARG B 110 45.10 5.15 10.38
N VAL B 111 45.13 3.82 10.15
CA VAL B 111 44.97 2.88 11.24
C VAL B 111 46.06 3.11 12.30
N ASP B 112 47.32 3.24 11.86
CA ASP B 112 48.43 3.47 12.79
C ASP B 112 48.17 4.69 13.66
N ALA B 113 47.74 5.79 13.04
CA ALA B 113 47.53 7.02 13.77
C ALA B 113 46.44 6.87 14.83
N VAL B 114 45.31 6.23 14.47
CA VAL B 114 44.25 6.13 15.46
C VAL B 114 44.60 5.10 16.53
N VAL B 115 45.39 4.07 16.17
CA VAL B 115 45.86 3.13 17.19
C VAL B 115 46.76 3.86 18.19
N LYS B 116 47.70 4.65 17.68
CA LYS B 116 48.55 5.48 18.54
C LYS B 116 47.71 6.35 19.49
N ALA B 117 46.55 6.81 19.03
CA ALA B 117 45.67 7.64 19.86
C ALA B 117 44.80 6.80 20.79
N LYS B 118 45.00 5.47 20.81
CA LYS B 118 44.30 4.53 21.69
C LYS B 118 42.82 4.39 21.36
N VAL B 119 42.50 4.37 20.06
CA VAL B 119 41.15 4.03 19.65
C VAL B 119 40.80 2.62 20.16
N ASP B 120 39.56 2.44 20.56
CA ASP B 120 39.13 1.14 21.06
C ASP B 120 38.65 0.23 19.95
N VAL B 121 38.04 0.77 18.91
CA VAL B 121 37.57 -0.06 17.82
C VAL B 121 37.70 0.76 16.55
N ILE B 122 38.11 0.11 15.46
CA ILE B 122 38.03 0.75 14.16
C ILE B 122 36.88 0.10 13.39
N VAL B 123 36.27 0.92 12.52
CA VAL B 123 35.21 0.50 11.62
C VAL B 123 35.77 0.63 10.22
N LEU B 124 36.03 -0.49 9.57
CA LEU B 124 36.47 -0.45 8.18
C LEU B 124 35.11 -0.29 7.51
N ASP B 125 34.87 0.95 7.13
CA ASP B 125 33.63 1.49 6.60
C ASP B 125 33.55 1.71 5.10
N THR B 126 32.68 0.96 4.44
CA THR B 126 32.50 1.07 3.00
C THR B 126 31.06 0.86 2.57
N ALA B 127 30.75 1.29 1.36
CA ALA B 127 29.44 1.12 0.78
C ALA B 127 29.13 -0.36 0.61
N HIS B 128 30.14 -1.13 0.25
CA HIS B 128 30.00 -2.56 0.02
C HIS B 128 31.05 -3.37 0.79
N GLY B 129 30.73 -3.80 2.00
CA GLY B 129 31.68 -4.55 2.80
C GLY B 129 31.98 -5.95 2.27
N HIS B 130 31.07 -6.55 1.50
CA HIS B 130 31.28 -7.91 0.99
C HIS B 130 32.10 -7.83 -0.29
N SER B 131 33.33 -7.39 -0.13
CA SER B 131 34.18 -7.14 -1.28
C SER B 131 35.62 -7.57 -0.97
N LYS B 132 36.36 -7.81 -2.05
CA LYS B 132 37.76 -8.21 -1.94
C LYS B 132 38.56 -7.19 -1.14
N GLY B 133 38.31 -5.90 -1.35
CA GLY B 133 39.15 -4.90 -0.71
C GLY B 133 38.95 -4.85 0.80
N VAL B 134 37.71 -5.05 1.25
CA VAL B 134 37.43 -5.03 2.67
C VAL B 134 37.92 -6.31 3.32
N ILE B 135 37.76 -7.44 2.64
CA ILE B 135 38.24 -8.71 3.18
C ILE B 135 39.75 -8.66 3.38
N GLU B 136 40.48 -8.19 2.35
CA GLU B 136 41.93 -8.06 2.45
C GLU B 136 42.33 -6.98 3.45
N GLY B 137 41.55 -5.90 3.53
CA GLY B 137 41.81 -4.85 4.51
C GLY B 137 41.73 -5.37 5.94
N VAL B 138 40.69 -6.16 6.23
CA VAL B 138 40.56 -6.76 7.56
C VAL B 138 41.74 -7.68 7.85
N LYS B 139 42.11 -8.53 6.89
CA LYS B 139 43.23 -9.44 7.09
C LYS B 139 44.50 -8.67 7.41
N ARG B 140 44.81 -7.65 6.61
CA ARG B 140 46.05 -6.91 6.82
C ARG B 140 46.07 -6.26 8.19
N ILE B 141 44.95 -5.64 8.59
CA ILE B 141 44.89 -4.94 9.87
C ILE B 141 45.09 -5.91 11.03
N LYS B 142 44.42 -7.06 10.95
CA LYS B 142 44.49 -8.01 12.05
C LYS B 142 45.86 -8.69 12.10
N ALA B 143 46.55 -8.80 10.96
CA ALA B 143 47.91 -9.34 10.95
C ALA B 143 48.89 -8.41 11.63
N LYS B 144 48.69 -7.10 11.49
CA LYS B 144 49.55 -6.13 12.19
C LYS B 144 49.11 -5.93 13.63
N TYR B 145 47.81 -5.90 13.89
CA TYR B 145 47.27 -5.58 15.22
C TYR B 145 46.26 -6.65 15.60
N PRO B 146 46.73 -7.82 16.04
CA PRO B 146 45.79 -8.94 16.27
C PRO B 146 44.74 -8.63 17.32
N GLU B 147 45.06 -7.78 18.30
CA GLU B 147 44.15 -7.43 19.39
C GLU B 147 43.30 -6.22 19.11
N LEU B 148 43.56 -5.50 18.02
CA LEU B 148 42.72 -4.36 17.67
C LEU B 148 41.32 -4.84 17.24
N GLN B 149 40.29 -4.26 17.85
CA GLN B 149 38.93 -4.65 17.54
C GLN B 149 38.52 -4.01 16.22
N VAL B 150 37.96 -4.82 15.31
CA VAL B 150 37.62 -4.35 13.98
C VAL B 150 36.15 -4.66 13.70
N ILE B 151 35.34 -3.62 13.42
CA ILE B 151 34.01 -3.73 12.81
C ILE B 151 34.20 -3.58 11.30
N ALA B 152 33.52 -4.41 10.51
CA ALA B 152 33.59 -4.32 9.05
C ALA B 152 32.19 -4.22 8.47
N GLY B 153 32.04 -3.42 7.42
CA GLY B 153 30.72 -3.15 6.88
C GLY B 153 30.81 -2.27 5.64
N ASN B 154 29.65 -1.99 5.04
CA ASN B 154 28.34 -2.51 5.45
C ASN B 154 27.90 -3.68 4.57
N ILE B 155 27.02 -4.54 5.09
CA ILE B 155 26.65 -5.77 4.40
C ILE B 155 25.16 -6.02 4.62
N ALA B 156 24.65 -7.05 3.95
CA ALA B 156 23.23 -7.37 4.10
C ALA B 156 22.92 -8.85 3.93
N THR B 157 23.92 -9.73 3.88
CA THR B 157 23.65 -11.16 3.67
C THR B 157 24.42 -11.99 4.67
N PRO B 158 23.92 -13.18 5.00
CA PRO B 158 24.69 -14.10 5.86
C PRO B 158 26.02 -14.53 5.24
N GLU B 159 26.09 -14.65 3.91
CA GLU B 159 27.37 -15.02 3.30
C GLU B 159 28.43 -13.96 3.61
N ALA B 160 28.02 -12.69 3.64
CA ALA B 160 28.95 -11.62 3.97
C ALA B 160 29.36 -11.71 5.43
N VAL B 161 28.44 -12.08 6.32
CA VAL B 161 28.81 -12.26 7.72
C VAL B 161 29.89 -13.33 7.82
N ARG B 162 29.66 -14.47 7.15
CA ARG B 162 30.61 -15.59 7.16
C ARG B 162 31.97 -15.16 6.61
N ASP B 163 31.97 -14.46 5.48
CA ASP B 163 33.25 -14.11 4.85
C ASP B 163 34.01 -13.08 5.68
N LEU B 164 33.32 -12.07 6.21
CA LEU B 164 34.03 -11.08 7.02
C LEU B 164 34.50 -11.69 8.33
N ALA B 165 33.75 -12.64 8.88
CA ALA B 165 34.16 -13.33 10.10
C ALA B 165 35.41 -14.15 9.86
N GLU B 166 35.42 -14.90 8.76
CA GLU B 166 36.61 -15.64 8.37
C GLU B 166 37.79 -14.71 8.12
N ALA B 167 37.54 -13.50 7.62
CA ALA B 167 38.66 -12.58 7.39
C ALA B 167 39.26 -12.08 8.71
N GLY B 168 38.53 -12.18 9.82
CA GLY B 168 39.04 -11.77 11.12
C GLY B 168 38.28 -10.61 11.75
N ALA B 169 37.11 -10.28 11.23
CA ALA B 169 36.36 -9.17 11.82
C ALA B 169 35.81 -9.59 13.17
N ASP B 170 35.77 -8.65 14.11
CA ASP B 170 35.23 -8.94 15.44
C ASP B 170 33.75 -8.63 15.56
N CYS B 171 33.17 -7.98 14.57
CA CYS B 171 31.79 -7.52 14.54
C CYS B 171 31.50 -7.09 13.11
N VAL B 172 30.24 -7.21 12.65
CA VAL B 172 29.94 -6.77 11.29
C VAL B 172 28.78 -5.81 11.33
N LYS B 173 28.74 -4.89 10.38
CA LYS B 173 27.75 -3.80 10.38
C LYS B 173 26.80 -3.99 9.21
N VAL B 174 25.50 -4.07 9.50
CA VAL B 174 24.48 -4.45 8.52
C VAL B 174 23.70 -3.20 8.08
N GLY B 175 23.61 -2.99 6.78
CA GLY B 175 22.80 -1.89 6.26
C GLY B 175 23.23 -1.44 4.89
N ILE B 176 22.47 -1.82 3.84
CA ILE B 176 22.69 -1.37 2.46
C ILE B 176 21.41 -0.69 2.01
N GLY B 177 21.42 0.65 2.01
CA GLY B 177 20.26 1.39 1.57
C GLY B 177 19.18 1.87 2.54
N PRO B 178 19.22 1.57 3.84
CA PRO B 178 18.14 2.06 4.71
C PRO B 178 18.32 3.48 5.24
N GLY B 179 19.49 4.10 5.13
CA GLY B 179 19.70 5.37 5.82
C GLY B 179 18.76 6.45 5.30
N SER B 180 18.41 7.36 6.22
CA SER B 180 17.46 8.43 5.86
C SER B 180 17.96 9.30 4.70
N ILE B 181 19.28 9.47 4.58
CA ILE B 181 19.87 10.32 3.55
C ILE B 181 20.41 9.52 2.36
N CYS B 182 20.07 8.24 2.28
CA CYS B 182 20.71 7.31 1.34
C CYS B 182 19.88 7.13 0.07
N THR B 183 20.57 7.09 -1.08
CA THR B 183 19.92 6.82 -2.38
C THR B 183 20.49 5.58 -3.07
N THR B 184 21.37 4.82 -2.39
CA THR B 184 21.92 3.60 -2.98
C THR B 184 20.85 2.74 -3.67
N ARG B 185 19.74 2.45 -2.99
CA ARG B 185 18.75 1.58 -3.62
C ARG B 185 18.14 2.22 -4.85
N ILE B 186 18.08 3.54 -4.87
CA ILE B 186 17.43 4.24 -5.97
C ILE B 186 18.35 4.31 -7.17
N VAL B 187 19.64 4.63 -6.94
CA VAL B 187 20.55 4.89 -8.07
C VAL B 187 21.26 3.64 -8.53
N ALA B 188 21.50 2.69 -7.64
CA ALA B 188 22.13 1.42 -8.03
C ALA B 188 21.16 0.24 -8.05
N GLY B 189 19.96 0.36 -7.46
CA GLY B 189 18.97 -0.72 -7.51
C GLY B 189 19.16 -1.80 -6.45
N VAL B 190 20.04 -1.57 -5.47
CA VAL B 190 20.61 -2.62 -4.63
C VAL B 190 20.29 -2.34 -3.18
N GLY B 191 19.93 -3.39 -2.44
CA GLY B 191 19.80 -3.26 -1.00
C GLY B 191 18.89 -4.35 -0.49
N VAL B 192 18.81 -4.46 0.85
CA VAL B 192 17.91 -5.41 1.49
C VAL B 192 17.14 -4.68 2.59
N PRO B 193 15.77 -4.68 2.54
CA PRO B 193 14.97 -4.14 3.66
C PRO B 193 15.57 -4.52 5.00
N GLN B 194 15.69 -3.53 5.89
CA GLN B 194 16.71 -3.61 6.95
C GLN B 194 16.31 -4.60 8.06
N LEU B 195 15.01 -4.80 8.32
CA LEU B 195 14.67 -5.73 9.40
C LEU B 195 15.06 -7.17 9.03
N THR B 196 14.78 -7.56 7.80
CA THR B 196 15.18 -8.87 7.26
C THR B 196 16.71 -8.97 7.17
N ALA B 197 17.37 -7.92 6.67
CA ALA B 197 18.84 -7.95 6.62
C ALA B 197 19.42 -8.25 8.02
N VAL B 198 18.98 -7.48 9.01
CA VAL B 198 19.49 -7.67 10.38
C VAL B 198 19.15 -9.06 10.90
N MET B 199 17.90 -9.49 10.73
CA MET B 199 17.50 -10.81 11.19
C MET B 199 18.32 -11.92 10.53
N ASP B 200 18.49 -11.87 9.21
CA ASP B 200 19.20 -12.95 8.54
C ASP B 200 20.70 -12.92 8.84
N CYS B 201 21.29 -11.72 8.85
CA CYS B 201 22.70 -11.60 9.24
C CYS B 201 22.93 -11.98 10.71
N ALA B 202 22.06 -11.52 11.62
CA ALA B 202 22.28 -11.81 13.03
C ALA B 202 22.21 -13.32 13.30
N GLU B 203 21.32 -14.04 12.61
N GLU B 203 21.33 -14.05 12.62
CA GLU B 203 21.21 -15.47 12.85
CA GLU B 203 21.21 -15.49 12.80
C GLU B 203 22.47 -16.20 12.43
C GLU B 203 22.47 -16.22 12.40
N GLU B 204 23.07 -15.78 11.30
CA GLU B 204 24.38 -16.33 10.93
C GLU B 204 25.45 -15.91 11.94
N GLY B 205 25.46 -14.64 12.33
CA GLY B 205 26.39 -14.22 13.39
C GLY B 205 26.25 -15.02 14.67
N LYS B 206 25.01 -15.30 15.09
CA LYS B 206 24.85 -16.09 16.31
C LYS B 206 25.49 -17.45 16.15
N LYS B 207 25.39 -18.06 14.96
CA LYS B 207 25.98 -19.39 14.84
C LYS B 207 27.51 -19.33 14.77
N LEU B 208 28.06 -18.25 14.22
CA LEU B 208 29.52 -18.14 14.16
C LEU B 208 30.13 -17.53 15.40
N GLY B 209 29.32 -16.95 16.30
CA GLY B 209 29.86 -16.22 17.44
C GLY B 209 30.36 -14.83 17.14
N ILE B 210 29.80 -14.15 16.14
CA ILE B 210 30.20 -12.79 15.77
C ILE B 210 28.99 -11.89 15.85
N PRO B 211 29.06 -10.76 16.57
CA PRO B 211 27.90 -9.86 16.68
C PRO B 211 27.68 -9.04 15.43
N VAL B 212 26.44 -8.52 15.30
CA VAL B 212 26.13 -7.67 14.15
C VAL B 212 25.46 -6.39 14.64
N ILE B 213 25.73 -5.30 13.92
CA ILE B 213 25.20 -3.98 14.22
C ILE B 213 24.11 -3.64 13.22
N ALA B 214 23.04 -3.03 13.70
CA ALA B 214 21.91 -2.66 12.86
C ALA B 214 22.09 -1.18 12.54
N ASP B 215 22.55 -0.89 11.32
CA ASP B 215 23.00 0.46 10.99
C ASP B 215 22.04 1.10 9.99
N GLY B 216 21.25 2.06 10.44
CA GLY B 216 20.54 2.88 9.48
C GLY B 216 19.06 2.56 9.43
N GLY B 217 18.25 3.57 9.05
CA GLY B 217 16.82 3.41 8.88
C GLY B 217 15.99 3.50 10.15
N LEU B 218 16.61 3.86 11.29
CA LEU B 218 15.90 3.88 12.57
C LEU B 218 15.31 5.27 12.79
N LYS B 219 14.03 5.34 13.11
CA LYS B 219 13.37 6.63 13.28
C LYS B 219 12.81 6.85 14.68
N TYR B 220 12.26 5.80 15.30
CA TYR B 220 11.61 5.85 16.62
C TYR B 220 12.28 4.85 17.55
N SER B 221 12.16 5.07 18.88
CA SER B 221 12.73 4.11 19.82
C SER B 221 12.26 2.69 19.55
N GLY B 222 11.02 2.53 19.09
CA GLY B 222 10.48 1.19 18.89
C GLY B 222 11.17 0.45 17.76
N ASP B 223 11.71 1.19 16.80
CA ASP B 223 12.52 0.58 15.73
C ASP B 223 13.77 -0.06 16.29
N ILE B 224 14.40 0.58 17.28
CA ILE B 224 15.59 -0.01 17.87
C ILE B 224 15.23 -1.30 18.59
N VAL B 225 14.08 -1.33 19.27
CA VAL B 225 13.66 -2.56 19.93
C VAL B 225 13.54 -3.68 18.93
N LYS B 226 12.93 -3.40 17.77
CA LYS B 226 12.80 -4.42 16.74
C LYS B 226 14.17 -4.92 16.30
N ALA B 227 15.12 -3.97 16.09
CA ALA B 227 16.44 -4.35 15.59
C ALA B 227 17.19 -5.21 16.59
N LEU B 228 17.10 -4.86 17.89
CA LEU B 228 17.74 -5.66 18.92
C LEU B 228 17.03 -7.01 19.08
N ALA B 229 15.70 -7.02 19.02
CA ALA B 229 14.98 -8.30 19.11
C ALA B 229 15.33 -9.23 17.96
N ALA B 230 15.57 -8.67 16.76
CA ALA B 230 16.02 -9.46 15.62
C ALA B 230 17.43 -10.01 15.77
N GLY B 231 18.18 -9.60 16.78
CA GLY B 231 19.47 -10.20 17.05
C GLY B 231 20.65 -9.25 16.97
N ALA B 232 20.46 -8.00 16.57
CA ALA B 232 21.57 -7.03 16.55
C ALA B 232 22.09 -6.76 17.96
N CYS B 233 23.43 -6.63 18.09
CA CYS B 233 24.02 -6.31 19.39
C CYS B 233 23.91 -4.84 19.73
N ALA B 234 23.70 -3.98 18.72
CA ALA B 234 23.66 -2.55 18.92
C ALA B 234 23.05 -1.90 17.69
N ALA B 235 22.59 -0.67 17.84
CA ALA B 235 21.93 0.09 16.78
C ALA B 235 22.73 1.36 16.48
N MET B 236 22.96 1.64 15.21
CA MET B 236 23.71 2.82 14.81
C MET B 236 22.77 3.80 14.14
N MET B 237 22.85 5.05 14.54
CA MET B 237 21.92 6.07 14.11
C MET B 237 22.66 7.30 13.64
N GLY B 238 22.22 7.85 12.50
CA GLY B 238 22.64 9.15 12.04
C GLY B 238 21.57 10.18 12.29
N SER B 239 20.42 10.05 11.61
CA SER B 239 19.36 11.05 11.67
C SER B 239 18.92 11.36 13.10
N ILE B 240 18.81 10.33 13.94
CA ILE B 240 18.29 10.55 15.30
C ILE B 240 19.23 11.45 16.12
N PHE B 241 20.53 11.47 15.80
CA PHE B 241 21.49 12.23 16.59
C PHE B 241 21.95 13.51 15.92
N ALA B 242 21.71 13.65 14.61
CA ALA B 242 22.32 14.72 13.82
C ALA B 242 21.77 16.09 14.21
N GLY B 243 20.56 16.14 14.75
CA GLY B 243 19.98 17.39 15.22
C GLY B 243 20.35 17.78 16.65
N CYS B 244 21.21 17.00 17.31
CA CYS B 244 21.59 17.26 18.69
C CYS B 244 22.70 18.30 18.78
N GLU B 245 22.71 19.03 19.91
CA GLU B 245 23.69 20.10 20.13
C GLU B 245 25.13 19.63 19.90
N GLU B 246 25.41 18.36 20.21
CA GLU B 246 26.75 17.80 20.21
C GLU B 246 27.19 17.37 18.82
N ALA B 247 26.27 17.32 17.85
CA ALA B 247 26.64 17.00 16.49
C ALA B 247 27.36 18.19 15.86
N PRO B 248 28.18 17.95 14.83
CA PRO B 248 28.80 19.07 14.13
C PRO B 248 27.75 19.98 13.49
N GLY B 249 28.13 21.21 13.24
CA GLY B 249 27.28 22.12 12.47
C GLY B 249 26.64 23.17 13.35
N ALA B 250 26.51 24.38 12.81
CA ALA B 250 25.84 25.44 13.54
C ALA B 250 24.34 25.17 13.64
N ILE B 251 23.72 25.78 14.64
CA ILE B 251 22.25 25.79 14.72
C ILE B 251 21.75 26.90 13.81
N GLU B 252 20.89 26.56 12.86
CA GLU B 252 20.38 27.52 11.88
C GLU B 252 18.90 27.79 12.14
N ILE B 253 18.52 29.06 12.14
CA ILE B 253 17.15 29.48 12.41
C ILE B 253 16.52 29.90 11.10
N TYR B 254 15.29 29.45 10.85
CA TYR B 254 14.56 29.81 9.64
C TYR B 254 13.09 29.80 9.97
N GLN B 255 12.42 30.94 9.77
CA GLN B 255 10.98 31.07 9.99
C GLN B 255 10.54 30.47 11.33
N GLY B 256 11.25 30.88 12.38
CA GLY B 256 10.92 30.50 13.74
C GLY B 256 11.33 29.11 14.14
N ARG B 257 11.97 28.34 13.26
CA ARG B 257 12.37 26.98 13.58
C ARG B 257 13.89 26.84 13.55
N SER B 258 14.41 25.89 14.33
CA SER B 258 15.84 25.66 14.42
C SER B 258 16.16 24.37 13.70
N TYR B 259 17.24 24.39 12.91
CA TYR B 259 17.67 23.26 12.08
C TYR B 259 19.16 22.99 12.24
N LYS B 260 19.57 21.74 11.93
CA LYS B 260 20.97 21.46 11.66
C LYS B 260 21.09 20.72 10.34
N VAL B 261 22.29 20.80 9.73
CA VAL B 261 22.57 20.14 8.46
C VAL B 261 22.79 18.66 8.72
N TYR B 262 22.22 17.81 7.88
CA TYR B 262 22.50 16.39 7.90
C TYR B 262 22.64 15.94 6.45
N ARG B 263 23.64 15.10 6.16
CA ARG B 263 23.88 14.70 4.76
C ARG B 263 24.55 13.35 4.69
N GLY B 264 24.29 12.61 3.62
CA GLY B 264 24.99 11.37 3.40
C GLY B 264 26.47 11.61 3.15
N MET B 265 27.28 10.63 3.56
CA MET B 265 28.70 10.71 3.26
C MET B 265 28.95 10.46 1.79
N GLY B 266 27.96 9.92 1.07
CA GLY B 266 28.00 9.74 -0.37
C GLY B 266 27.30 10.83 -1.14
N SER B 267 26.96 11.94 -0.50
CA SER B 267 26.39 13.07 -1.21
C SER B 267 27.49 13.91 -1.84
N LEU B 268 27.11 14.68 -2.86
CA LEU B 268 28.05 15.61 -3.49
C LEU B 268 28.81 16.44 -2.46
N GLY B 269 28.07 17.05 -1.52
CA GLY B 269 28.71 17.98 -0.59
C GLY B 269 29.74 17.31 0.30
N ALA B 270 29.42 16.12 0.81
CA ALA B 270 30.36 15.36 1.62
C ALA B 270 31.54 14.87 0.79
N MET B 271 31.29 14.39 -0.43
CA MET B 271 32.38 13.91 -1.27
C MET B 271 33.29 15.04 -1.74
N ALA B 272 32.77 16.24 -1.87
CA ALA B 272 33.64 17.36 -2.21
C ALA B 272 34.44 17.74 -0.97
N PHE B 287 31.13 13.07 -10.14
CA PHE B 287 30.55 12.39 -8.98
C PHE B 287 29.23 11.75 -9.38
N VAL B 288 29.05 10.48 -9.00
CA VAL B 288 27.74 9.83 -9.04
C VAL B 288 27.34 9.52 -7.60
N PRO B 289 26.62 10.43 -6.95
CA PRO B 289 26.41 10.30 -5.51
C PRO B 289 25.40 9.21 -5.16
N GLU B 290 25.52 8.70 -3.93
CA GLU B 290 24.52 7.79 -3.38
C GLU B 290 23.91 8.34 -2.08
N GLY B 291 23.85 9.66 -1.95
CA GLY B 291 23.21 10.28 -0.80
C GLY B 291 22.77 11.67 -1.11
N VAL B 292 22.02 12.26 -0.19
CA VAL B 292 21.44 13.59 -0.36
C VAL B 292 21.88 14.45 0.83
N GLU B 293 21.64 15.77 0.71
N GLU B 293 21.61 15.75 0.71
CA GLU B 293 22.06 16.74 1.72
CA GLU B 293 22.01 16.75 1.70
C GLU B 293 20.86 17.61 2.09
C GLU B 293 20.79 17.56 2.10
N GLY B 294 20.65 17.84 3.39
CA GLY B 294 19.50 18.59 3.82
C GLY B 294 19.58 19.05 5.27
N ARG B 295 18.39 19.35 5.81
CA ARG B 295 18.20 19.90 7.15
C ARG B 295 17.25 19.01 7.92
N ILE B 296 17.47 18.92 9.23
CA ILE B 296 16.57 18.26 10.16
C ILE B 296 16.38 19.17 11.37
N ALA B 297 15.35 18.87 12.17
CA ALA B 297 15.02 19.71 13.32
C ALA B 297 16.15 19.67 14.36
N TYR B 298 16.47 20.83 14.90
CA TYR B 298 17.33 20.87 16.08
C TYR B 298 16.61 20.23 17.26
N LYS B 299 17.36 19.34 17.91
N LYS B 299 17.31 19.32 17.94
CA LYS B 299 16.85 18.54 19.01
CA LYS B 299 16.75 18.59 19.07
C LYS B 299 17.28 18.93 20.44
C LYS B 299 17.25 18.96 20.47
N GLY B 300 18.19 19.89 20.58
CA GLY B 300 18.83 20.11 21.87
C GLY B 300 19.88 19.06 22.24
N HIS B 301 20.07 18.88 23.54
CA HIS B 301 21.18 18.07 24.04
C HIS B 301 20.95 16.58 23.86
N LEU B 302 22.04 15.87 23.56
CA LEU B 302 21.99 14.43 23.31
C LEU B 302 21.36 13.68 24.48
N ALA B 303 21.58 14.13 25.70
CA ALA B 303 21.09 13.40 26.88
C ALA B 303 19.57 13.21 26.83
N ASP B 304 18.84 14.21 26.33
CA ASP B 304 17.38 14.12 26.32
C ASP B 304 16.90 13.14 25.26
N THR B 305 17.59 13.10 24.12
CA THR B 305 17.25 12.12 23.10
C THR B 305 17.55 10.71 23.60
N ILE B 306 18.71 10.52 24.21
CA ILE B 306 19.07 9.20 24.73
C ILE B 306 18.05 8.76 25.80
N TYR B 307 17.65 9.68 26.68
CA TYR B 307 16.67 9.35 27.71
C TYR B 307 15.40 8.72 27.10
N GLN B 308 14.88 9.33 26.03
CA GLN B 308 13.67 8.81 25.40
C GLN B 308 13.91 7.47 24.72
N LEU B 309 15.03 7.33 24.02
CA LEU B 309 15.33 6.07 23.31
C LEU B 309 15.40 4.93 24.30
N ILE B 310 16.16 5.12 25.38
CA ILE B 310 16.37 4.12 26.41
C ILE B 310 15.05 3.74 27.07
N GLY B 311 14.25 4.76 27.43
CA GLY B 311 12.95 4.47 28.02
C GLY B 311 12.08 3.64 27.10
N GLY B 312 12.14 3.90 25.80
CA GLY B 312 11.35 3.10 24.87
C GLY B 312 11.87 1.67 24.78
N ILE B 313 13.19 1.49 24.76
CA ILE B 313 13.74 0.14 24.72
C ILE B 313 13.34 -0.63 25.99
N LYS B 314 13.41 0.03 27.14
CA LYS B 314 13.07 -0.63 28.39
C LYS B 314 11.60 -0.99 28.44
N SER B 315 10.75 -0.13 27.88
CA SER B 315 9.34 -0.46 27.78
C SER B 315 9.12 -1.72 26.93
N GLY B 316 9.70 -1.73 25.73
CA GLY B 316 9.60 -2.92 24.88
C GLY B 316 10.06 -4.18 25.58
N MET B 317 11.20 -4.10 26.27
CA MET B 317 11.67 -5.31 26.97
C MET B 317 10.70 -5.73 28.07
N GLY B 318 10.13 -4.77 28.79
CA GLY B 318 9.06 -5.11 29.73
C GLY B 318 7.93 -5.85 29.06
N TYR B 319 7.51 -5.38 27.88
CA TYR B 319 6.41 -6.02 27.18
C TYR B 319 6.78 -7.43 26.75
N LEU B 320 8.07 -7.69 26.51
CA LEU B 320 8.51 -9.01 26.07
C LEU B 320 9.08 -9.85 27.22
N GLY B 321 9.01 -9.33 28.45
CA GLY B 321 9.48 -10.08 29.61
C GLY B 321 10.97 -10.34 29.62
N ALA B 322 11.75 -9.48 28.96
CA ALA B 322 13.18 -9.68 28.78
C ALA B 322 13.99 -8.89 29.80
N PRO B 323 14.68 -9.55 30.74
CA PRO B 323 15.56 -8.82 31.65
C PRO B 323 16.88 -8.39 31.03
N THR B 324 17.23 -8.94 29.87
CA THR B 324 18.49 -8.67 29.20
C THR B 324 18.24 -8.67 27.70
N LEU B 325 19.23 -8.17 26.94
CA LEU B 325 19.07 -8.11 25.49
C LEU B 325 19.16 -9.50 24.86
N GLU B 326 19.97 -10.40 25.41
CA GLU B 326 19.99 -11.77 24.89
C GLU B 326 18.61 -12.42 25.05
N ASN B 327 18.00 -12.26 26.23
CA ASN B 327 16.66 -12.79 26.46
C ASN B 327 15.64 -12.16 25.51
N LEU B 328 15.80 -10.86 25.21
CA LEU B 328 14.91 -10.21 24.23
C LEU B 328 14.96 -10.95 22.90
N TYR B 329 16.16 -11.17 22.38
CA TYR B 329 16.30 -11.85 21.10
C TYR B 329 15.77 -13.28 21.15
N GLU B 330 16.08 -14.00 22.24
CA GLU B 330 15.78 -15.43 22.32
C GLU B 330 14.28 -15.69 22.30
N ASN B 331 13.46 -14.76 22.78
CA ASN B 331 12.04 -15.02 22.97
C ASN B 331 11.16 -14.10 22.14
N ALA B 332 11.72 -13.37 21.20
CA ALA B 332 10.94 -12.42 20.42
C ALA B 332 10.21 -13.11 19.27
N ASN B 333 8.93 -12.81 19.12
CA ASN B 333 8.17 -13.19 17.94
C ASN B 333 7.69 -11.92 17.27
N PHE B 334 7.67 -11.91 15.93
CA PHE B 334 7.12 -10.81 15.16
C PHE B 334 5.84 -11.21 14.45
N VAL B 335 5.03 -10.22 14.13
CA VAL B 335 4.00 -10.39 13.11
C VAL B 335 4.19 -9.33 12.05
N VAL B 336 3.76 -9.63 10.85
CA VAL B 336 3.78 -8.61 9.78
C VAL B 336 2.48 -7.81 9.83
N GLN B 337 2.57 -6.49 9.66
CA GLN B 337 1.41 -5.63 9.50
C GLN B 337 1.35 -5.07 8.08
N THR B 338 0.14 -4.81 7.61
CA THR B 338 -0.06 -4.19 6.30
C THR B 338 0.02 -2.67 6.44
N SER B 339 -0.18 -1.94 5.34
CA SER B 339 -0.17 -0.48 5.45
C SER B 339 -1.35 0.04 6.28
N ALA B 340 -2.49 -0.69 6.28
CA ALA B 340 -3.57 -0.35 7.20
C ALA B 340 -3.18 -0.62 8.65
N GLY B 341 -2.51 -1.75 8.89
CA GLY B 341 -1.96 -2.01 10.21
C GLY B 341 -1.03 -0.88 10.67
N PHE B 342 -0.20 -0.39 9.75
CA PHE B 342 0.72 0.69 10.07
C PHE B 342 -0.05 1.95 10.47
N ARG B 343 -1.15 2.23 9.78
CA ARG B 343 -1.97 3.39 10.10
C ARG B 343 -2.62 3.26 11.48
N GLU B 344 -2.98 2.03 11.87
CA GLU B 344 -3.53 1.80 13.20
C GLU B 344 -2.45 1.95 14.26
N SER B 345 -1.24 1.51 13.92
CA SER B 345 -0.12 1.52 14.86
C SER B 345 0.26 2.94 15.26
N HIS B 346 0.28 3.85 14.29
CA HIS B 346 0.50 5.25 14.59
C HIS B 346 -0.77 5.84 15.19
N PRO B 347 -0.65 6.90 15.99
CA PRO B 347 -1.85 7.68 16.36
C PRO B 347 -2.63 8.01 15.09
N HIS B 348 -3.96 7.98 15.19
CA HIS B 348 -4.81 8.22 14.05
C HIS B 348 -6.08 8.89 14.52
N ASP B 349 -6.73 9.64 13.61
CA ASP B 349 -8.01 10.34 13.83
C ASP B 349 -7.98 11.26 15.05
N ILE B 350 -6.86 11.91 15.27
CA ILE B 350 -6.75 12.92 16.33
C ILE B 350 -5.94 14.09 15.81
N ASN B 351 -6.33 15.29 16.23
CA ASN B 351 -5.51 16.49 16.01
C ASN B 351 -4.57 16.65 17.20
N ILE B 352 -3.32 16.22 17.05
CA ILE B 352 -2.34 16.29 18.12
C ILE B 352 -1.97 17.75 18.36
N THR B 353 -2.16 18.22 19.59
CA THR B 353 -1.96 19.63 19.87
C THR B 353 -0.78 19.90 20.81
N LYS B 354 -0.21 18.89 21.43
CA LYS B 354 0.91 19.06 22.34
C LYS B 354 2.07 18.20 21.88
N GLU B 355 3.27 18.71 22.08
CA GLU B 355 4.47 17.96 21.75
C GLU B 355 4.57 16.74 22.64
N ALA B 356 5.02 15.66 22.07
CA ALA B 356 5.41 14.51 22.85
C ALA B 356 6.90 14.33 22.67
N PRO B 357 7.64 14.01 23.73
CA PRO B 357 9.11 13.98 23.63
C PRO B 357 9.63 12.82 22.82
N ASN B 358 8.81 11.80 22.56
CA ASN B 358 9.27 10.63 21.82
C ASN B 358 8.43 10.34 20.56
N TYR B 359 7.63 11.31 20.10
CA TYR B 359 6.82 11.10 18.91
C TYR B 359 6.55 12.44 18.23
N SER B 360 6.75 12.49 16.92
CA SER B 360 6.50 13.65 16.08
C SER B 360 6.00 13.12 14.75
N VAL B 361 5.20 13.91 14.05
CA VAL B 361 4.66 13.48 12.77
C VAL B 361 5.10 14.44 11.66
N ALA C 5 14.19 -15.49 17.16
CA ALA C 5 13.37 -14.46 16.52
C ALA C 5 12.78 -15.00 15.22
N ARG C 6 11.46 -15.10 15.18
CA ARG C 6 10.77 -15.60 13.99
C ARG C 6 9.52 -14.79 13.69
N ILE C 7 9.17 -14.73 12.41
CA ILE C 7 7.99 -14.01 11.97
C ILE C 7 6.88 -15.03 11.86
N LEU C 8 5.87 -14.88 12.70
CA LEU C 8 4.77 -15.83 12.75
C LEU C 8 3.74 -15.82 11.65
N LYS C 9 3.26 -14.64 11.27
CA LYS C 9 2.19 -14.57 10.28
C LYS C 9 1.97 -13.09 9.97
N THR C 10 1.15 -12.83 8.97
CA THR C 10 0.57 -11.51 8.81
C THR C 10 -0.63 -11.37 9.72
N ALA C 11 -0.71 -10.22 10.39
CA ALA C 11 -1.79 -9.94 11.32
C ALA C 11 -2.54 -8.72 10.81
N TYR C 12 -3.87 -8.73 10.95
CA TYR C 12 -4.77 -7.80 10.27
C TYR C 12 -5.44 -6.85 11.26
N THR C 13 -5.72 -5.63 10.80
CA THR C 13 -6.58 -4.71 11.53
C THR C 13 -7.95 -4.68 10.84
N PHE C 14 -8.86 -3.86 11.39
CA PHE C 14 -10.24 -3.84 10.86
C PHE C 14 -10.25 -3.47 9.37
N ASP C 15 -9.49 -2.42 9.01
CA ASP C 15 -9.45 -1.91 7.65
C ASP C 15 -8.91 -2.94 6.66
N ASP C 16 -8.28 -4.00 7.15
CA ASP C 16 -7.76 -5.01 6.22
C ASP C 16 -8.82 -6.00 5.75
N VAL C 17 -10.01 -6.02 6.37
CA VAL C 17 -10.92 -7.14 6.16
C VAL C 17 -12.33 -6.64 5.91
N LEU C 18 -13.12 -7.47 5.25
CA LEU C 18 -14.55 -7.25 5.07
C LEU C 18 -15.28 -8.54 5.35
N LEU C 19 -16.52 -8.45 5.82
CA LEU C 19 -17.33 -9.63 6.04
C LEU C 19 -18.13 -10.01 4.78
N VAL C 20 -18.12 -11.27 4.44
CA VAL C 20 -18.89 -11.80 3.31
C VAL C 20 -20.36 -11.89 3.70
N PRO C 21 -21.30 -11.32 2.93
CA PRO C 21 -22.73 -11.43 3.29
C PRO C 21 -23.18 -12.88 3.29
N ASN C 22 -24.15 -13.20 4.15
CA ASN C 22 -24.75 -14.52 4.26
C ASN C 22 -26.20 -14.48 3.80
N LYS C 23 -26.75 -15.66 3.50
CA LYS C 23 -28.20 -15.74 3.34
C LYS C 23 -28.88 -15.26 4.63
N SER C 24 -29.84 -14.35 4.49
CA SER C 24 -30.53 -13.73 5.63
C SER C 24 -32.03 -13.90 5.54
N GLU C 25 -32.67 -14.13 6.69
CA GLU C 25 -34.11 -14.01 6.80
C GLU C 25 -34.51 -12.97 7.83
N VAL C 26 -33.60 -12.09 8.21
CA VAL C 26 -33.84 -11.18 9.32
C VAL C 26 -33.60 -9.75 8.84
N LEU C 27 -34.56 -8.85 9.17
CA LEU C 27 -34.30 -7.46 8.84
C LEU C 27 -33.53 -6.78 9.97
N PRO C 28 -32.71 -5.77 9.66
CA PRO C 28 -31.95 -5.07 10.73
C PRO C 28 -32.79 -4.70 11.95
N ASN C 29 -34.00 -4.16 11.75
CA ASN C 29 -34.83 -3.79 12.90
C ASN C 29 -35.29 -4.99 13.72
N GLU C 30 -35.11 -6.21 13.23
CA GLU C 30 -35.54 -7.39 13.97
C GLU C 30 -34.43 -8.02 14.81
N VAL C 31 -33.16 -7.64 14.61
CA VAL C 31 -32.07 -8.34 15.27
C VAL C 31 -31.99 -7.94 16.74
N SER C 32 -31.31 -8.76 17.55
CA SER C 32 -31.09 -8.46 18.96
C SER C 32 -29.61 -8.34 19.28
N LEU C 33 -29.26 -7.31 20.07
CA LEU C 33 -27.88 -6.96 20.39
C LEU C 33 -27.49 -7.23 21.86
N LYS C 34 -28.31 -7.93 22.62
CA LYS C 34 -27.91 -8.35 23.97
C LYS C 34 -26.66 -9.22 23.92
N THR C 35 -25.83 -9.10 24.95
CA THR C 35 -24.54 -9.80 25.02
C THR C 35 -24.18 -10.01 26.48
N GLN C 36 -23.44 -11.09 26.75
CA GLN C 36 -22.93 -11.34 28.10
C GLN C 36 -21.52 -10.77 28.19
N LEU C 37 -21.37 -9.71 28.99
CA LEU C 37 -20.06 -9.13 29.26
C LEU C 37 -19.24 -10.08 30.13
N THR C 38 -19.86 -10.65 31.15
CA THR C 38 -19.36 -11.79 31.90
C THR C 38 -20.50 -12.79 32.02
N LYS C 39 -20.26 -13.92 32.68
CA LYS C 39 -21.34 -14.87 32.87
C LYS C 39 -22.47 -14.26 33.70
N LYS C 40 -22.15 -13.26 34.53
CA LYS C 40 -23.14 -12.65 35.41
C LYS C 40 -23.65 -11.29 34.95
N ILE C 41 -23.09 -10.70 33.90
CA ILE C 41 -23.44 -9.34 33.52
C ILE C 41 -23.90 -9.34 32.06
N GLN C 42 -25.17 -9.08 31.83
CA GLN C 42 -25.70 -8.90 30.49
C GLN C 42 -25.80 -7.41 30.14
N LEU C 43 -25.48 -7.07 28.91
CA LEU C 43 -25.68 -5.73 28.37
C LEU C 43 -26.73 -5.78 27.27
N ASN C 44 -27.55 -4.73 27.18
CA ASN C 44 -28.51 -4.69 26.07
C ASN C 44 -27.84 -4.36 24.75
N ILE C 45 -26.77 -3.57 24.75
CA ILE C 45 -25.99 -3.34 23.53
C ILE C 45 -24.53 -3.60 23.88
N PRO C 46 -23.72 -4.12 22.94
CA PRO C 46 -22.35 -4.54 23.26
C PRO C 46 -21.32 -3.42 23.13
N LEU C 47 -21.60 -2.28 23.76
CA LEU C 47 -20.72 -1.12 23.67
C LEU C 47 -20.30 -0.66 25.07
N MET C 48 -19.02 -0.30 25.22
CA MET C 48 -18.47 0.18 26.48
C MET C 48 -17.67 1.44 26.20
N SER C 49 -17.73 2.41 27.11
CA SER C 49 -16.88 3.59 27.00
C SER C 49 -15.59 3.40 27.80
N ALA C 50 -14.48 3.87 27.20
CA ALA C 50 -13.12 3.65 27.70
C ALA C 50 -12.89 4.33 29.04
N SER C 51 -12.00 3.72 29.83
CA SER C 51 -11.72 4.17 31.19
C SER C 51 -10.61 5.22 31.15
N MET C 52 -10.95 6.40 30.62
CA MET C 52 -9.96 7.43 30.37
C MET C 52 -10.45 8.74 30.93
N ASP C 53 -9.52 9.60 31.37
CA ASP C 53 -9.90 10.83 32.03
C ASP C 53 -10.45 11.88 31.06
N THR C 54 -10.51 11.57 29.77
CA THR C 54 -11.21 12.41 28.81
C THR C 54 -12.39 11.68 28.16
N VAL C 55 -12.83 10.55 28.73
CA VAL C 55 -13.95 9.80 28.15
C VAL C 55 -15.01 9.49 29.20
N THR C 56 -14.66 8.86 30.33
CA THR C 56 -15.71 8.33 31.23
C THR C 56 -15.53 8.75 32.69
N GLU C 57 -16.34 9.70 33.14
CA GLU C 57 -16.71 9.81 34.54
C GLU C 57 -18.20 9.46 34.68
N SER C 58 -18.81 9.80 35.81
CA SER C 58 -20.15 9.29 36.10
C SER C 58 -21.18 9.79 35.09
N LYS C 59 -21.00 11.01 34.58
CA LYS C 59 -21.91 11.52 33.57
C LYS C 59 -21.92 10.62 32.34
N MET C 60 -20.74 10.26 31.84
CA MET C 60 -20.68 9.33 30.72
C MET C 60 -21.21 7.95 31.12
N ALA C 61 -20.81 7.46 32.31
CA ALA C 61 -21.16 6.11 32.69
C ALA C 61 -22.67 5.94 32.81
N ILE C 62 -23.35 6.98 33.30
CA ILE C 62 -24.81 6.98 33.41
C ILE C 62 -25.45 6.96 32.04
N ALA C 63 -24.97 7.81 31.12
CA ALA C 63 -25.56 7.84 29.78
C ALA C 63 -25.32 6.53 29.05
N MET C 64 -24.10 6.00 29.11
CA MET C 64 -23.83 4.70 28.50
C MET C 64 -24.79 3.65 29.02
N ALA C 65 -25.03 3.65 30.34
CA ALA C 65 -25.89 2.65 30.95
C ALA C 65 -27.34 2.82 30.50
N ARG C 66 -27.83 4.05 30.49
CA ARG C 66 -29.19 4.28 30.01
C ARG C 66 -29.37 3.83 28.56
N GLU C 67 -28.30 3.90 27.75
CA GLU C 67 -28.42 3.43 26.37
C GLU C 67 -28.30 1.92 26.24
N GLY C 68 -27.90 1.22 27.30
CA GLY C 68 -27.80 -0.23 27.28
C GLY C 68 -26.38 -0.76 27.40
N GLY C 69 -25.37 0.10 27.36
CA GLY C 69 -24.00 -0.32 27.50
C GLY C 69 -23.49 -0.09 28.91
N ILE C 70 -22.23 0.33 29.02
CA ILE C 70 -21.63 0.52 30.33
C ILE C 70 -20.39 1.40 30.16
N GLY C 71 -20.12 2.25 31.15
CA GLY C 71 -18.88 3.02 31.22
C GLY C 71 -18.02 2.49 32.35
N ILE C 72 -16.70 2.51 32.14
CA ILE C 72 -15.73 2.14 33.14
C ILE C 72 -15.13 3.43 33.68
N ILE C 73 -15.33 3.73 34.95
CA ILE C 73 -14.89 5.03 35.49
C ILE C 73 -13.37 4.99 35.67
N HIS C 74 -12.69 6.02 35.15
CA HIS C 74 -11.22 6.02 35.18
C HIS C 74 -10.70 6.19 36.60
N LYS C 75 -9.43 5.82 36.79
CA LYS C 75 -8.83 5.79 38.13
C LYS C 75 -7.86 6.93 38.39
N ASN C 76 -7.81 7.94 37.50
CA ASN C 76 -6.96 9.12 37.69
C ASN C 76 -7.68 10.15 38.57
N MET C 77 -7.85 9.79 39.83
CA MET C 77 -8.61 10.56 40.80
C MET C 77 -8.47 9.83 42.12
N THR C 78 -8.81 10.52 43.21
CA THR C 78 -8.70 9.90 44.52
C THR C 78 -9.53 8.63 44.57
N ILE C 79 -9.14 7.71 45.44
CA ILE C 79 -10.01 6.57 45.72
C ILE C 79 -11.37 7.08 46.15
N GLU C 80 -11.38 8.12 46.98
N GLU C 80 -11.39 8.12 46.99
CA GLU C 80 -12.63 8.67 47.49
CA GLU C 80 -12.65 8.65 47.48
C GLU C 80 -13.50 9.23 46.36
C GLU C 80 -13.50 9.21 46.34
N ASP C 81 -12.88 9.94 45.41
CA ASP C 81 -13.63 10.50 44.29
C ASP C 81 -14.19 9.39 43.40
N GLN C 82 -13.44 8.31 43.25
CA GLN C 82 -13.89 7.30 42.29
C GLN C 82 -15.00 6.45 42.88
N ALA C 83 -14.93 6.16 44.18
CA ALA C 83 -16.08 5.57 44.86
C ALA C 83 -17.29 6.49 44.78
N ARG C 84 -17.07 7.79 44.99
CA ARG C 84 -18.16 8.76 44.83
C ARG C 84 -18.76 8.69 43.43
N GLU C 85 -17.92 8.58 42.40
CA GLU C 85 -18.45 8.55 41.04
C GLU C 85 -19.23 7.26 40.77
N VAL C 86 -18.71 6.11 41.25
CA VAL C 86 -19.43 4.84 41.11
C VAL C 86 -20.76 4.90 41.85
N ASP C 87 -20.74 5.43 43.06
CA ASP C 87 -21.97 5.54 43.84
C ASP C 87 -23.00 6.40 43.13
N ARG C 88 -22.54 7.49 42.49
CA ARG C 88 -23.47 8.37 41.79
C ARG C 88 -24.17 7.64 40.65
N VAL C 89 -23.43 6.79 39.93
CA VAL C 89 -24.03 5.99 38.89
C VAL C 89 -25.04 4.99 39.48
N LYS C 90 -24.62 4.26 40.52
CA LYS C 90 -25.45 3.17 41.03
C LYS C 90 -26.76 3.68 41.62
N ARG C 91 -26.74 4.85 42.25
CA ARG C 91 -27.97 5.37 42.83
C ARG C 91 -28.88 6.03 41.81
N SER C 92 -28.42 6.18 40.57
CA SER C 92 -29.23 6.81 39.53
C SER C 92 -30.17 5.82 38.85
N GLY C 93 -30.69 4.85 39.60
CA GLY C 93 -31.71 3.96 39.10
C GLY C 93 -31.27 2.56 38.75
N GLY C 94 -30.30 1.98 39.47
CA GLY C 94 -29.92 0.61 39.18
C GLY C 94 -29.20 0.45 37.87
N LEU C 95 -28.37 1.41 37.51
CA LEU C 95 -27.57 1.36 36.31
C LEU C 95 -26.29 0.56 36.55
N LEU C 96 -25.81 -0.14 35.52
CA LEU C 96 -24.53 -0.81 35.61
C LEU C 96 -23.40 0.22 35.63
N CYS C 97 -22.34 -0.10 36.38
CA CYS C 97 -21.18 0.77 36.45
C CYS C 97 -19.93 -0.09 36.55
N GLY C 98 -18.85 0.34 35.90
CA GLY C 98 -17.54 -0.24 36.08
C GLY C 98 -16.55 0.79 36.61
N ALA C 99 -15.41 0.30 37.10
CA ALA C 99 -14.35 1.19 37.57
C ALA C 99 -12.98 0.56 37.30
N SER C 100 -12.03 1.41 36.89
CA SER C 100 -10.65 0.99 36.66
C SER C 100 -9.85 0.84 37.94
N ILE C 101 -9.08 -0.24 38.01
CA ILE C 101 -8.13 -0.51 39.09
C ILE C 101 -6.77 -0.68 38.45
N GLY C 102 -5.73 -0.20 39.13
CA GLY C 102 -4.37 -0.37 38.68
C GLY C 102 -3.55 -1.30 39.54
N VAL C 103 -2.41 -1.75 39.03
CA VAL C 103 -1.44 -2.51 39.81
C VAL C 103 -0.63 -1.52 40.62
N THR C 104 -1.15 -1.15 41.79
CA THR C 104 -0.62 -0.13 42.68
C THR C 104 -0.55 -0.69 44.09
N ASN C 105 0.16 0.02 44.97
CA ASN C 105 0.21 -0.34 46.39
C ASN C 105 -1.15 -0.26 47.06
N ASP C 106 -2.01 0.63 46.61
CA ASP C 106 -3.33 0.78 47.19
C ASP C 106 -4.42 0.06 46.40
N MET C 107 -4.03 -0.87 45.50
CA MET C 107 -4.99 -1.60 44.69
C MET C 107 -6.19 -2.08 45.51
N MET C 108 -5.94 -2.76 46.62
CA MET C 108 -7.03 -3.36 47.38
C MET C 108 -7.87 -2.29 48.08
N GLU C 109 -7.22 -1.21 48.54
CA GLU C 109 -7.96 -0.10 49.11
C GLU C 109 -8.96 0.48 48.10
N ARG C 110 -8.51 0.66 46.87
CA ARG C 110 -9.38 1.22 45.84
C ARG C 110 -10.49 0.24 45.48
N VAL C 111 -10.14 -1.04 45.30
CA VAL C 111 -11.15 -2.07 45.09
C VAL C 111 -12.16 -2.05 46.23
N ASP C 112 -11.66 -1.99 47.48
CA ASP C 112 -12.56 -1.97 48.63
C ASP C 112 -13.56 -0.82 48.52
N ALA C 113 -13.10 0.35 48.11
CA ALA C 113 -14.00 1.49 48.09
C ALA C 113 -15.03 1.38 46.97
N VAL C 114 -14.62 0.89 45.80
CA VAL C 114 -15.61 0.84 44.72
C VAL C 114 -16.58 -0.31 44.92
N VAL C 115 -16.18 -1.40 45.58
CA VAL C 115 -17.16 -2.43 45.91
C VAL C 115 -18.13 -1.91 46.96
N LYS C 116 -17.61 -1.16 47.94
CA LYS C 116 -18.50 -0.51 48.91
C LYS C 116 -19.53 0.35 48.21
N ALA C 117 -19.13 1.02 47.12
CA ALA C 117 -20.05 1.80 46.32
C ALA C 117 -20.92 0.94 45.40
N LYS C 118 -20.80 -0.39 45.48
CA LYS C 118 -21.57 -1.37 44.68
C LYS C 118 -21.24 -1.30 43.19
N VAL C 119 -19.95 -1.23 42.87
CA VAL C 119 -19.53 -1.37 41.47
C VAL C 119 -19.93 -2.75 40.95
N ASP C 120 -20.32 -2.81 39.68
CA ASP C 120 -20.74 -4.08 39.09
C ASP C 120 -19.58 -4.86 38.49
N VAL C 121 -18.53 -4.18 38.07
CA VAL C 121 -17.38 -4.85 37.49
C VAL C 121 -16.19 -3.92 37.68
N ILE C 122 -15.03 -4.50 37.99
CA ILE C 122 -13.80 -3.73 37.97
C ILE C 122 -13.01 -4.16 36.75
N VAL C 123 -12.20 -3.24 36.26
CA VAL C 123 -11.26 -3.51 35.18
C VAL C 123 -9.87 -3.31 35.76
N LEU C 124 -9.15 -4.39 35.96
CA LEU C 124 -7.74 -4.30 36.31
C LEU C 124 -7.02 -4.05 34.99
N ASP C 125 -6.79 -2.78 34.67
CA ASP C 125 -6.32 -2.41 33.34
C ASP C 125 -4.95 -1.75 33.42
N THR C 126 -4.06 -2.26 32.57
CA THR C 126 -2.66 -1.89 32.56
C THR C 126 -2.23 -1.90 31.11
N ALA C 127 -1.07 -1.30 30.86
CA ALA C 127 -0.46 -1.38 29.54
C ALA C 127 -0.15 -2.82 29.16
N HIS C 128 0.18 -3.67 30.13
CA HIS C 128 0.61 -5.02 29.79
C HIS C 128 -0.08 -6.01 30.75
N GLY C 129 -1.25 -6.51 30.33
CA GLY C 129 -2.03 -7.40 31.17
C GLY C 129 -1.44 -8.78 31.37
N HIS C 130 -0.58 -9.25 30.45
CA HIS C 130 0.06 -10.56 30.55
C HIS C 130 1.32 -10.43 31.42
N SER C 131 1.11 -10.21 32.72
CA SER C 131 2.24 -9.87 33.58
C SER C 131 2.00 -10.42 34.98
N LYS C 132 3.11 -10.61 35.70
CA LYS C 132 3.04 -11.09 37.08
C LYS C 132 2.14 -10.19 37.92
N GLY C 133 2.26 -8.87 37.75
CA GLY C 133 1.47 -7.94 38.55
C GLY C 133 -0.02 -8.16 38.37
N VAL C 134 -0.48 -8.23 37.13
CA VAL C 134 -1.90 -8.39 36.88
C VAL C 134 -2.38 -9.76 37.34
N ILE C 135 -1.62 -10.81 37.02
CA ILE C 135 -2.02 -12.17 37.39
C ILE C 135 -2.19 -12.28 38.91
N GLU C 136 -1.19 -11.82 39.66
CA GLU C 136 -1.28 -11.84 41.12
C GLU C 136 -2.37 -10.88 41.60
N GLY C 137 -2.51 -9.74 40.93
CA GLY C 137 -3.56 -8.80 41.26
C GLY C 137 -4.95 -9.41 41.13
N VAL C 138 -5.21 -10.09 40.00
CA VAL C 138 -6.49 -10.78 39.84
C VAL C 138 -6.69 -11.80 40.95
N LYS C 139 -5.66 -12.60 41.24
CA LYS C 139 -5.83 -13.66 42.23
C LYS C 139 -6.13 -13.08 43.61
N ARG C 140 -5.56 -11.92 43.94
CA ARG C 140 -5.87 -11.36 45.25
C ARG C 140 -7.31 -10.86 45.31
N ILE C 141 -7.76 -10.20 44.24
CA ILE C 141 -9.11 -9.63 44.24
C ILE C 141 -10.15 -10.73 44.34
N LYS C 142 -10.00 -11.78 43.52
CA LYS C 142 -10.95 -12.88 43.57
C LYS C 142 -10.87 -13.65 44.87
N ALA C 143 -9.70 -13.64 45.54
CA ALA C 143 -9.59 -14.32 46.83
C ALA C 143 -10.32 -13.56 47.91
N LYS C 144 -10.40 -12.23 47.80
CA LYS C 144 -11.15 -11.48 48.79
C LYS C 144 -12.61 -11.30 48.40
N TYR C 145 -12.89 -11.04 47.12
CA TYR C 145 -14.26 -10.90 46.62
C TYR C 145 -14.49 -11.92 45.53
N PRO C 146 -14.79 -13.18 45.89
CA PRO C 146 -14.97 -14.22 44.88
C PRO C 146 -16.05 -13.90 43.86
N GLU C 147 -17.05 -13.13 44.24
CA GLU C 147 -18.20 -12.82 43.40
C GLU C 147 -17.99 -11.58 42.54
N LEU C 148 -16.97 -10.78 42.83
CA LEU C 148 -16.75 -9.55 42.08
C LEU C 148 -16.34 -9.86 40.65
N GLN C 149 -17.07 -9.30 39.69
CA GLN C 149 -16.75 -9.50 38.29
C GLN C 149 -15.50 -8.71 37.94
N VAL C 150 -14.53 -9.38 37.31
CA VAL C 150 -13.21 -8.82 37.08
C VAL C 150 -12.89 -8.96 35.60
N ILE C 151 -12.77 -7.84 34.91
CA ILE C 151 -12.16 -7.77 33.60
C ILE C 151 -10.67 -7.47 33.79
N ALA C 152 -9.81 -8.20 33.08
CA ALA C 152 -8.37 -8.02 33.17
C ALA C 152 -7.80 -7.69 31.78
N GLY C 153 -6.87 -6.74 31.71
CA GLY C 153 -6.28 -6.37 30.43
C GLY C 153 -5.10 -5.44 30.62
N ASN C 154 -4.52 -4.99 29.51
CA ASN C 154 -4.89 -5.41 28.15
C ASN C 154 -3.91 -6.44 27.64
N ILE C 155 -4.36 -7.24 26.67
CA ILE C 155 -3.63 -8.40 26.17
C ILE C 155 -3.80 -8.47 24.66
N ALA C 156 -3.04 -9.38 24.06
CA ALA C 156 -3.15 -9.56 22.62
C ALA C 156 -2.85 -10.99 22.17
N THR C 157 -2.75 -11.97 23.07
CA THR C 157 -2.38 -13.33 22.68
C THR C 157 -3.28 -14.34 23.36
N PRO C 158 -3.47 -15.52 22.75
CA PRO C 158 -4.23 -16.58 23.41
C PRO C 158 -3.57 -17.11 24.68
N GLU C 159 -2.24 -17.07 24.76
CA GLU C 159 -1.58 -17.47 25.99
C GLU C 159 -1.97 -16.53 27.14
N ALA C 160 -2.09 -15.23 26.85
CA ALA C 160 -2.52 -14.29 27.85
C ALA C 160 -3.96 -14.56 28.29
N VAL C 161 -4.85 -14.90 27.34
CA VAL C 161 -6.22 -15.26 27.69
C VAL C 161 -6.23 -16.41 28.67
N ARG C 162 -5.48 -17.47 28.35
CA ARG C 162 -5.43 -18.64 29.20
C ARG C 162 -4.88 -18.30 30.58
N ASP C 163 -3.77 -17.55 30.63
CA ASP C 163 -3.17 -17.25 31.92
C ASP C 163 -4.10 -16.41 32.80
N LEU C 164 -4.79 -15.44 32.22
CA LEU C 164 -5.63 -14.58 33.04
C LEU C 164 -6.93 -15.27 33.42
N ALA C 165 -7.48 -16.12 32.56
CA ALA C 165 -8.59 -16.98 32.94
C ALA C 165 -8.21 -17.88 34.11
N GLU C 166 -7.05 -18.51 33.99
CA GLU C 166 -6.54 -19.39 35.04
C GLU C 166 -6.37 -18.62 36.35
N ALA C 167 -6.12 -17.31 36.26
CA ALA C 167 -6.01 -16.49 37.46
C ALA C 167 -7.36 -16.22 38.08
N GLY C 168 -8.45 -16.40 37.34
CA GLY C 168 -9.76 -16.08 37.85
C GLY C 168 -10.44 -14.89 37.18
N ALA C 169 -9.89 -14.36 36.09
CA ALA C 169 -10.58 -13.29 35.40
C ALA C 169 -11.90 -13.80 34.85
N ASP C 170 -12.90 -12.93 34.84
CA ASP C 170 -14.21 -13.25 34.29
C ASP C 170 -14.38 -12.78 32.87
N CYS C 171 -13.43 -12.00 32.38
CA CYS C 171 -13.45 -11.44 31.03
C CYS C 171 -12.08 -10.83 30.82
N VAL C 172 -11.62 -10.81 29.56
CA VAL C 172 -10.31 -10.23 29.30
C VAL C 172 -10.45 -9.21 28.18
N LYS C 173 -9.66 -8.15 28.27
CA LYS C 173 -9.75 -7.05 27.33
C LYS C 173 -8.55 -7.06 26.39
N VAL C 174 -8.84 -7.07 25.09
CA VAL C 174 -7.83 -7.18 24.07
C VAL C 174 -7.50 -5.86 23.42
N GLY C 175 -6.21 -5.58 23.31
CA GLY C 175 -5.79 -4.37 22.65
C GLY C 175 -4.49 -3.78 23.10
N ILE C 176 -3.48 -4.01 22.29
CA ILE C 176 -2.16 -3.47 22.53
C ILE C 176 -1.77 -2.65 21.30
N GLY C 177 -1.72 -1.33 21.48
CA GLY C 177 -1.33 -0.40 20.45
C GLY C 177 -2.30 0.09 19.37
N PRO C 178 -3.60 -0.38 19.40
CA PRO C 178 -4.45 0.14 18.32
C PRO C 178 -5.20 1.44 18.61
N GLY C 179 -5.08 1.99 19.80
CA GLY C 179 -5.87 3.17 20.16
C GLY C 179 -5.55 4.36 19.29
N SER C 180 -6.56 5.21 19.07
CA SER C 180 -6.32 6.39 18.26
C SER C 180 -5.20 7.26 18.83
N ILE C 181 -5.07 7.29 20.17
CA ILE C 181 -4.13 8.16 20.88
C ILE C 181 -2.87 7.41 21.32
N CYS C 182 -2.67 6.19 20.84
CA CYS C 182 -1.64 5.32 21.37
C CYS C 182 -0.38 5.31 20.49
N THR C 183 0.78 5.31 21.16
CA THR C 183 2.09 5.23 20.49
C THR C 183 2.89 4.02 20.95
N THR C 184 2.28 3.14 21.76
CA THR C 184 2.98 1.97 22.27
C THR C 184 3.73 1.25 21.15
N ARG C 185 3.06 1.02 20.02
CA ARG C 185 3.74 0.29 18.93
C ARG C 185 4.94 1.07 18.40
N ILE C 186 4.84 2.39 18.41
CA ILE C 186 5.89 3.22 17.81
C ILE C 186 7.07 3.36 18.78
N VAL C 187 6.78 3.60 20.05
CA VAL C 187 7.85 3.84 21.01
C VAL C 187 8.42 2.54 21.58
N ALA C 188 7.62 1.48 21.67
CA ALA C 188 8.11 0.22 22.23
C ALA C 188 8.30 -0.87 21.18
N GLY C 189 7.68 -0.72 20.01
CA GLY C 189 7.82 -1.72 18.97
C GLY C 189 6.82 -2.88 19.02
N VAL C 190 5.85 -2.82 19.95
CA VAL C 190 5.12 -3.97 20.44
C VAL C 190 3.62 -3.79 20.16
N GLY C 191 3.00 -4.85 19.70
CA GLY C 191 1.55 -4.87 19.60
C GLY C 191 1.15 -5.83 18.51
N VAL C 192 -0.16 -5.99 18.36
CA VAL C 192 -0.73 -6.92 17.38
C VAL C 192 -1.90 -6.22 16.71
N PRO C 193 -1.90 -6.11 15.38
CA PRO C 193 -3.07 -5.55 14.68
C PRO C 193 -4.39 -6.13 15.21
N GLN C 194 -5.39 -5.25 15.39
CA GLN C 194 -6.42 -5.52 16.38
C GLN C 194 -7.41 -6.61 15.91
N LEU C 195 -7.66 -6.75 14.60
CA LEU C 195 -8.63 -7.76 14.18
C LEU C 195 -8.06 -9.17 14.42
N THR C 196 -6.82 -9.40 14.01
CA THR C 196 -6.17 -10.67 14.33
C THR C 196 -6.10 -10.89 15.85
N ALA C 197 -5.75 -9.84 16.61
CA ALA C 197 -5.66 -9.97 18.06
C ALA C 197 -6.99 -10.44 18.66
N VAL C 198 -8.09 -9.80 18.28
CA VAL C 198 -9.41 -10.19 18.79
C VAL C 198 -9.77 -11.60 18.33
N MET C 199 -9.51 -11.92 17.07
CA MET C 199 -9.90 -13.23 16.57
C MET C 199 -9.15 -14.32 17.30
N ASP C 200 -7.82 -14.18 17.41
CA ASP C 200 -7.06 -15.27 18.04
C ASP C 200 -7.35 -15.37 19.53
N CYS C 201 -7.53 -14.23 20.21
CA CYS C 201 -7.86 -14.28 21.64
C CYS C 201 -9.29 -14.78 21.88
N ALA C 202 -10.25 -14.36 21.06
CA ALA C 202 -11.63 -14.84 21.25
C ALA C 202 -11.70 -16.35 21.00
N GLU C 203 -10.96 -16.86 20.02
CA GLU C 203 -10.96 -18.30 19.79
C GLU C 203 -10.52 -19.04 21.06
N GLU C 204 -9.46 -18.58 21.70
CA GLU C 204 -9.04 -19.23 22.94
C GLU C 204 -10.09 -19.04 24.04
N GLY C 205 -10.65 -17.83 24.14
CA GLY C 205 -11.62 -17.60 25.19
C GLY C 205 -12.86 -18.47 25.03
N LYS C 206 -13.31 -18.69 23.78
CA LYS C 206 -14.41 -19.61 23.56
C LYS C 206 -14.08 -21.00 24.09
N LYS C 207 -12.83 -21.47 23.89
CA LYS C 207 -12.48 -22.81 24.39
C LYS C 207 -12.52 -22.89 25.90
N LEU C 208 -12.30 -21.78 26.60
CA LEU C 208 -12.22 -21.79 28.05
C LEU C 208 -13.49 -21.26 28.71
N GLY C 209 -14.41 -20.70 27.95
CA GLY C 209 -15.61 -20.12 28.50
C GLY C 209 -15.46 -18.71 29.04
N ILE C 210 -14.47 -17.95 28.58
CA ILE C 210 -14.25 -16.59 29.06
C ILE C 210 -14.44 -15.62 27.91
N PRO C 211 -15.23 -14.56 28.08
CA PRO C 211 -15.43 -13.60 26.99
C PRO C 211 -14.23 -12.67 26.86
N VAL C 212 -14.12 -12.09 25.67
CA VAL C 212 -13.08 -11.11 25.40
C VAL C 212 -13.74 -9.83 24.89
N ILE C 213 -13.13 -8.69 25.24
CA ILE C 213 -13.58 -7.38 24.83
C ILE C 213 -12.62 -6.86 23.77
N ALA C 214 -13.16 -6.24 22.71
CA ALA C 214 -12.33 -5.62 21.69
C ALA C 214 -12.15 -4.14 22.02
N ASP C 215 -10.95 -3.77 22.50
CA ASP C 215 -10.66 -2.43 23.04
C ASP C 215 -9.67 -1.68 22.17
N GLY C 216 -10.13 -0.63 21.50
CA GLY C 216 -9.28 0.32 20.82
C GLY C 216 -9.30 0.15 19.32
N GLY C 217 -9.03 1.25 18.60
CA GLY C 217 -8.89 1.20 17.15
C GLY C 217 -10.17 1.25 16.34
N LEU C 218 -11.32 1.37 16.99
CA LEU C 218 -12.60 1.39 16.28
C LEU C 218 -12.91 2.82 15.84
N LYS C 219 -13.30 2.98 14.58
CA LYS C 219 -13.59 4.30 14.03
C LYS C 219 -14.99 4.45 13.48
N TYR C 220 -15.51 3.43 12.80
CA TYR C 220 -16.83 3.43 12.18
C TYR C 220 -17.67 2.31 12.77
N SER C 221 -18.98 2.42 12.61
CA SER C 221 -19.88 1.36 13.09
C SER C 221 -19.53 0.02 12.46
N GLY C 222 -19.09 0.00 11.21
CA GLY C 222 -18.71 -1.28 10.60
C GLY C 222 -17.51 -1.94 11.26
N ASP C 223 -16.63 -1.15 11.89
CA ASP C 223 -15.52 -1.77 12.62
C ASP C 223 -16.01 -2.58 13.82
N ILE C 224 -17.08 -2.11 14.47
CA ILE C 224 -17.63 -2.83 15.60
C ILE C 224 -18.23 -4.14 15.13
N VAL C 225 -18.89 -4.13 13.95
CA VAL C 225 -19.43 -5.38 13.41
C VAL C 225 -18.32 -6.39 13.21
N LYS C 226 -17.16 -5.94 12.70
CA LYS C 226 -16.06 -6.86 12.48
C LYS C 226 -15.54 -7.42 13.80
N ALA C 227 -15.49 -6.58 14.83
CA ALA C 227 -14.91 -7.01 16.10
C ALA C 227 -15.82 -8.02 16.77
N LEU C 228 -17.13 -7.77 16.71
CA LEU C 228 -18.11 -8.73 17.22
C LEU C 228 -18.11 -10.01 16.39
N ALA C 229 -18.03 -9.89 15.05
CA ALA C 229 -18.02 -11.09 14.21
C ALA C 229 -16.74 -11.90 14.45
N ALA C 230 -15.65 -11.24 14.81
CA ALA C 230 -14.41 -11.91 15.14
C ALA C 230 -14.46 -12.60 16.51
N GLY C 231 -15.50 -12.36 17.29
CA GLY C 231 -15.74 -13.11 18.52
C GLY C 231 -15.76 -12.29 19.80
N ALA C 232 -15.49 -10.98 19.78
CA ALA C 232 -15.58 -10.19 21.00
C ALA C 232 -17.02 -10.17 21.52
N CYS C 233 -17.18 -10.16 22.85
CA CYS C 233 -18.50 -9.98 23.44
C CYS C 233 -18.94 -8.53 23.45
N ALA C 234 -18.00 -7.59 23.32
CA ALA C 234 -18.30 -6.17 23.46
C ALA C 234 -17.14 -5.37 22.88
N ALA C 235 -17.40 -4.11 22.55
CA ALA C 235 -16.41 -3.23 21.96
C ALA C 235 -16.28 -2.00 22.85
N MET C 236 -15.03 -1.63 23.15
CA MET C 236 -14.68 -0.48 23.99
C MET C 236 -14.14 0.62 23.10
N MET C 237 -14.56 1.85 23.36
CA MET C 237 -14.24 2.97 22.49
C MET C 237 -13.89 4.21 23.30
N GLY C 238 -12.78 4.87 22.96
CA GLY C 238 -12.51 6.18 23.56
C GLY C 238 -12.83 7.29 22.56
N SER C 239 -12.14 7.25 21.42
CA SER C 239 -12.27 8.30 20.41
C SER C 239 -13.72 8.51 20.00
N ILE C 240 -14.46 7.43 19.74
CA ILE C 240 -15.82 7.59 19.25
C ILE C 240 -16.70 8.32 20.27
N PHE C 241 -16.38 8.22 21.57
CA PHE C 241 -17.19 8.87 22.61
C PHE C 241 -16.58 10.14 23.19
N ALA C 242 -15.31 10.43 22.96
CA ALA C 242 -14.68 11.54 23.68
C ALA C 242 -15.26 12.89 23.27
N GLY C 243 -15.82 12.98 22.06
CA GLY C 243 -16.39 14.22 21.58
C GLY C 243 -17.82 14.46 21.99
N CYS C 244 -18.42 13.51 22.70
CA CYS C 244 -19.80 13.64 23.12
C CYS C 244 -19.93 14.55 24.35
N GLU C 245 -21.11 15.17 24.48
CA GLU C 245 -21.35 16.10 25.57
C GLU C 245 -21.06 15.48 26.94
N GLU C 246 -21.30 14.17 27.09
CA GLU C 246 -21.22 13.50 28.38
C GLU C 246 -19.80 13.09 28.77
N ALA C 247 -18.82 13.20 27.87
CA ALA C 247 -17.43 12.99 28.21
C ALA C 247 -16.89 14.20 28.98
N PRO C 248 -15.82 14.03 29.78
CA PRO C 248 -15.26 15.17 30.53
C PRO C 248 -14.66 16.21 29.59
N GLY C 249 -14.60 17.44 30.09
CA GLY C 249 -13.97 18.52 29.36
C GLY C 249 -14.97 19.50 28.78
N ALA C 250 -14.56 20.75 28.70
CA ALA C 250 -15.40 21.77 28.09
C ALA C 250 -15.39 21.63 26.57
N ILE C 251 -16.37 22.28 25.94
CA ILE C 251 -16.40 22.45 24.49
C ILE C 251 -15.60 23.69 24.16
N GLU C 252 -14.57 23.54 23.33
CA GLU C 252 -13.76 24.67 22.90
C GLU C 252 -14.02 24.96 21.43
N ILE C 253 -14.10 26.25 21.10
CA ILE C 253 -14.43 26.72 19.76
C ILE C 253 -13.16 27.30 19.15
N TYR C 254 -12.95 27.02 17.86
CA TYR C 254 -11.79 27.57 17.15
C TYR C 254 -12.13 27.63 15.67
N GLN C 255 -12.14 28.84 15.11
CA GLN C 255 -12.43 29.04 13.69
C GLN C 255 -13.78 28.41 13.31
N GLY C 256 -14.80 28.65 14.13
CA GLY C 256 -16.14 28.19 13.83
C GLY C 256 -16.39 26.70 14.05
N ARG C 257 -15.42 25.95 14.58
CA ARG C 257 -15.60 24.54 14.83
C ARG C 257 -15.50 24.24 16.32
N SER C 258 -16.29 23.29 16.80
CA SER C 258 -16.24 22.91 18.21
C SER C 258 -15.47 21.61 18.41
N TYR C 259 -14.74 21.54 19.52
CA TYR C 259 -13.78 20.48 19.80
C TYR C 259 -13.91 20.03 21.25
N LYS C 260 -13.40 18.84 21.53
CA LYS C 260 -13.17 18.40 22.90
C LYS C 260 -11.77 17.83 23.00
N VAL C 261 -11.20 17.84 24.21
CA VAL C 261 -9.86 17.31 24.40
C VAL C 261 -9.93 15.79 24.49
N TYR C 262 -8.94 15.13 23.91
CA TYR C 262 -8.80 13.69 24.03
C TYR C 262 -7.32 13.35 24.07
N ARG C 263 -6.93 12.46 25.00
CA ARG C 263 -5.52 12.17 25.24
C ARG C 263 -5.36 10.76 25.76
N GLY C 264 -4.20 10.15 25.49
CA GLY C 264 -3.92 8.85 26.06
C GLY C 264 -3.69 8.95 27.55
N MET C 265 -4.06 7.89 28.28
CA MET C 265 -3.72 7.87 29.70
C MET C 265 -2.22 7.70 29.93
N GLY C 266 -1.48 7.28 28.91
CA GLY C 266 -0.03 7.29 28.92
C GLY C 266 0.59 8.50 28.27
N SER C 267 -0.20 9.54 27.98
CA SER C 267 0.34 10.78 27.48
C SER C 267 0.96 11.57 28.64
N LEU C 268 1.84 12.51 28.30
CA LEU C 268 2.45 13.34 29.36
C LEU C 268 1.40 14.04 30.20
N GLY C 269 0.37 14.59 29.56
CA GLY C 269 -0.64 15.35 30.28
C GLY C 269 -1.39 14.52 31.30
N ALA C 270 -1.75 13.28 30.92
CA ALA C 270 -2.53 12.43 31.81
C ALA C 270 -1.69 11.91 32.98
N MET C 271 -0.40 11.63 32.74
CA MET C 271 0.45 11.15 33.82
C MET C 271 0.86 12.25 34.79
N ALA C 272 0.76 13.51 34.38
CA ALA C 272 1.05 14.62 35.29
C ALA C 272 -0.07 14.82 36.32
N PHE C 287 9.79 10.97 32.30
CA PHE C 287 8.57 10.52 31.64
C PHE C 287 8.77 10.17 30.17
N VAL C 288 8.43 8.93 29.83
CA VAL C 288 8.51 8.39 28.47
C VAL C 288 7.08 7.94 28.18
N PRO C 289 6.32 8.79 27.52
CA PRO C 289 4.90 8.52 27.28
C PRO C 289 4.70 7.40 26.24
N GLU C 290 3.49 6.82 26.29
CA GLU C 290 3.02 5.92 25.23
C GLU C 290 1.67 6.35 24.69
N GLY C 291 1.40 7.66 24.71
CA GLY C 291 0.21 8.25 24.12
C GLY C 291 0.44 9.70 23.78
N VAL C 292 -0.54 10.27 23.06
CA VAL C 292 -0.47 11.66 22.61
C VAL C 292 -1.69 12.40 23.14
N GLU C 293 -1.62 13.73 23.08
N GLU C 293 -1.62 13.73 23.05
CA GLU C 293 -2.70 14.58 23.56
CA GLU C 293 -2.65 14.62 23.53
C GLU C 293 -3.12 15.53 22.45
C GLU C 293 -3.13 15.49 22.37
N GLY C 294 -4.44 15.69 22.30
CA GLY C 294 -4.96 16.55 21.26
C GLY C 294 -6.44 16.82 21.39
N ARG C 295 -7.09 17.01 20.24
CA ARG C 295 -8.50 17.40 20.18
C ARG C 295 -9.21 16.60 19.09
N ILE C 296 -10.51 16.40 19.30
CA ILE C 296 -11.39 15.78 18.33
C ILE C 296 -12.64 16.62 18.21
N ALA C 297 -13.33 16.45 17.09
CA ALA C 297 -14.58 17.17 16.84
C ALA C 297 -15.61 16.93 17.94
N TYR C 298 -16.33 18.00 18.30
CA TYR C 298 -17.47 17.86 19.19
C TYR C 298 -18.64 17.22 18.43
N LYS C 299 -19.25 16.20 19.03
CA LYS C 299 -20.29 15.41 18.36
C LYS C 299 -21.69 15.61 18.93
N GLY C 300 -21.84 16.37 20.02
CA GLY C 300 -23.16 16.48 20.62
C GLY C 300 -23.48 15.36 21.60
N HIS C 301 -24.74 15.00 21.71
CA HIS C 301 -25.17 14.09 22.78
C HIS C 301 -24.88 12.65 22.42
N LEU C 302 -24.44 11.89 23.42
CA LEU C 302 -24.08 10.49 23.23
C LEU C 302 -25.18 9.73 22.50
N ALA C 303 -26.45 10.00 22.84
CA ALA C 303 -27.58 9.28 22.26
C ALA C 303 -27.55 9.30 20.72
N ASP C 304 -27.18 10.43 20.13
CA ASP C 304 -27.14 10.52 18.67
C ASP C 304 -26.03 9.64 18.10
N THR C 305 -24.89 9.58 18.77
CA THR C 305 -23.81 8.71 18.31
C THR C 305 -24.19 7.24 18.46
N ILE C 306 -24.74 6.87 19.62
CA ILE C 306 -25.13 5.48 19.86
C ILE C 306 -26.14 5.03 18.81
N TYR C 307 -27.13 5.88 18.52
CA TYR C 307 -28.13 5.56 17.51
C TYR C 307 -27.48 5.13 16.19
N GLN C 308 -26.48 5.90 15.73
CA GLN C 308 -25.84 5.55 14.46
C GLN C 308 -25.02 4.27 14.57
N LEU C 309 -24.32 4.08 15.70
CA LEU C 309 -23.52 2.87 15.85
C LEU C 309 -24.43 1.64 15.81
N ILE C 310 -25.54 1.68 16.53
CA ILE C 310 -26.43 0.55 16.64
C ILE C 310 -27.12 0.27 15.32
N GLY C 311 -27.49 1.31 14.57
CA GLY C 311 -28.11 1.07 13.28
C GLY C 311 -27.16 0.37 12.32
N GLY C 312 -25.89 0.75 12.34
CA GLY C 312 -24.95 0.13 11.42
C GLY C 312 -24.63 -1.28 11.84
N ILE C 313 -24.56 -1.52 13.15
CA ILE C 313 -24.39 -2.89 13.64
C ILE C 313 -25.58 -3.75 13.22
N LYS C 314 -26.80 -3.24 13.42
CA LYS C 314 -27.97 -4.03 13.03
C LYS C 314 -28.00 -4.25 11.52
N SER C 315 -27.53 -3.26 10.74
CA SER C 315 -27.48 -3.47 9.30
C SER C 315 -26.51 -4.60 8.97
N GLY C 316 -25.31 -4.58 9.56
CA GLY C 316 -24.35 -5.64 9.31
C GLY C 316 -24.87 -7.03 9.71
N MET C 317 -25.54 -7.13 10.85
CA MET C 317 -26.11 -8.41 11.23
C MET C 317 -27.23 -8.84 10.29
N GLY C 318 -27.98 -7.90 9.73
CA GLY C 318 -28.92 -8.25 8.68
C GLY C 318 -28.22 -8.86 7.47
N TYR C 319 -27.14 -8.23 6.99
CA TYR C 319 -26.38 -8.74 5.86
C TYR C 319 -25.79 -10.11 6.16
N LEU C 320 -25.49 -10.38 7.43
CA LEU C 320 -24.93 -11.65 7.86
C LEU C 320 -26.01 -12.65 8.29
N GLY C 321 -27.28 -12.28 8.23
CA GLY C 321 -28.29 -13.27 8.53
C GLY C 321 -28.32 -13.66 10.00
N ALA C 322 -27.81 -12.79 10.88
CA ALA C 322 -27.63 -12.98 12.31
C ALA C 322 -28.72 -12.27 13.08
N PRO C 323 -29.75 -12.98 13.58
CA PRO C 323 -30.77 -12.33 14.41
C PRO C 323 -30.27 -11.93 15.78
N THR C 324 -29.21 -12.59 16.26
CA THR C 324 -28.62 -12.31 17.56
C THR C 324 -27.12 -12.46 17.41
N LEU C 325 -26.39 -12.28 18.51
CA LEU C 325 -24.94 -12.13 18.40
C LEU C 325 -24.14 -13.43 18.43
N GLU C 326 -24.68 -14.54 18.95
N GLU C 326 -24.70 -14.51 18.97
CA GLU C 326 -23.86 -15.75 19.00
CA GLU C 326 -24.00 -15.79 19.04
C GLU C 326 -23.62 -16.32 17.61
C GLU C 326 -23.66 -16.31 17.65
N ASN C 327 -24.69 -16.63 16.88
CA ASN C 327 -24.50 -17.12 15.52
C ASN C 327 -23.71 -16.16 14.64
N LEU C 328 -23.54 -14.89 15.04
CA LEU C 328 -22.73 -13.98 14.22
C LEU C 328 -21.29 -14.49 14.11
N TYR C 329 -20.69 -14.91 15.23
CA TYR C 329 -19.31 -15.39 15.17
C TYR C 329 -19.21 -16.70 14.39
N GLU C 330 -20.15 -17.62 14.65
CA GLU C 330 -20.18 -18.91 13.97
C GLU C 330 -20.34 -18.76 12.46
N ASN C 331 -20.99 -17.70 12.00
CA ASN C 331 -21.27 -17.58 10.57
C ASN C 331 -20.44 -16.51 9.90
N ALA C 332 -19.37 -16.05 10.54
CA ALA C 332 -18.58 -14.94 10.04
C ALA C 332 -17.49 -15.46 9.10
N ASN C 333 -17.48 -14.96 7.87
CA ASN C 333 -16.39 -15.24 6.92
C ASN C 333 -15.86 -13.90 6.44
N PHE C 334 -14.57 -13.66 6.68
CA PHE C 334 -13.85 -12.46 6.31
C PHE C 334 -13.13 -12.69 4.98
N VAL C 335 -12.99 -11.64 4.17
CA VAL C 335 -11.98 -11.66 3.12
C VAL C 335 -11.01 -10.53 3.44
N VAL C 336 -9.79 -10.67 2.99
CA VAL C 336 -8.79 -9.61 3.14
C VAL C 336 -8.91 -8.69 1.93
N GLN C 337 -8.87 -7.37 2.13
CA GLN C 337 -8.79 -6.45 1.00
C GLN C 337 -7.46 -5.73 1.01
N THR C 338 -7.00 -5.35 -0.21
CA THR C 338 -5.77 -4.59 -0.39
C THR C 338 -6.06 -3.11 -0.15
N SER C 339 -5.03 -2.28 -0.27
CA SER C 339 -5.27 -0.84 -0.16
C SER C 339 -6.14 -0.34 -1.32
N ALA C 340 -6.04 -0.94 -2.51
CA ALA C 340 -7.02 -0.59 -3.54
C ALA C 340 -8.44 -1.05 -3.15
N GLY C 341 -8.59 -2.21 -2.52
CA GLY C 341 -9.91 -2.60 -2.04
C GLY C 341 -10.45 -1.61 -1.03
N PHE C 342 -9.58 -1.12 -0.15
CA PHE C 342 -10.00 -0.13 0.84
C PHE C 342 -10.49 1.14 0.15
N ARG C 343 -9.83 1.55 -0.94
CA ARG C 343 -10.29 2.74 -1.65
C ARG C 343 -11.66 2.49 -2.27
N GLU C 344 -11.90 1.27 -2.77
CA GLU C 344 -13.24 0.94 -3.28
C GLU C 344 -14.27 0.94 -2.16
N SER C 345 -13.89 0.46 -0.98
CA SER C 345 -14.86 0.30 0.11
C SER C 345 -15.39 1.64 0.58
N HIS C 346 -14.52 2.64 0.69
CA HIS C 346 -14.98 3.99 1.00
C HIS C 346 -15.64 4.61 -0.22
N PRO C 347 -16.49 5.59 -0.01
CA PRO C 347 -16.89 6.43 -1.14
C PRO C 347 -15.66 6.95 -1.89
N HIS C 348 -15.80 7.09 -3.21
CA HIS C 348 -14.68 7.46 -4.06
C HIS C 348 -15.22 8.18 -5.29
N ASP C 349 -14.41 9.10 -5.83
CA ASP C 349 -14.73 9.79 -7.08
C ASP C 349 -16.03 10.58 -6.98
N ILE C 350 -16.32 11.11 -5.79
CA ILE C 350 -17.49 11.96 -5.55
C ILE C 350 -17.04 13.14 -4.69
N ASN C 351 -17.56 14.33 -4.99
CA ASN C 351 -17.37 15.48 -4.12
C ASN C 351 -18.53 15.54 -3.13
N ILE C 352 -18.34 14.97 -1.93
CA ILE C 352 -19.42 14.89 -0.95
C ILE C 352 -19.74 16.28 -0.43
N THR C 353 -20.97 16.74 -0.68
CA THR C 353 -21.36 18.07 -0.26
C THR C 353 -22.34 18.11 0.90
N LYS C 354 -22.87 16.97 1.34
CA LYS C 354 -23.83 16.93 2.44
C LYS C 354 -23.28 16.09 3.57
N GLU C 355 -23.55 16.52 4.81
CA GLU C 355 -23.14 15.76 5.98
C GLU C 355 -23.87 14.43 6.01
N ALA C 356 -23.13 13.35 6.31
CA ALA C 356 -23.78 12.08 6.62
C ALA C 356 -23.61 11.78 8.11
N PRO C 357 -24.65 11.33 8.80
CA PRO C 357 -24.54 11.19 10.26
C PRO C 357 -23.61 10.07 10.71
N ASN C 358 -23.29 9.12 9.83
CA ASN C 358 -22.46 7.97 10.21
C ASN C 358 -21.21 7.85 9.35
N TYR C 359 -20.88 8.88 8.58
CA TYR C 359 -19.69 8.81 7.74
C TYR C 359 -19.01 10.16 7.68
N SER C 360 -17.70 10.17 7.96
CA SER C 360 -16.85 11.32 7.71
C SER C 360 -15.39 10.87 7.51
N ASN D 2 -20.84 -25.67 15.61
CA ASN D 2 -19.60 -25.35 16.29
C ASN D 2 -18.57 -24.69 15.37
N ALA D 3 -19.07 -23.97 14.37
CA ALA D 3 -18.22 -23.29 13.42
C ALA D 3 -17.55 -22.11 14.08
N MET D 4 -16.48 -21.62 13.48
CA MET D 4 -15.74 -20.48 14.02
C MET D 4 -15.53 -19.42 12.94
N ALA D 5 -15.30 -18.19 13.36
CA ALA D 5 -15.06 -17.10 12.43
C ALA D 5 -13.76 -17.40 11.70
N ARG D 6 -13.67 -17.04 10.43
CA ARG D 6 -12.45 -17.30 9.68
C ARG D 6 -12.18 -16.30 8.55
N ILE D 7 -10.92 -16.24 8.14
CA ILE D 7 -10.48 -15.36 7.05
C ILE D 7 -10.35 -16.32 5.88
N LEU D 8 -11.11 -16.09 4.82
CA LEU D 8 -11.15 -17.06 3.73
C LEU D 8 -9.98 -16.90 2.79
N LYS D 9 -9.84 -15.70 2.21
CA LYS D 9 -8.84 -15.47 1.18
C LYS D 9 -8.70 -13.97 1.02
N THR D 10 -7.72 -13.56 0.21
CA THR D 10 -7.65 -12.19 -0.27
C THR D 10 -8.58 -12.02 -1.47
N ALA D 11 -9.32 -10.91 -1.50
CA ALA D 11 -10.26 -10.59 -2.55
C ALA D 11 -9.89 -9.26 -3.17
N TYR D 12 -10.15 -9.11 -4.47
CA TYR D 12 -9.51 -8.09 -5.31
C TYR D 12 -10.56 -7.21 -5.94
N THR D 13 -10.23 -5.94 -6.11
CA THR D 13 -11.03 -5.02 -6.89
C THR D 13 -10.35 -4.82 -8.25
N PHE D 14 -11.00 -4.04 -9.13
CA PHE D 14 -10.46 -3.86 -10.49
C PHE D 14 -9.04 -3.33 -10.44
N ASP D 15 -8.79 -2.33 -9.59
CA ASP D 15 -7.46 -1.72 -9.53
C ASP D 15 -6.37 -2.70 -9.08
N ASP D 16 -6.75 -3.83 -8.49
CA ASP D 16 -5.78 -4.84 -8.08
C ASP D 16 -5.25 -5.69 -9.21
N VAL D 17 -5.89 -5.71 -10.40
CA VAL D 17 -5.51 -6.69 -11.40
C VAL D 17 -5.35 -6.04 -12.77
N LEU D 18 -4.71 -6.79 -13.66
CA LEU D 18 -4.48 -6.41 -15.05
C LEU D 18 -4.66 -7.64 -15.90
N LEU D 19 -5.13 -7.42 -17.13
CA LEU D 19 -5.32 -8.50 -18.09
C LEU D 19 -4.05 -8.70 -18.89
N VAL D 20 -3.62 -9.95 -19.01
CA VAL D 20 -2.41 -10.27 -19.76
C VAL D 20 -2.74 -10.28 -21.26
N PRO D 21 -1.96 -9.61 -22.10
CA PRO D 21 -2.27 -9.64 -23.55
C PRO D 21 -2.19 -11.06 -24.09
N ASN D 22 -3.09 -11.38 -25.04
CA ASN D 22 -3.07 -12.64 -25.77
C ASN D 22 -2.60 -12.44 -27.20
N LYS D 23 -2.21 -13.55 -27.85
N LYS D 23 -2.22 -13.55 -27.84
CA LYS D 23 -2.04 -13.55 -29.29
CA LYS D 23 -2.04 -13.53 -29.29
C LYS D 23 -3.33 -13.06 -29.93
C LYS D 23 -3.33 -13.04 -29.91
N SER D 24 -3.24 -12.07 -30.81
CA SER D 24 -4.43 -11.50 -31.40
C SER D 24 -4.39 -11.61 -32.91
N GLU D 25 -5.51 -12.04 -33.49
CA GLU D 25 -5.72 -11.95 -34.93
C GLU D 25 -6.94 -11.08 -35.24
N VAL D 26 -7.31 -10.18 -34.34
CA VAL D 26 -8.54 -9.42 -34.48
C VAL D 26 -8.24 -7.97 -34.09
N LEU D 27 -8.56 -7.06 -34.99
CA LEU D 27 -8.40 -5.63 -34.70
C LEU D 27 -9.57 -5.14 -33.86
N PRO D 28 -9.37 -4.09 -33.06
CA PRO D 28 -10.48 -3.58 -32.22
C PRO D 28 -11.75 -3.26 -32.99
N ASN D 29 -11.66 -2.84 -34.26
CA ASN D 29 -12.88 -2.56 -35.02
C ASN D 29 -13.56 -3.80 -35.56
N GLU D 30 -12.95 -4.97 -35.43
CA GLU D 30 -13.54 -6.21 -35.89
C GLU D 30 -14.33 -6.94 -34.81
N VAL D 31 -14.33 -6.46 -33.56
CA VAL D 31 -14.85 -7.24 -32.45
C VAL D 31 -16.34 -6.97 -32.29
N SER D 32 -17.06 -7.93 -31.68
CA SER D 32 -18.50 -7.83 -31.46
C SER D 32 -18.76 -7.67 -29.97
N LEU D 33 -19.55 -6.66 -29.60
CA LEU D 33 -19.85 -6.42 -28.18
C LEU D 33 -21.23 -6.96 -27.78
N LYS D 34 -21.88 -7.75 -28.64
CA LYS D 34 -23.21 -8.27 -28.31
C LYS D 34 -23.16 -9.21 -27.12
N THR D 35 -24.23 -9.19 -26.32
CA THR D 35 -24.26 -9.99 -25.10
C THR D 35 -25.70 -10.34 -24.78
N GLN D 36 -25.88 -11.45 -24.08
CA GLN D 36 -27.19 -11.86 -23.66
C GLN D 36 -27.37 -11.44 -22.20
N LEU D 37 -28.22 -10.45 -21.98
CA LEU D 37 -28.52 -9.98 -20.64
C LEU D 37 -29.24 -11.12 -19.92
N THR D 38 -30.08 -11.82 -20.67
CA THR D 38 -30.84 -12.97 -20.22
C THR D 38 -30.97 -13.81 -21.46
N LYS D 39 -31.45 -15.04 -21.34
CA LYS D 39 -31.56 -15.90 -22.51
C LYS D 39 -32.43 -15.20 -23.55
N LYS D 40 -33.49 -14.57 -23.08
CA LYS D 40 -34.40 -13.80 -23.91
C LYS D 40 -33.90 -12.47 -24.47
N ILE D 41 -33.12 -11.74 -23.68
CA ILE D 41 -32.67 -10.42 -24.09
C ILE D 41 -31.21 -10.23 -24.49
N GLN D 42 -31.01 -9.72 -25.70
CA GLN D 42 -29.67 -9.41 -26.19
C GLN D 42 -29.45 -7.90 -26.18
N LEU D 43 -28.23 -7.48 -25.84
CA LEU D 43 -27.80 -6.10 -25.89
C LEU D 43 -26.71 -5.96 -26.95
N ASN D 44 -26.76 -4.88 -27.73
CA ASN D 44 -25.71 -4.68 -28.73
C ASN D 44 -24.40 -4.26 -28.09
N ILE D 45 -24.44 -3.62 -26.92
CA ILE D 45 -23.25 -3.34 -26.11
C ILE D 45 -23.58 -3.65 -24.67
N PRO D 46 -22.57 -4.14 -23.87
CA PRO D 46 -22.83 -4.68 -22.53
C PRO D 46 -22.87 -3.64 -21.40
N LEU D 47 -23.65 -2.59 -21.58
CA LEU D 47 -23.61 -1.47 -20.65
C LEU D 47 -25.02 -1.17 -20.18
N MET D 48 -25.15 -0.85 -18.89
CA MET D 48 -26.44 -0.55 -18.27
C MET D 48 -26.31 0.71 -17.42
N SER D 49 -27.34 1.55 -17.39
CA SER D 49 -27.33 2.68 -16.48
C SER D 49 -28.05 2.32 -15.17
N ALA D 50 -27.50 2.83 -14.07
CA ALA D 50 -27.95 2.44 -12.75
C ALA D 50 -29.38 2.91 -12.46
N SER D 51 -30.08 2.17 -11.62
N SER D 51 -30.07 2.15 -11.63
CA SER D 51 -31.48 2.48 -11.31
CA SER D 51 -31.44 2.43 -11.22
C SER D 51 -31.55 3.42 -10.11
C SER D 51 -31.41 3.40 -10.03
N MET D 52 -31.06 4.64 -10.32
CA MET D 52 -30.98 5.64 -9.27
C MET D 52 -31.62 6.94 -9.73
N ASP D 53 -32.15 7.68 -8.75
CA ASP D 53 -32.87 8.90 -9.07
C ASP D 53 -31.94 10.03 -9.48
N THR D 54 -30.62 9.82 -9.50
CA THR D 54 -29.73 10.78 -10.12
C THR D 54 -29.06 10.24 -11.38
N VAL D 55 -29.51 9.09 -11.88
CA VAL D 55 -28.88 8.48 -13.05
C VAL D 55 -29.91 8.19 -14.16
N THR D 56 -30.99 7.46 -13.88
CA THR D 56 -31.81 6.92 -14.96
C THR D 56 -33.30 7.22 -14.79
N GLU D 57 -33.81 8.09 -15.67
CA GLU D 57 -35.24 8.11 -15.96
C GLU D 57 -35.42 7.89 -17.46
N SER D 58 -36.58 8.24 -18.03
CA SER D 58 -36.85 7.82 -19.40
C SER D 58 -35.87 8.47 -20.40
N LYS D 59 -35.46 9.72 -20.14
CA LYS D 59 -34.50 10.37 -21.02
C LYS D 59 -33.20 9.55 -21.11
N MET D 60 -32.67 9.10 -19.96
CA MET D 60 -31.47 8.29 -20.00
C MET D 60 -31.72 6.91 -20.57
N ALA D 61 -32.84 6.28 -20.19
CA ALA D 61 -33.12 4.95 -20.69
C ALA D 61 -33.26 4.96 -22.21
N ILE D 62 -33.91 5.99 -22.77
CA ILE D 62 -34.01 6.07 -24.22
C ILE D 62 -32.63 6.18 -24.85
N ALA D 63 -31.79 7.05 -24.29
CA ALA D 63 -30.46 7.24 -24.89
C ALA D 63 -29.61 5.98 -24.74
N MET D 64 -29.62 5.35 -23.56
CA MET D 64 -28.91 4.08 -23.40
C MET D 64 -29.33 3.02 -24.41
N ALA D 65 -30.65 2.86 -24.61
CA ALA D 65 -31.13 1.84 -25.54
C ALA D 65 -30.76 2.20 -26.98
N ARG D 66 -30.86 3.48 -27.34
CA ARG D 66 -30.42 3.92 -28.67
C ARG D 66 -28.94 3.66 -28.90
N GLU D 67 -28.11 3.72 -27.85
CA GLU D 67 -26.69 3.38 -27.96
C GLU D 67 -26.46 1.88 -28.01
N GLY D 68 -27.48 1.06 -27.75
CA GLY D 68 -27.33 -0.37 -27.76
C GLY D 68 -27.30 -1.01 -26.40
N GLY D 69 -27.41 -0.24 -25.32
CA GLY D 69 -27.44 -0.81 -23.99
C GLY D 69 -28.84 -0.75 -23.44
N ILE D 70 -28.98 -0.47 -22.14
CA ILE D 70 -30.31 -0.45 -21.53
C ILE D 70 -30.23 0.36 -20.24
N GLY D 71 -31.33 1.03 -19.91
CA GLY D 71 -31.45 1.75 -18.65
C GLY D 71 -32.51 1.11 -17.77
N ILE D 72 -32.29 1.15 -16.47
CA ILE D 72 -33.25 0.67 -15.49
C ILE D 72 -33.88 1.88 -14.81
N ILE D 73 -35.19 2.07 -15.05
CA ILE D 73 -35.93 3.16 -14.41
C ILE D 73 -36.03 2.93 -12.91
N HIS D 74 -35.65 3.95 -12.13
CA HIS D 74 -35.63 3.84 -10.67
C HIS D 74 -37.05 3.85 -10.12
N LYS D 75 -37.20 3.38 -8.89
CA LYS D 75 -38.51 3.24 -8.26
C LYS D 75 -38.80 4.31 -7.24
N ASN D 76 -37.98 5.37 -7.18
CA ASN D 76 -38.22 6.46 -6.25
C ASN D 76 -39.26 7.43 -6.82
N MET D 77 -40.42 6.87 -7.14
CA MET D 77 -41.55 7.61 -7.72
C MET D 77 -42.78 6.73 -7.57
N THR D 78 -43.95 7.35 -7.73
CA THR D 78 -45.20 6.60 -7.66
C THR D 78 -45.19 5.46 -8.67
N ILE D 79 -46.00 4.44 -8.40
CA ILE D 79 -46.19 3.35 -9.34
C ILE D 79 -46.63 3.88 -10.69
N GLU D 80 -47.55 4.85 -10.69
CA GLU D 80 -48.09 5.38 -11.94
C GLU D 80 -47.02 6.09 -12.75
N ASP D 81 -46.19 6.90 -12.08
CA ASP D 81 -45.12 7.61 -12.76
C ASP D 81 -44.08 6.66 -13.34
N GLN D 82 -43.77 5.58 -12.62
CA GLN D 82 -42.80 4.62 -13.15
C GLN D 82 -43.35 3.95 -14.39
N ALA D 83 -44.62 3.53 -14.35
CA ALA D 83 -45.28 2.97 -15.53
C ALA D 83 -45.23 3.95 -16.69
N ARG D 84 -45.54 5.22 -16.43
CA ARG D 84 -45.45 6.24 -17.46
C ARG D 84 -44.03 6.36 -18.01
N GLU D 85 -43.01 6.29 -17.15
CA GLU D 85 -41.63 6.40 -17.63
C GLU D 85 -41.26 5.23 -18.53
N VAL D 86 -41.60 4.00 -18.10
CA VAL D 86 -41.41 2.83 -18.96
C VAL D 86 -42.12 3.04 -20.30
N ASP D 87 -43.33 3.59 -20.25
CA ASP D 87 -44.14 3.71 -21.46
C ASP D 87 -43.51 4.69 -22.44
N ARG D 88 -42.95 5.79 -21.93
CA ARG D 88 -42.29 6.75 -22.81
C ARG D 88 -41.14 6.08 -23.55
N VAL D 89 -40.38 5.23 -22.86
CA VAL D 89 -39.30 4.53 -23.51
C VAL D 89 -39.77 3.55 -24.57
N LYS D 90 -40.80 2.79 -24.25
CA LYS D 90 -41.33 1.78 -25.15
C LYS D 90 -41.87 2.39 -26.44
N ARG D 91 -42.48 3.54 -26.33
CA ARG D 91 -43.04 4.22 -27.48
C ARG D 91 -41.98 4.65 -28.50
N SER D 92 -40.78 4.99 -28.04
CA SER D 92 -39.76 5.46 -28.97
C SER D 92 -39.07 4.36 -29.75
N GLY D 93 -39.79 3.75 -30.67
CA GLY D 93 -39.23 2.71 -31.50
C GLY D 93 -39.05 1.32 -30.94
N GLY D 94 -39.71 0.98 -29.85
CA GLY D 94 -39.52 -0.38 -29.36
C GLY D 94 -38.21 -0.60 -28.62
N LEU D 95 -37.56 0.47 -28.19
CA LEU D 95 -36.35 0.37 -27.38
C LEU D 95 -36.59 -0.49 -26.14
N LEU D 96 -35.57 -1.25 -25.76
CA LEU D 96 -35.58 -2.00 -24.52
C LEU D 96 -35.69 -1.07 -23.32
N CYS D 97 -36.35 -1.55 -22.26
CA CYS D 97 -36.46 -0.77 -21.03
C CYS D 97 -36.47 -1.70 -19.81
N GLY D 98 -35.93 -1.21 -18.70
CA GLY D 98 -35.92 -1.98 -17.47
C GLY D 98 -36.52 -1.17 -16.35
N ALA D 99 -37.04 -1.83 -15.33
CA ALA D 99 -37.62 -1.12 -14.22
C ALA D 99 -37.29 -1.71 -12.86
N SER D 100 -37.07 -0.83 -11.91
CA SER D 100 -36.76 -1.23 -10.55
C SER D 100 -38.01 -1.48 -9.72
N ILE D 101 -37.88 -2.50 -8.92
CA ILE D 101 -38.87 -3.06 -7.98
C ILE D 101 -38.25 -3.42 -6.63
N GLY D 102 -38.91 -3.02 -5.56
CA GLY D 102 -38.44 -3.32 -4.22
C GLY D 102 -39.24 -4.43 -3.55
N VAL D 103 -38.70 -4.92 -2.43
CA VAL D 103 -39.45 -5.85 -1.59
C VAL D 103 -40.39 -5.06 -0.70
N THR D 104 -41.59 -4.79 -1.20
CA THR D 104 -42.52 -3.90 -0.52
C THR D 104 -43.90 -4.53 -0.48
N ASN D 105 -44.77 -3.95 0.35
CA ASN D 105 -46.13 -4.45 0.43
C ASN D 105 -46.88 -4.27 -0.89
N ASP D 106 -46.52 -3.25 -1.66
CA ASP D 106 -47.18 -2.99 -2.94
C ASP D 106 -46.34 -3.51 -4.12
N MET D 107 -45.43 -4.46 -3.84
CA MET D 107 -44.53 -4.98 -4.86
C MET D 107 -45.27 -5.45 -6.11
N MET D 108 -46.28 -6.31 -5.95
CA MET D 108 -46.95 -6.87 -7.12
C MET D 108 -47.76 -5.81 -7.87
N GLU D 109 -48.27 -4.80 -7.17
N GLU D 109 -48.28 -4.80 -7.16
CA GLU D 109 -48.97 -3.71 -7.85
CA GLU D 109 -48.96 -3.69 -7.83
C GLU D 109 -48.02 -2.91 -8.73
C GLU D 109 -48.01 -2.92 -8.74
N ARG D 110 -46.77 -2.71 -8.28
CA ARG D 110 -45.80 -2.00 -9.12
C ARG D 110 -45.40 -2.87 -10.32
N VAL D 111 -45.07 -4.14 -10.08
CA VAL D 111 -44.81 -5.08 -11.17
C VAL D 111 -45.94 -5.05 -12.19
N ASP D 112 -47.20 -5.14 -11.73
CA ASP D 112 -48.35 -5.14 -12.64
C ASP D 112 -48.30 -3.94 -13.59
N ALA D 113 -48.04 -2.75 -13.04
CA ALA D 113 -48.12 -1.53 -13.84
C ALA D 113 -46.98 -1.43 -14.85
N VAL D 114 -45.78 -1.85 -14.47
CA VAL D 114 -44.70 -1.77 -15.47
C VAL D 114 -44.84 -2.88 -16.51
N VAL D 115 -45.38 -4.04 -16.12
CA VAL D 115 -45.73 -5.08 -17.09
C VAL D 115 -46.76 -4.55 -18.10
N LYS D 116 -47.81 -3.88 -17.59
CA LYS D 116 -48.79 -3.24 -18.46
C LYS D 116 -48.12 -2.27 -19.44
N ALA D 117 -47.08 -1.54 -18.99
CA ALA D 117 -46.35 -0.62 -19.85
C ALA D 117 -45.37 -1.32 -20.77
N LYS D 118 -45.28 -2.66 -20.68
CA LYS D 118 -44.47 -3.51 -21.56
C LYS D 118 -42.98 -3.38 -21.26
N VAL D 119 -42.64 -3.19 -19.98
CA VAL D 119 -41.25 -3.23 -19.57
C VAL D 119 -40.68 -4.59 -19.99
N ASP D 120 -39.42 -4.59 -20.39
CA ASP D 120 -38.78 -5.81 -20.87
C ASP D 120 -38.12 -6.63 -19.78
N VAL D 121 -37.58 -5.99 -18.75
CA VAL D 121 -36.98 -6.70 -17.63
C VAL D 121 -37.26 -5.88 -16.36
N ILE D 122 -37.39 -6.54 -15.23
CA ILE D 122 -37.57 -5.82 -13.99
C ILE D 122 -36.39 -6.25 -13.15
N VAL D 123 -35.96 -5.39 -12.26
CA VAL D 123 -34.86 -5.71 -11.41
C VAL D 123 -35.37 -5.67 -9.99
N LEU D 124 -35.28 -6.79 -9.28
CA LEU D 124 -35.72 -6.78 -7.90
C LEU D 124 -34.48 -6.28 -7.23
N ASP D 125 -34.53 -4.98 -6.95
CA ASP D 125 -33.45 -4.21 -6.42
C ASP D 125 -33.43 -4.06 -4.92
N THR D 126 -32.39 -4.61 -4.30
CA THR D 126 -32.25 -4.52 -2.86
C THR D 126 -30.78 -4.48 -2.46
N ALA D 127 -30.54 -3.97 -1.26
CA ALA D 127 -29.21 -3.90 -0.71
C ALA D 127 -28.67 -5.29 -0.42
N HIS D 128 -29.56 -6.24 -0.16
CA HIS D 128 -29.11 -7.58 0.23
C HIS D 128 -30.02 -8.57 -0.50
N GLY D 129 -29.64 -8.89 -1.74
CA GLY D 129 -30.40 -9.81 -2.57
C GLY D 129 -30.40 -11.25 -2.10
N HIS D 130 -29.41 -11.66 -1.30
CA HIS D 130 -29.40 -13.03 -0.80
C HIS D 130 -30.27 -13.14 0.44
N SER D 131 -31.58 -13.01 0.24
CA SER D 131 -32.45 -12.91 1.40
C SER D 131 -33.78 -13.59 1.12
N LYS D 132 -34.47 -13.96 2.21
CA LYS D 132 -35.78 -14.58 2.07
C LYS D 132 -36.75 -13.70 1.29
N GLY D 133 -36.72 -12.39 1.54
CA GLY D 133 -37.67 -11.50 0.86
C GLY D 133 -37.48 -11.50 -0.65
N VAL D 134 -36.23 -11.40 -1.10
CA VAL D 134 -35.95 -11.37 -2.54
C VAL D 134 -36.24 -12.71 -3.18
N ILE D 135 -35.86 -13.80 -2.51
CA ILE D 135 -36.13 -15.15 -3.00
C ILE D 135 -37.64 -15.36 -3.14
N GLU D 136 -38.40 -15.04 -2.08
CA GLU D 136 -39.84 -15.21 -2.18
C GLU D 136 -40.44 -14.24 -3.19
N GLY D 137 -39.87 -13.04 -3.29
CA GLY D 137 -40.32 -12.09 -4.29
C GLY D 137 -40.16 -12.60 -5.71
N VAL D 138 -38.97 -13.13 -6.03
CA VAL D 138 -38.73 -13.69 -7.37
C VAL D 138 -39.73 -14.80 -7.65
N LYS D 139 -39.89 -15.75 -6.72
CA LYS D 139 -40.83 -16.85 -6.92
C LYS D 139 -42.24 -16.36 -7.20
N ARG D 140 -42.71 -15.35 -6.45
CA ARG D 140 -44.06 -14.83 -6.64
C ARG D 140 -44.22 -14.22 -8.03
N ILE D 141 -43.25 -13.41 -8.44
CA ILE D 141 -43.30 -12.77 -9.76
C ILE D 141 -43.29 -13.82 -10.87
N LYS D 142 -42.35 -14.78 -10.79
CA LYS D 142 -42.29 -15.80 -11.84
C LYS D 142 -43.52 -16.68 -11.86
N ALA D 143 -44.26 -16.74 -10.75
CA ALA D 143 -45.52 -17.48 -10.71
C ALA D 143 -46.61 -16.71 -11.46
N LYS D 144 -46.69 -15.40 -11.26
CA LYS D 144 -47.73 -14.65 -11.95
C LYS D 144 -47.35 -14.36 -13.39
N TYR D 145 -46.06 -14.11 -13.66
CA TYR D 145 -45.56 -13.70 -14.97
C TYR D 145 -44.41 -14.62 -15.35
N PRO D 146 -44.71 -15.84 -15.80
CA PRO D 146 -43.62 -16.83 -16.05
C PRO D 146 -42.58 -16.36 -17.04
N GLU D 147 -42.97 -15.57 -18.03
CA GLU D 147 -42.02 -15.17 -19.05
C GLU D 147 -41.45 -13.77 -18.84
N LEU D 148 -41.88 -13.04 -17.80
CA LEU D 148 -41.24 -11.76 -17.48
C LEU D 148 -39.80 -12.00 -17.04
N GLN D 149 -38.87 -11.32 -17.68
CA GLN D 149 -37.47 -11.43 -17.29
C GLN D 149 -37.22 -10.66 -16.01
N VAL D 150 -36.53 -11.31 -15.08
CA VAL D 150 -36.27 -10.81 -13.75
C VAL D 150 -34.76 -10.87 -13.49
N ILE D 151 -34.19 -9.73 -13.15
CA ILE D 151 -32.86 -9.64 -12.55
C ILE D 151 -33.06 -9.48 -11.05
N ALA D 152 -32.27 -10.20 -10.26
CA ALA D 152 -32.34 -10.06 -8.82
C ALA D 152 -30.95 -9.72 -8.28
N GLY D 153 -30.93 -8.85 -7.27
CA GLY D 153 -29.68 -8.45 -6.63
C GLY D 153 -29.96 -7.56 -5.44
N ASN D 154 -28.89 -7.03 -4.84
CA ASN D 154 -27.50 -7.29 -5.25
C ASN D 154 -26.88 -8.39 -4.39
N ILE D 155 -25.94 -9.12 -4.97
CA ILE D 155 -25.31 -10.26 -4.30
C ILE D 155 -23.81 -10.18 -4.47
N ALA D 156 -23.10 -11.08 -3.73
CA ALA D 156 -21.65 -11.15 -3.87
C ALA D 156 -21.10 -12.55 -3.69
N THR D 157 -21.94 -13.59 -3.64
CA THR D 157 -21.40 -14.94 -3.43
C THR D 157 -21.99 -15.95 -4.40
N PRO D 158 -21.25 -17.03 -4.71
CA PRO D 158 -21.82 -18.11 -5.52
C PRO D 158 -23.07 -18.72 -4.91
N GLU D 159 -23.10 -18.87 -3.58
CA GLU D 159 -24.29 -19.39 -2.90
C GLU D 159 -25.52 -18.57 -3.27
N ALA D 160 -25.35 -17.26 -3.35
CA ALA D 160 -26.45 -16.39 -3.67
C ALA D 160 -26.88 -16.56 -5.12
N VAL D 161 -25.91 -16.75 -6.03
CA VAL D 161 -26.24 -17.02 -7.42
C VAL D 161 -27.13 -18.27 -7.50
N ARG D 162 -26.68 -19.33 -6.85
CA ARG D 162 -27.40 -20.58 -6.89
C ARG D 162 -28.80 -20.44 -6.30
N ASP D 163 -28.91 -19.74 -5.16
CA ASP D 163 -30.22 -19.60 -4.52
C ASP D 163 -31.17 -18.76 -5.35
N LEU D 164 -30.67 -17.71 -6.01
CA LEU D 164 -31.59 -16.89 -6.79
C LEU D 164 -31.95 -17.57 -8.11
N ALA D 165 -30.98 -18.28 -8.74
CA ALA D 165 -31.30 -19.10 -9.91
C ALA D 165 -32.39 -20.11 -9.58
N GLU D 166 -32.28 -20.78 -8.43
N GLU D 166 -32.27 -20.80 -8.44
CA GLU D 166 -33.30 -21.77 -8.08
CA GLU D 166 -33.31 -21.76 -8.06
C GLU D 166 -34.64 -21.12 -7.72
C GLU D 166 -34.65 -21.07 -7.85
N ALA D 167 -34.65 -19.84 -7.33
CA ALA D 167 -35.90 -19.13 -7.16
C ALA D 167 -36.53 -18.76 -8.50
N GLY D 168 -35.75 -18.71 -9.58
CA GLY D 168 -36.31 -18.43 -10.89
C GLY D 168 -35.74 -17.19 -11.55
N ALA D 169 -34.71 -16.61 -10.95
CA ALA D 169 -34.14 -15.40 -11.55
C ALA D 169 -33.54 -15.70 -12.92
N ASP D 170 -33.69 -14.77 -13.85
CA ASP D 170 -33.11 -14.95 -15.17
C ASP D 170 -31.70 -14.38 -15.27
N CYS D 171 -31.25 -13.71 -14.24
CA CYS D 171 -29.99 -12.98 -14.23
C CYS D 171 -29.80 -12.46 -12.81
N VAL D 172 -28.55 -12.40 -12.33
CA VAL D 172 -28.29 -11.91 -10.98
C VAL D 172 -27.30 -10.74 -11.08
N LYS D 173 -27.42 -9.80 -10.14
CA LYS D 173 -26.64 -8.57 -10.16
C LYS D 173 -25.67 -8.57 -8.98
N VAL D 174 -24.39 -8.37 -9.27
CA VAL D 174 -23.31 -8.52 -8.30
C VAL D 174 -22.79 -7.15 -7.90
N GLY D 175 -22.68 -6.91 -6.60
CA GLY D 175 -22.12 -5.69 -6.09
C GLY D 175 -22.60 -5.41 -4.67
N ILE D 176 -21.79 -5.69 -3.65
CA ILE D 176 -22.10 -5.28 -2.29
C ILE D 176 -20.96 -4.37 -1.86
N GLY D 177 -21.20 -3.06 -1.83
CA GLY D 177 -20.21 -2.10 -1.39
C GLY D 177 -19.25 -1.43 -2.37
N PRO D 178 -19.20 -1.76 -3.67
CA PRO D 178 -18.20 -1.08 -4.52
C PRO D 178 -18.60 0.30 -5.02
N GLY D 179 -19.87 0.70 -4.85
CA GLY D 179 -20.34 1.90 -5.51
C GLY D 179 -19.59 3.15 -5.07
N SER D 180 -19.45 4.11 -5.97
CA SER D 180 -18.74 5.32 -5.62
C SER D 180 -19.39 6.07 -4.46
N ILE D 181 -20.71 6.10 -4.43
CA ILE D 181 -21.47 6.79 -3.39
C ILE D 181 -21.87 5.91 -2.20
N CYS D 182 -21.40 4.67 -2.20
CA CYS D 182 -21.74 3.71 -1.17
C CYS D 182 -20.88 3.67 0.09
N THR D 183 -21.52 3.53 1.26
CA THR D 183 -20.82 3.39 2.54
C THR D 183 -21.15 2.10 3.26
N THR D 184 -21.90 1.18 2.62
CA THR D 184 -22.23 -0.11 3.20
C THR D 184 -21.04 -0.79 3.88
N ARG D 185 -19.89 -0.84 3.19
CA ARG D 185 -18.77 -1.57 3.79
C ARG D 185 -18.26 -0.87 5.02
N ILE D 186 -18.43 0.45 5.10
CA ILE D 186 -17.88 1.22 6.21
C ILE D 186 -18.84 1.19 7.39
N VAL D 187 -20.13 1.32 7.14
CA VAL D 187 -21.08 1.42 8.24
C VAL D 187 -21.54 0.04 8.73
N ALA D 188 -21.53 -0.97 7.87
CA ALA D 188 -21.98 -2.29 8.25
C ALA D 188 -20.86 -3.32 8.30
N GLY D 189 -19.71 -3.02 7.68
CA GLY D 189 -18.57 -3.91 7.73
C GLY D 189 -18.57 -5.02 6.71
N VAL D 190 -19.50 -4.98 5.75
CA VAL D 190 -19.84 -6.11 4.90
C VAL D 190 -19.56 -5.78 3.44
N GLY D 191 -19.01 -6.75 2.71
CA GLY D 191 -18.93 -6.62 1.27
C GLY D 191 -17.82 -7.50 0.74
N VAL D 192 -17.71 -7.53 -0.58
CA VAL D 192 -16.65 -8.30 -1.24
C VAL D 192 -16.04 -7.44 -2.33
N PRO D 193 -14.72 -7.25 -2.35
CA PRO D 193 -14.10 -6.48 -3.44
C PRO D 193 -14.55 -7.00 -4.79
N GLN D 194 -14.97 -6.07 -5.63
CA GLN D 194 -15.71 -6.35 -6.84
C GLN D 194 -15.20 -7.27 -7.92
N LEU D 195 -13.91 -7.22 -8.23
CA LEU D 195 -13.40 -8.10 -9.26
C LEU D 195 -13.57 -9.55 -8.80
N THR D 196 -13.20 -9.82 -7.56
CA THR D 196 -13.34 -11.16 -7.01
C THR D 196 -14.82 -11.56 -6.92
N ALA D 197 -15.68 -10.63 -6.50
CA ALA D 197 -17.09 -10.95 -6.38
C ALA D 197 -17.67 -11.35 -7.74
N VAL D 198 -17.28 -10.62 -8.80
CA VAL D 198 -17.78 -10.90 -10.14
C VAL D 198 -17.21 -12.22 -10.67
N MET D 199 -15.92 -12.44 -10.49
CA MET D 199 -15.31 -13.69 -10.94
C MET D 199 -15.96 -14.91 -10.27
N ASP D 200 -16.09 -14.88 -8.95
CA ASP D 200 -16.60 -16.08 -8.27
C ASP D 200 -18.09 -16.28 -8.55
N CYS D 201 -18.86 -15.20 -8.60
CA CYS D 201 -20.28 -15.35 -8.91
C CYS D 201 -20.50 -15.74 -10.35
N ALA D 202 -19.72 -15.17 -11.28
CA ALA D 202 -19.89 -15.54 -12.69
C ALA D 202 -19.51 -16.99 -12.91
N GLU D 203 -18.51 -17.50 -12.17
CA GLU D 203 -18.12 -18.90 -12.29
C GLU D 203 -19.28 -19.82 -11.96
N GLU D 204 -19.98 -19.53 -10.87
CA GLU D 204 -21.18 -20.29 -10.52
C GLU D 204 -22.28 -20.08 -11.56
N GLY D 205 -22.47 -18.82 -12.01
CA GLY D 205 -23.54 -18.56 -12.97
C GLY D 205 -23.36 -19.33 -14.27
N LYS D 206 -22.11 -19.46 -14.72
CA LYS D 206 -21.86 -20.21 -15.94
C LYS D 206 -22.19 -21.69 -15.74
N LYS D 207 -21.93 -22.23 -14.55
CA LYS D 207 -22.28 -23.62 -14.32
C LYS D 207 -23.78 -23.85 -14.37
N LEU D 208 -24.57 -22.84 -14.01
CA LEU D 208 -26.02 -22.98 -13.95
C LEU D 208 -26.72 -22.34 -15.14
N GLY D 209 -25.98 -21.71 -16.04
CA GLY D 209 -26.58 -21.07 -17.19
C GLY D 209 -27.35 -19.80 -16.84
N ILE D 210 -26.89 -19.04 -15.84
CA ILE D 210 -27.53 -17.79 -15.46
C ILE D 210 -26.49 -16.69 -15.55
N PRO D 211 -26.77 -15.59 -16.28
CA PRO D 211 -25.78 -14.52 -16.40
C PRO D 211 -25.69 -13.68 -15.13
N VAL D 212 -24.59 -12.93 -15.01
CA VAL D 212 -24.41 -12.04 -13.86
C VAL D 212 -23.96 -10.66 -14.35
N ILE D 213 -24.44 -9.62 -13.67
CA ILE D 213 -24.12 -8.25 -14.02
C ILE D 213 -23.08 -7.73 -13.02
N ALA D 214 -22.05 -7.05 -13.52
CA ALA D 214 -21.06 -6.41 -12.65
C ALA D 214 -21.53 -4.98 -12.34
N ASP D 215 -22.02 -4.75 -11.13
CA ASP D 215 -22.72 -3.50 -10.80
C ASP D 215 -21.90 -2.69 -9.80
N GLY D 216 -21.37 -1.54 -10.21
CA GLY D 216 -20.76 -0.66 -9.22
C GLY D 216 -19.23 -0.69 -9.24
N GLY D 217 -18.62 0.43 -8.86
CA GLY D 217 -17.17 0.51 -8.70
C GLY D 217 -16.38 0.70 -9.97
N LEU D 218 -17.04 0.89 -11.11
CA LEU D 218 -16.36 1.08 -12.39
C LEU D 218 -16.04 2.55 -12.59
N LYS D 219 -14.77 2.85 -12.93
CA LYS D 219 -14.36 4.24 -13.11
C LYS D 219 -13.82 4.53 -14.50
N TYR D 220 -13.09 3.58 -15.10
CA TYR D 220 -12.46 3.77 -16.41
C TYR D 220 -12.94 2.66 -17.34
N SER D 221 -12.84 2.91 -18.65
CA SER D 221 -13.26 1.88 -19.61
C SER D 221 -12.53 0.56 -19.38
N GLY D 222 -11.25 0.61 -18.98
CA GLY D 222 -10.52 -0.62 -18.72
C GLY D 222 -11.11 -1.44 -17.57
N ASP D 223 -11.77 -0.78 -16.62
CA ASP D 223 -12.41 -1.56 -15.54
C ASP D 223 -13.54 -2.40 -16.12
N ILE D 224 -14.21 -1.90 -17.17
CA ILE D 224 -15.30 -2.69 -17.72
C ILE D 224 -14.76 -3.92 -18.42
N VAL D 225 -13.63 -3.76 -19.12
CA VAL D 225 -12.99 -4.92 -19.74
C VAL D 225 -12.68 -5.97 -18.69
N LYS D 226 -12.12 -5.56 -17.54
CA LYS D 226 -11.85 -6.54 -16.49
C LYS D 226 -13.12 -7.26 -16.05
N ALA D 227 -14.24 -6.53 -15.87
CA ALA D 227 -15.47 -7.11 -15.38
C ALA D 227 -16.03 -8.11 -16.39
N LEU D 228 -15.95 -7.78 -17.68
CA LEU D 228 -16.44 -8.68 -18.73
C LEU D 228 -15.51 -9.88 -18.88
N ALA D 229 -14.20 -9.66 -18.79
CA ALA D 229 -13.25 -10.77 -18.82
C ALA D 229 -13.46 -11.73 -17.65
N ALA D 230 -13.89 -11.21 -16.50
CA ALA D 230 -14.15 -12.05 -15.33
C ALA D 230 -15.46 -12.80 -15.45
N GLY D 231 -16.25 -12.54 -16.49
CA GLY D 231 -17.44 -13.35 -16.77
C GLY D 231 -18.75 -12.63 -16.67
N ALA D 232 -18.76 -11.34 -16.39
CA ALA D 232 -20.02 -10.61 -16.36
C ALA D 232 -20.59 -10.45 -17.78
N CYS D 233 -21.93 -10.56 -17.88
CA CYS D 233 -22.59 -10.35 -19.17
C CYS D 233 -22.74 -8.88 -19.51
N ALA D 234 -22.66 -8.03 -18.50
CA ALA D 234 -22.96 -6.61 -18.62
C ALA D 234 -22.38 -5.89 -17.42
N ALA D 235 -22.13 -4.61 -17.60
CA ALA D 235 -21.61 -3.73 -16.55
C ALA D 235 -22.66 -2.66 -16.29
N MET D 236 -22.93 -2.37 -15.02
CA MET D 236 -23.86 -1.33 -14.66
C MET D 236 -23.11 -0.18 -13.98
N MET D 237 -23.40 1.05 -14.41
CA MET D 237 -22.69 2.22 -13.92
C MET D 237 -23.65 3.31 -13.45
N GLY D 238 -23.33 3.90 -12.30
CA GLY D 238 -24.02 5.12 -11.90
C GLY D 238 -23.16 6.35 -12.16
N SER D 239 -22.02 6.39 -11.49
CA SER D 239 -21.11 7.54 -11.53
C SER D 239 -20.73 7.91 -12.97
N ILE D 240 -20.38 6.93 -13.80
CA ILE D 240 -19.91 7.23 -15.15
C ILE D 240 -20.99 7.92 -15.97
N PHE D 241 -22.27 7.69 -15.64
CA PHE D 241 -23.37 8.28 -16.41
C PHE D 241 -24.05 9.45 -15.73
N ALA D 242 -23.87 9.62 -14.42
CA ALA D 242 -24.61 10.63 -13.67
C ALA D 242 -24.28 12.05 -14.12
N GLY D 243 -23.12 12.27 -14.73
CA GLY D 243 -22.75 13.58 -15.22
C GLY D 243 -23.24 13.92 -16.61
N CYS D 244 -23.90 12.98 -17.28
CA CYS D 244 -24.28 13.25 -18.66
C CYS D 244 -25.54 14.08 -18.71
N GLU D 245 -25.76 14.64 -19.88
CA GLU D 245 -26.88 15.56 -20.07
C GLU D 245 -28.21 14.85 -19.85
N GLU D 246 -28.25 13.55 -20.14
CA GLU D 246 -29.48 12.77 -20.10
C GLU D 246 -29.81 12.24 -18.72
N ALA D 247 -28.91 12.38 -17.75
CA ALA D 247 -29.20 12.06 -16.37
C ALA D 247 -30.16 13.09 -15.78
N PRO D 248 -30.94 12.74 -14.75
CA PRO D 248 -31.80 13.75 -14.10
C PRO D 248 -30.96 14.83 -13.45
N GLY D 249 -31.57 15.99 -13.28
CA GLY D 249 -30.91 16.99 -12.48
C GLY D 249 -30.39 18.14 -13.32
N ALA D 250 -30.44 19.34 -12.78
CA ALA D 250 -29.97 20.50 -13.50
C ALA D 250 -28.43 20.53 -13.54
N ILE D 251 -27.91 21.31 -14.48
CA ILE D 251 -26.48 21.53 -14.59
C ILE D 251 -26.13 22.70 -13.68
N GLU D 252 -25.28 22.46 -12.69
CA GLU D 252 -24.92 23.51 -11.73
C GLU D 252 -23.50 24.01 -11.99
N ILE D 253 -23.29 25.31 -11.82
CA ILE D 253 -22.04 25.98 -12.14
C ILE D 253 -21.46 26.58 -10.87
N TYR D 254 -20.24 26.17 -10.51
CA TYR D 254 -19.55 26.71 -9.34
C TYR D 254 -18.09 26.93 -9.73
N GLN D 255 -17.69 28.20 -9.76
CA GLN D 255 -16.31 28.60 -10.00
C GLN D 255 -15.78 27.97 -11.30
N GLY D 256 -16.47 28.30 -12.39
CA GLY D 256 -16.05 27.90 -13.73
C GLY D 256 -16.18 26.44 -14.06
N ARG D 257 -16.74 25.62 -13.17
CA ARG D 257 -16.88 24.19 -13.39
C ARG D 257 -18.35 23.81 -13.41
N SER D 258 -18.72 22.90 -14.30
CA SER D 258 -20.10 22.43 -14.39
C SER D 258 -20.24 21.12 -13.63
N TYR D 259 -21.31 21.01 -12.83
CA TYR D 259 -21.54 19.84 -11.98
C TYR D 259 -22.97 19.34 -12.15
N LYS D 260 -23.15 18.06 -11.81
CA LYS D 260 -24.48 17.51 -11.62
C LYS D 260 -24.52 16.77 -10.28
N VAL D 261 -25.72 16.66 -9.69
CA VAL D 261 -25.90 15.98 -8.42
C VAL D 261 -25.82 14.48 -8.64
N TYR D 262 -25.20 13.79 -7.69
CA TYR D 262 -25.20 12.34 -7.71
C TYR D 262 -25.20 11.88 -6.25
N ARG D 263 -26.07 10.93 -5.92
CA ARG D 263 -26.25 10.50 -4.53
C ARG D 263 -26.62 9.03 -4.49
N GLY D 264 -26.24 8.37 -3.40
CA GLY D 264 -26.67 7.00 -3.20
C GLY D 264 -28.17 6.92 -2.97
N MET D 265 -28.76 5.80 -3.39
CA MET D 265 -30.18 5.60 -3.08
C MET D 265 -30.41 5.34 -1.60
N GLY D 266 -29.35 4.93 -0.89
CA GLY D 266 -29.26 4.75 0.55
C GLY D 266 -28.80 5.98 1.31
N SER D 267 -28.71 7.13 0.63
CA SER D 267 -28.38 8.38 1.29
C SER D 267 -29.61 9.02 1.92
N LEU D 268 -29.37 9.87 2.92
CA LEU D 268 -30.44 10.57 3.60
C LEU D 268 -31.34 11.30 2.60
N GLY D 269 -30.73 12.04 1.67
CA GLY D 269 -31.52 12.81 0.72
C GLY D 269 -32.40 11.93 -0.15
N ALA D 270 -31.87 10.83 -0.68
CA ALA D 270 -32.65 9.94 -1.53
C ALA D 270 -33.76 9.24 -0.74
N MET D 271 -33.52 8.96 0.53
CA MET D 271 -34.53 8.28 1.33
C MET D 271 -35.64 9.23 1.79
N ALA D 272 -35.34 10.50 1.98
CA ALA D 272 -36.38 11.46 2.34
C ALA D 272 -37.46 11.55 1.25
N VAL D 288 -30.80 4.45 9.10
CA VAL D 288 -29.36 4.74 9.10
C VAL D 288 -28.78 4.62 7.68
N PRO D 289 -28.18 5.71 7.16
CA PRO D 289 -27.81 5.74 5.74
C PRO D 289 -26.68 4.79 5.38
N GLU D 290 -26.69 4.36 4.11
CA GLU D 290 -25.59 3.61 3.53
C GLU D 290 -25.09 4.24 2.23
N GLY D 291 -25.28 5.54 2.05
CA GLY D 291 -24.73 6.23 0.90
C GLY D 291 -24.48 7.69 1.25
N VAL D 292 -23.84 8.39 0.32
CA VAL D 292 -23.54 9.80 0.47
C VAL D 292 -24.13 10.57 -0.71
N GLU D 293 -24.16 11.90 -0.57
CA GLU D 293 -24.68 12.82 -1.57
C GLU D 293 -23.61 13.83 -1.92
N GLY D 294 -23.39 14.04 -3.20
CA GLY D 294 -22.45 15.05 -3.65
C GLY D 294 -22.70 15.48 -5.09
N ARG D 295 -21.63 15.89 -5.75
CA ARG D 295 -21.68 16.35 -7.14
C ARG D 295 -20.50 15.75 -7.90
N ILE D 296 -20.71 15.54 -9.19
CA ILE D 296 -19.68 15.08 -10.10
C ILE D 296 -19.64 16.00 -11.30
N ALA D 297 -18.54 15.93 -12.06
CA ALA D 297 -18.38 16.77 -13.24
C ALA D 297 -19.45 16.50 -14.30
N TYR D 298 -19.98 17.59 -14.88
CA TYR D 298 -20.83 17.46 -16.06
C TYR D 298 -20.02 16.95 -17.24
N LYS D 299 -20.55 15.95 -17.96
CA LYS D 299 -19.79 15.32 -19.04
C LYS D 299 -20.36 15.57 -20.44
N GLY D 300 -21.35 16.44 -20.59
CA GLY D 300 -22.01 16.52 -21.90
C GLY D 300 -22.89 15.31 -22.20
N HIS D 301 -23.04 15.00 -23.48
CA HIS D 301 -24.04 14.02 -23.90
C HIS D 301 -23.55 12.59 -23.72
N LEU D 302 -24.50 11.71 -23.41
CA LEU D 302 -24.20 10.28 -23.23
C LEU D 302 -23.39 9.69 -24.37
N ALA D 303 -23.73 10.04 -25.61
CA ALA D 303 -23.04 9.52 -26.79
C ALA D 303 -21.52 9.67 -26.69
N ASP D 304 -21.03 10.84 -26.24
CA ASP D 304 -19.59 11.07 -26.12
C ASP D 304 -18.95 10.12 -25.12
N THR D 305 -19.64 9.85 -24.00
CA THR D 305 -19.08 8.97 -22.99
C THR D 305 -19.09 7.53 -23.47
N ILE D 306 -20.20 7.09 -24.07
CA ILE D 306 -20.29 5.71 -24.55
C ILE D 306 -19.22 5.43 -25.60
N TYR D 307 -19.00 6.40 -26.47
CA TYR D 307 -17.98 6.24 -27.50
C TYR D 307 -16.63 5.94 -26.88
N GLN D 308 -16.24 6.68 -25.84
CA GLN D 308 -14.97 6.42 -25.20
C GLN D 308 -14.96 5.05 -24.51
N LEU D 309 -16.07 4.68 -23.84
CA LEU D 309 -16.12 3.39 -23.16
C LEU D 309 -16.02 2.23 -24.15
N ILE D 310 -16.81 2.28 -25.22
CA ILE D 310 -16.82 1.25 -26.26
C ILE D 310 -15.45 1.14 -26.92
N GLY D 311 -14.84 2.28 -27.27
CA GLY D 311 -13.50 2.25 -27.83
C GLY D 311 -12.50 1.56 -26.90
N GLY D 312 -12.57 1.89 -25.60
CA GLY D 312 -11.69 1.23 -24.64
C GLY D 312 -11.93 -0.27 -24.56
N ILE D 313 -13.20 -0.67 -24.58
CA ILE D 313 -13.52 -2.09 -24.52
C ILE D 313 -12.99 -2.80 -25.77
N LYS D 314 -13.25 -2.23 -26.95
CA LYS D 314 -12.76 -2.81 -28.19
C LYS D 314 -11.24 -2.93 -28.22
N SER D 315 -10.54 -1.89 -27.74
CA SER D 315 -9.09 -1.98 -27.61
C SER D 315 -8.70 -3.17 -26.75
N GLY D 316 -9.30 -3.28 -25.56
CA GLY D 316 -8.97 -4.39 -24.68
C GLY D 316 -9.20 -5.73 -25.36
N MET D 317 -10.33 -5.85 -26.09
CA MET D 317 -10.60 -7.13 -26.72
C MET D 317 -9.59 -7.41 -27.82
N GLY D 318 -9.18 -6.38 -28.57
CA GLY D 318 -8.04 -6.51 -29.47
C GLY D 318 -6.78 -7.06 -28.78
N TYR D 319 -6.40 -6.44 -27.65
CA TYR D 319 -5.22 -6.91 -26.92
C TYR D 319 -5.36 -8.36 -26.48
N LEU D 320 -6.58 -8.81 -26.19
CA LEU D 320 -6.79 -10.18 -25.76
C LEU D 320 -7.19 -11.10 -26.92
N GLY D 321 -7.19 -10.60 -28.16
CA GLY D 321 -7.45 -11.47 -29.28
C GLY D 321 -8.87 -12.01 -29.28
N ALA D 322 -9.78 -11.27 -28.69
CA ALA D 322 -11.15 -11.79 -28.51
C ALA D 322 -12.09 -11.17 -29.52
N PRO D 323 -12.63 -11.93 -30.50
CA PRO D 323 -13.64 -11.36 -31.39
C PRO D 323 -15.02 -11.25 -30.76
N THR D 324 -15.25 -11.90 -29.62
CA THR D 324 -16.57 -11.89 -29.00
C THR D 324 -16.36 -11.88 -27.50
N LEU D 325 -17.41 -11.52 -26.77
CA LEU D 325 -17.30 -11.46 -25.31
C LEU D 325 -17.14 -12.85 -24.69
N GLU D 326 -17.76 -13.87 -25.27
CA GLU D 326 -17.55 -15.20 -24.72
C GLU D 326 -16.11 -15.64 -24.90
N ASN D 327 -15.52 -15.31 -26.04
CA ASN D 327 -14.12 -15.63 -26.25
C ASN D 327 -13.21 -14.87 -25.28
N LEU D 328 -13.58 -13.63 -24.93
CA LEU D 328 -12.78 -12.85 -23.98
C LEU D 328 -12.73 -13.54 -22.62
N TYR D 329 -13.90 -13.91 -22.09
CA TYR D 329 -13.99 -14.68 -20.85
C TYR D 329 -13.15 -15.95 -20.89
N GLU D 330 -13.30 -16.76 -21.95
CA GLU D 330 -12.65 -18.08 -21.97
C GLU D 330 -11.14 -17.98 -21.96
N ASN D 331 -10.57 -16.91 -22.49
CA ASN D 331 -9.14 -16.87 -22.70
C ASN D 331 -8.45 -15.81 -21.85
N ALA D 332 -9.16 -15.19 -20.91
CA ALA D 332 -8.58 -14.10 -20.14
C ALA D 332 -7.76 -14.64 -18.98
N ASN D 333 -6.59 -14.08 -18.80
CA ASN D 333 -5.72 -14.36 -17.66
C ASN D 333 -5.40 -13.04 -16.98
N PHE D 334 -5.46 -13.03 -15.66
CA PHE D 334 -5.24 -11.85 -14.86
C PHE D 334 -3.93 -12.03 -14.11
N VAL D 335 -3.22 -10.91 -13.87
CA VAL D 335 -2.21 -10.87 -12.82
C VAL D 335 -2.64 -9.83 -11.80
N VAL D 336 -2.16 -10.00 -10.56
CA VAL D 336 -2.33 -9.01 -9.49
C VAL D 336 -1.17 -8.00 -9.55
N GLN D 337 -1.47 -6.71 -9.39
CA GLN D 337 -0.42 -5.70 -9.23
C GLN D 337 -0.46 -5.13 -7.83
N THR D 338 0.70 -4.61 -7.39
CA THR D 338 0.81 -3.99 -6.10
C THR D 338 0.43 -2.52 -6.24
N SER D 339 0.47 -1.80 -5.10
N SER D 339 0.47 -1.79 -5.12
CA SER D 339 0.31 -0.35 -5.17
CA SER D 339 0.27 -0.35 -5.25
C SER D 339 1.39 0.28 -6.04
C SER D 339 1.40 0.29 -6.05
N ALA D 340 2.60 -0.31 -6.05
CA ALA D 340 3.64 0.20 -6.94
C ALA D 340 3.31 -0.10 -8.41
N GLY D 341 2.81 -1.30 -8.70
CA GLY D 341 2.33 -1.57 -10.05
C GLY D 341 1.27 -0.58 -10.48
N PHE D 342 0.34 -0.26 -9.58
CA PHE D 342 -0.76 0.66 -9.91
C PHE D 342 -0.21 2.04 -10.31
N ARG D 343 0.80 2.53 -9.58
N ARG D 343 0.80 2.51 -9.58
CA ARG D 343 1.43 3.80 -9.91
CA ARG D 343 1.44 3.79 -9.91
C ARG D 343 2.08 3.76 -11.29
C ARG D 343 2.06 3.75 -11.30
N GLU D 344 2.67 2.61 -11.66
CA GLU D 344 3.20 2.42 -13.01
C GLU D 344 2.09 2.44 -14.07
N SER D 345 0.96 1.80 -13.75
CA SER D 345 -0.12 1.59 -14.70
C SER D 345 -0.78 2.90 -15.09
N HIS D 346 -0.93 3.81 -14.14
CA HIS D 346 -1.36 5.16 -14.45
C HIS D 346 -0.19 5.95 -15.04
N PRO D 347 -0.48 6.99 -15.84
CA PRO D 347 0.58 7.94 -16.18
C PRO D 347 1.27 8.42 -14.91
N HIS D 348 2.57 8.65 -15.02
CA HIS D 348 3.35 9.01 -13.86
C HIS D 348 4.52 9.86 -14.33
N ASP D 349 5.00 10.72 -13.43
CA ASP D 349 6.19 11.56 -13.68
C ASP D 349 6.01 12.43 -14.92
N ILE D 350 4.80 12.94 -15.10
CA ILE D 350 4.45 13.80 -16.24
C ILE D 350 3.50 14.88 -15.72
N ASN D 351 3.72 16.14 -16.12
CA ASN D 351 2.74 17.18 -15.85
C ASN D 351 1.77 17.19 -17.03
N ILE D 352 0.61 16.54 -16.86
CA ILE D 352 -0.36 16.48 -17.96
C ILE D 352 -0.93 17.87 -18.19
N THR D 353 -0.84 18.37 -19.42
CA THR D 353 -1.33 19.71 -19.71
C THR D 353 -2.48 19.76 -20.70
N LYS D 354 -2.96 18.62 -21.19
CA LYS D 354 -4.05 18.61 -22.15
C LYS D 354 -5.03 17.55 -21.71
N GLU D 355 -6.30 17.82 -21.88
CA GLU D 355 -7.32 16.86 -21.49
C GLU D 355 -7.29 15.66 -22.42
N ALA D 356 -7.27 14.48 -21.82
CA ALA D 356 -7.58 13.28 -22.60
C ALA D 356 -9.06 12.95 -22.41
N PRO D 357 -9.75 12.52 -23.47
CA PRO D 357 -11.20 12.30 -23.35
C PRO D 357 -11.57 11.04 -22.56
N ASN D 358 -10.64 10.11 -22.36
CA ASN D 358 -10.92 8.87 -21.64
C ASN D 358 -10.02 8.74 -20.42
N TYR D 359 -9.39 9.83 -19.97
CA TYR D 359 -8.55 9.72 -18.79
C TYR D 359 -8.62 11.02 -18.01
N SER D 360 -8.91 10.92 -16.71
CA SER D 360 -8.98 12.08 -15.85
C SER D 360 -8.25 11.77 -14.54
N VAL D 361 -7.88 12.83 -13.85
CA VAL D 361 -7.29 12.79 -12.52
C VAL D 361 -8.04 13.77 -11.62
P IMP E . 8.78 6.05 -20.54
O1P IMP E . 8.35 7.51 -20.72
O2P IMP E . 10.26 5.84 -20.72
O3P IMP E . 8.27 5.51 -19.20
O5' IMP E . 8.08 5.13 -21.63
C5' IMP E . 8.29 5.36 -23.03
C4' IMP E . 7.66 4.24 -23.83
O4' IMP E . 6.23 4.34 -23.77
C3' IMP E . 7.94 4.22 -25.32
O3' IMP E . 9.23 3.71 -25.59
C2' IMP E . 6.81 3.32 -25.85
O2' IMP E . 7.12 1.96 -25.61
C1' IMP E . 5.66 3.70 -24.93
N9 IMP E . 4.72 4.65 -25.53
C8 IMP E . 4.95 5.76 -26.30
N7 IMP E . 3.77 6.36 -26.56
C5 IMP E . 2.79 5.67 -25.90
C6 IMP E . 1.40 5.81 -25.78
O6 IMP E . 0.79 6.83 -26.11
N1 IMP E . 0.72 4.88 -25.02
C2 IMP E . 1.36 3.82 -24.43
N3 IMP E . 2.71 3.69 -24.53
C4 IMP E . 3.39 4.59 -25.26
C1 8N1 F . -1.91 3.87 -30.20
C2 8N1 F . -1.19 4.68 -31.09
C3 8N1 F . 0.17 4.79 -30.90
C4 8N1 F . 0.79 4.12 -29.84
C5 8N1 F . 0.06 3.33 -28.96
C6 8N1 F . -1.32 3.20 -29.15
C7 8N1 F . 0.67 2.57 -27.82
C8 8N1 F . 1.98 2.43 -27.79
C10 8N1 F . -3.80 1.29 -30.45
C11 8N1 F . -3.38 3.74 -30.35
C12 8N1 F . -4.04 4.86 -29.54
C13 8N1 F . -3.76 3.99 -31.82
C17 8N1 F . -4.47 -1.06 -30.16
C18 8N1 F . -5.17 -1.94 -29.31
C19 8N1 F . -5.29 -3.29 -29.63
C20 8N1 F . -4.77 -3.77 -30.83
C21 8N1 F . -4.07 -2.91 -31.68
C22 8N1 F . -3.96 -1.56 -31.34
C24 8N1 F . -2.86 -2.41 -33.71
C25 8N1 F . -1.43 -2.61 -33.26
C26 8N1 F . -0.88 -3.61 -34.23
C27 8N1 F . -1.73 -3.46 -35.48
C29 8N1 F . -2.09 -4.86 -35.90
C9 8N1 F . -0.13 2.04 -26.89
N1 8N1 F . -3.55 -3.39 -32.84
N3 8N1 F . -3.89 2.47 -29.83
N4 8N1 F . -4.38 0.26 -29.79
O2 8N1 F . -3.19 1.20 -31.51
O3 8N1 F . -2.91 -2.74 -35.10
O4 8N1 F . -0.74 -1.35 -33.34
O5 8N1 F . -1.08 -4.91 -33.66
O6 8N1 F . -0.86 -5.58 -35.79
CL1 8N1 F . -4.97 -5.47 -31.32
C1 MPD G . 2.90 -13.36 -16.38
C2 MPD G . 3.52 -13.60 -17.76
O2 MPD G . 4.55 -14.60 -17.62
CM MPD G . 4.19 -12.30 -18.27
C3 MPD G . 2.50 -14.11 -18.77
C4 MPD G . 2.08 -15.58 -18.66
O4 MPD G . 1.00 -15.76 -19.56
C5 MPD G . 3.13 -16.59 -19.10
C ACY H . 17.20 11.44 -12.82
O ACY H . 17.98 11.92 -13.69
OXT ACY H . 16.93 10.21 -12.72
CH3 ACY H . 16.56 12.39 -11.85
C FMT I . 0.25 -0.17 -0.22
O1 FMT I . 0.17 -1.31 0.25
O2 FMT I . -0.04 0.87 0.39
P IMP J . 20.11 6.96 9.39
O1P IMP J . 20.10 8.44 9.15
O2P IMP J . 20.29 6.73 10.87
O3P IMP J . 18.79 6.40 8.82
O5' IMP J . 21.27 6.24 8.56
C5' IMP J . 22.66 6.57 8.75
C4' IMP J . 23.54 5.53 8.08
O4' IMP J . 23.46 5.66 6.63
C3' IMP J . 25.05 5.61 8.35
O3' IMP J . 25.37 5.04 9.58
C2' IMP J . 25.63 4.84 7.18
O2' IMP J . 25.48 3.43 7.36
C1' IMP J . 24.69 5.23 6.04
N9 IMP J . 25.19 6.34 5.20
C8 IMP J . 25.84 7.50 5.52
N7 IMP J . 25.98 8.22 4.36
C5 IMP J . 25.40 7.53 3.33
C6 IMP J . 25.21 7.78 1.97
O6 IMP J . 25.46 8.88 1.48
N1 IMP J . 24.52 6.85 1.20
C2 IMP J . 24.10 5.69 1.76
N3 IMP J . 24.24 5.44 3.11
C4 IMP J . 24.90 6.35 3.87
C1 8N1 K . 29.78 6.50 -1.51
C1 8N1 K . 29.78 6.50 -1.48
C2 8N1 K . 30.64 7.24 -0.70
C2 8N1 K . 30.64 7.26 -0.68
C3 8N1 K . 30.50 7.17 0.68
C3 8N1 K . 30.48 7.22 0.70
C4 8N1 K . 29.51 6.38 1.26
C4 8N1 K . 29.48 6.43 1.29
C5 8N1 K . 28.65 5.64 0.44
C5 8N1 K . 28.64 5.69 0.48
C6 8N1 K . 28.80 5.70 -0.94
C6 8N1 K . 28.80 5.71 -0.90
C7 8N1 K . 27.59 4.77 1.01
C7 8N1 K . 27.57 4.80 1.03
C8 8N1 K . 27.53 4.50 2.31
C8 8N1 K . 27.52 4.45 2.32
C10 8N1 K . 30.28 4.17 -3.64
C10 8N1 K . 30.27 4.12 -3.58
C11 8N1 K . 29.91 6.56 -2.99
C11 8N1 K . 29.90 6.51 -2.95
C12 8N1 K . 31.32 7.02 -3.39
C12 8N1 K . 31.31 6.96 -3.38
C13 8N1 K . 28.93 7.61 -3.48
C13 8N1 K . 28.92 7.56 -3.46
C17 8N1 K . 30.17 1.89 -4.54
C17 8N1 K . 30.13 1.84 -4.47
C18 8N1 K . 29.39 1.02 -5.30
C18 8N1 K . 29.32 0.94 -5.17
C19 8N1 K . 29.83 -0.29 -5.53
C19 8N1 K . 29.77 -0.36 -5.43
C20 8N1 K . 31.04 -0.73 -5.01
C20 8N1 K . 31.04 -0.75 -5.00
C21 8N1 K . 31.82 0.13 -4.25
C21 8N1 K . 31.84 0.13 -4.30
C22 8N1 K . 31.38 1.42 -4.03
C22 8N1 K . 31.38 1.41 -4.06
C24 8N1 K . 33.78 0.67 -2.95
C24 8N1 K . 33.92 0.70 -3.14
C25 8N1 K . 33.36 0.32 -1.53
C25 8N1 K . 33.43 0.53 -1.70
C26 8N1 K . 34.38 -0.69 -1.09
C26 8N1 K . 34.38 -0.49 -1.12
C27 8N1 K . 35.62 -0.40 -1.94
C27 8N1 K . 35.65 -0.35 -1.95
C29 8N1 K . 36.29 -1.68 -2.43
C29 8N1 K . 36.25 -1.72 -2.21
C9 8N1 K . 26.69 4.23 0.19
C9 8N1 K . 26.68 4.31 0.17
N1 8N1 K . 33.00 -0.28 -3.74
N1 8N1 K . 33.08 -0.26 -3.88
N3 8N1 K . 29.56 5.29 -3.64
N3 8N1 K . 29.53 5.23 -3.54
N4 8N1 K . 29.71 3.15 -4.32
N4 8N1 K . 29.66 3.10 -4.22
O2 8N1 K . 31.35 4.07 -3.05
O2 8N1 K . 31.38 4.05 -3.07
O3 8N1 K . 35.19 0.39 -3.05
O3 8N1 K . 35.30 0.32 -3.17
O4 8N1 K . 33.39 1.50 -0.72
O4 8N1 K . 33.50 1.79 -1.01
O5 8N1 K . 33.89 -2.01 -1.35
O5 8N1 K . 33.79 -1.79 -1.26
O6 8N1 K . 35.43 -2.34 -3.36
O6 8N1 K . 36.24 -2.45 -0.98
CL1 8N1 K . 31.63 -2.40 -5.31
CL1 8N1 K . 31.67 -2.40 -5.34
C1 MPD L . 17.37 -11.73 2.06
C2 MPD L . 18.76 -12.17 2.52
O2 MPD L . 18.69 -13.43 3.25
CM MPD L . 19.29 -11.15 3.53
C3 MPD L . 19.71 -12.29 1.33
C4 MPD L . 19.88 -13.70 0.75
O4 MPD L . 20.40 -14.60 1.71
C5 MPD L . 18.57 -14.28 0.20
C FMT M . 12.71 10.61 18.47
O1 FMT M . 13.89 10.61 18.82
O2 FMT M . 12.20 9.76 17.73
P IMP N . -9.70 4.48 20.78
O1P IMP N . -9.53 5.97 21.00
O2P IMP N . -11.15 4.07 20.93
O3P IMP N . -9.12 4.03 19.43
O5' IMP N . -8.81 3.67 21.81
C5' IMP N . -9.01 3.80 23.21
C4' IMP N . -8.24 2.76 23.98
O4' IMP N . -6.83 3.07 23.95
C3' IMP N . -8.54 2.69 25.47
O3' IMP N . -9.77 2.05 25.75
C2' IMP N . -7.30 2.01 26.05
O2' IMP N . -7.36 0.60 25.84
C1' IMP N . -6.20 2.56 25.12
N9 IMP N . -5.40 3.64 25.71
C8 IMP N . -5.81 4.72 26.46
N7 IMP N . -4.72 5.49 26.68
C5 IMP N . -3.63 4.95 26.07
C6 IMP N . -2.29 5.34 25.96
O6 IMP N . -1.92 6.48 26.22
N1 IMP N . -1.41 4.56 25.25
C2 IMP N . -1.88 3.41 24.67
N3 IMP N . -3.20 3.03 24.74
C4 IMP N . -4.06 3.80 25.44
C1 8N1 O . 1.34 4.03 30.35
C1 8N1 O . 1.35 4.05 30.37
C2 8N1 O . 0.48 4.62 31.27
C2 8N1 O . 0.50 4.65 31.29
C3 8N1 O . -0.88 4.45 31.14
C3 8N1 O . -0.87 4.49 31.15
C4 8N1 O . -1.40 3.71 30.08
C4 8N1 O . -1.39 3.75 30.09
C5 8N1 O . -0.54 3.13 29.16
C5 8N1 O . -0.53 3.16 29.17
C6 8N1 O . 0.82 3.29 29.29
C6 8N1 O . 0.84 3.30 29.31
C7 8N1 O . -1.04 2.32 28.01
C7 8N1 O . -1.02 2.34 28.02
C8 8N1 O . -2.30 1.92 27.94
C8 8N1 O . -2.27 1.91 27.97
C10 8N1 O . 3.65 1.84 30.65
C10 8N1 O . 3.64 1.82 30.64
C11 8N1 O . 2.82 4.20 30.45
C11 8N1 O . 2.83 4.19 30.46
C12 8N1 O . 3.19 4.59 31.89
C12 8N1 O . 3.25 4.55 31.90
C13 8N1 O . 3.20 5.36 29.53
C13 8N1 O . 3.24 5.35 29.55
C17 8N1 O . 4.75 -0.33 30.39
C17 8N1 O . 4.67 -0.37 30.34
C18 8N1 O . 5.59 -1.07 29.57
C18 8N1 O . 5.46 -1.13 29.48
C19 8N1 O . 5.93 -2.37 29.90
C19 8N1 O . 5.81 -2.43 29.80
C20 8N1 O . 5.42 -2.95 31.07
C20 8N1 O . 5.35 -2.98 31.00
C21 8N1 O . 4.57 -2.22 31.89
C21 8N1 O . 4.57 -2.25 31.87
C22 8N1 O . 4.25 -0.92 31.55
C22 8N1 O . 4.24 -0.94 31.53
C24 8N1 O . 3.18 -1.99 33.86
C24 8N1 O . 3.31 -2.02 33.93
C25 8N1 O . 1.83 -2.40 33.33
C25 8N1 O . 1.90 -2.32 33.44
C26 8N1 O . 1.51 -3.63 34.15
C26 8N1 O . 1.44 -3.45 34.34
C27 8N1 O . 2.19 -3.38 35.48
C27 8N1 O . 2.25 -3.30 35.61
C29 8N1 O . 2.79 -4.65 36.04
C29 8N1 O . 2.63 -4.69 36.10
C9 8N1 O . -0.19 1.97 27.06
C9 8N1 O . -0.16 2.04 27.06
N1 8N1 O . 4.07 -2.77 33.03
N1 8N1 O . 4.14 -2.80 33.02
N3 8N1 O . 3.56 3.01 30.03
N3 8N1 O . 3.53 2.99 30.01
N4 8N1 O . 4.44 0.95 30.02
N4 8N1 O . 4.37 0.92 29.97
O2 8N1 O . 3.06 1.60 31.70
O2 8N1 O . 3.10 1.59 31.72
O3 8N1 O . 3.22 -2.42 35.23
O3 8N1 O . 3.42 -2.53 35.28
O4 8N1 O . 0.90 -1.35 33.54
O4 8N1 O . 1.10 -1.16 33.61
O5 8N1 O . 2.07 -4.79 33.52
O5 8N1 O . 1.72 -4.70 33.71
O6 8N1 O . 3.97 -4.98 35.29
O6 8N1 O . 1.41 -5.42 36.27
CL1 8N1 O . 5.88 -4.63 31.52
CL1 8N1 O . 5.79 -4.66 31.47
C1 MRD P . -0.70 -13.15 16.44
C2 MRD P . -1.12 -13.94 17.68
O2 MRD P . -2.03 -15.00 17.28
CM MRD P . -1.87 -13.01 18.63
C3 MRD P . 0.15 -14.51 18.33
C4 MRD P . -0.02 -15.85 19.03
O4 MRD P . 0.96 -15.95 20.04
C5 MRD P . 0.20 -17.00 18.07
C ACY Q . -18.90 8.16 13.58
O ACY Q . -19.46 8.08 14.70
OXT ACY Q . -18.50 7.18 12.91
CH3 ACY Q . -18.68 9.54 13.01
P IMP R . -21.08 3.49 -9.29
O1P IMP R . -21.33 4.96 -8.95
O2P IMP R . -21.20 3.15 -10.74
O3P IMP R . -19.74 3.15 -8.67
O5' IMP R . -22.09 2.55 -8.47
C5' IMP R . -23.49 2.57 -8.68
C4' IMP R . -24.18 1.44 -7.94
O4' IMP R . -24.12 1.63 -6.51
C3' IMP R . -25.66 1.23 -8.22
O3' IMP R . -25.87 0.60 -9.46
C2' IMP R . -26.10 0.38 -7.02
O2' IMP R . -25.73 -0.99 -7.21
C1' IMP R . -25.21 0.95 -5.90
N9 IMP R . -25.88 1.92 -5.01
C8 IMP R . -26.76 2.93 -5.34
N7 IMP R . -27.03 3.60 -4.17
C5 IMP R . -26.35 3.04 -3.13
C6 IMP R . -26.26 3.32 -1.75
O6 IMP R . -26.66 4.39 -1.24
N1 IMP R . -25.45 2.54 -0.96
C2 IMP R . -24.77 1.49 -1.54
N3 IMP R . -24.84 1.21 -2.88
C4 IMP R . -25.63 1.97 -3.68
C1 8N1 S . -30.55 1.39 1.48
C2 8N1 S . -31.45 2.04 0.65
C3 8N1 S . -31.22 2.03 -0.73
C4 8N1 S . -30.11 1.37 -1.26
C5 8N1 S . -29.21 0.74 -0.39
C6 8N1 S . -29.43 0.76 0.98
C7 8N1 S . -27.99 0.01 -0.87
C8 8N1 S . -27.87 -0.35 -2.13
C10 8N1 S . -30.57 -1.04 3.66
C11 8N1 S . -30.71 1.39 2.95
C12 8N1 S . -32.21 1.56 3.29
C13 8N1 S . -29.98 2.61 3.50
C17 8N1 S . -30.08 -3.23 4.61
C18 8N1 S . -29.17 -3.97 5.38
C19 8N1 S . -29.39 -5.33 5.60
C20 8N1 S . -30.53 -5.94 5.10
C21 8N1 S . -31.43 -5.24 4.33
C22 8N1 S . -31.20 -3.89 4.08
C24 8N1 S . -33.51 -5.15 3.02
C25 8N1 S . -32.96 -5.38 1.63
C26 8N1 S . -33.65 -6.67 1.22
C27 8N1 S . -35.01 -6.58 1.89
C29 8N1 S . -35.44 -8.00 2.23
C9 8N1 S . -27.04 -0.28 0.01
N1 8N1 S . -32.54 -5.87 3.83
N3 8N1 S . -30.12 0.23 3.61
N4 8N1 S . -29.82 -1.90 4.39
O2 8N1 S . -31.59 -1.31 3.07
O3 8N1 S . -34.82 -5.78 3.07
O4 8N1 S . -33.33 -4.31 0.76
O5 8N1 S . -32.91 -7.77 1.76
O6 8N1 S . -35.14 -8.80 1.07
CL1 8N1 S . -30.89 -7.67 5.43
C1 MPD T . -17.31 -14.39 -3.14
C2 MPD T . -16.39 -15.19 -2.23
O2 MPD T . -15.69 -16.12 -3.07
CM MPD T . -15.33 -14.30 -1.55
C3 MPD T . -17.26 -15.85 -1.16
C4 MPD T . -16.96 -17.31 -0.81
O4 MPD T . -17.86 -17.64 0.22
C5 MPD T . -17.20 -18.30 -1.93
C ACY U . -13.90 8.67 -18.27
O ACY U . -13.14 9.66 -18.11
OXT ACY U . -13.54 7.49 -18.05
CH3 ACY U . -15.31 8.91 -18.73
#